data_8BJ4
#
_entry.id   8BJ4
#
_cell.length_a   74.039
_cell.length_b   93.082
_cell.length_c   110.518
_cell.angle_alpha   90.000
_cell.angle_beta   106.570
_cell.angle_gamma   90.000
#
_symmetry.space_group_name_H-M   'P 1 21 1'
#
loop_
_entity.id
_entity.type
_entity.pdbx_description
1 polymer 'histidinol-phosphate aminotransferase'
2 non-polymer 'SULFATE ION'
3 non-polymer 1,2-ETHANEDIOL
4 non-polymer 'SODIUM ION'
5 water water
#
_entity_poly.entity_id   1
_entity_poly.type   'polypeptide(L)'
_entity_poly.pdbx_seq_one_letter_code
;SNADSFIRQHLRKLAPYQPILPFEVLSSRLGRKPEDIVKLDANENPYGPPPEVMEALGSIRFPYVYPDPESRRLRAALAQ
DSGLESEYILVGCGADELIDLIMRCVLDPGDKIVDCPPTFTMYEFDAAVNGALVIKVPRRPDFSLNVEQIIEVVKQEKPK
CIFLTSPNNPDGSIIDDDDLLKILELPILVVLDEAYIEFSTIESKMSWVKKHDNLIVLRTFSKRAGLAGLRVGYGAFPLS
IIKYLWRAKQPYNVSVAAEISACAALQNPTYLENVKDALVKERGRLFDLLKAVPFLKPFPSHSNFILCEVTSGVDPKKLK
EDLAEMGVMIRHYSNKELKGYVRVSVGKPEHTDVLMNCISRLS
;
_entity_poly.pdbx_strand_id   A,B,C,D
#
loop_
_chem_comp.id
_chem_comp.type
_chem_comp.name
_chem_comp.formula
EDO non-polymer 1,2-ETHANEDIOL 'C2 H6 O2'
NA non-polymer 'SODIUM ION' 'Na 1'
SO4 non-polymer 'SULFATE ION' 'O4 S -2'
#
# COMPACT_ATOMS: atom_id res chain seq x y z
N ASP A 4 -8.95 17.68 8.21
CA ASP A 4 -8.07 17.98 9.33
C ASP A 4 -6.64 18.22 8.82
N SER A 5 -5.66 17.51 9.36
CA SER A 5 -4.26 17.75 8.99
C SER A 5 -3.90 17.01 7.70
N PHE A 6 -3.09 17.68 6.87
CA PHE A 6 -2.53 17.05 5.67
C PHE A 6 -1.34 16.15 5.99
N ILE A 7 -0.79 16.25 7.19
CA ILE A 7 0.45 15.57 7.53
C ILE A 7 0.17 14.09 7.77
N ARG A 8 1.04 13.24 7.22
CA ARG A 8 0.91 11.81 7.43
C ARG A 8 0.88 11.45 8.92
N GLN A 9 0.01 10.50 9.26
CA GLN A 9 -0.22 10.18 10.67
C GLN A 9 1.08 9.86 11.41
N HIS A 10 1.98 9.08 10.79
CA HIS A 10 3.17 8.65 11.52
C HIS A 10 4.06 9.84 11.88
N LEU A 11 3.98 10.92 11.10
CA LEU A 11 4.82 12.07 11.37
C LEU A 11 4.23 12.96 12.46
N ARG A 12 2.90 12.94 12.62
CA ARG A 12 2.28 13.70 13.70
C ARG A 12 2.67 13.15 15.07
N LYS A 13 3.29 11.98 15.11
CA LYS A 13 3.74 11.38 16.36
C LYS A 13 5.25 11.52 16.58
N LEU A 14 5.94 12.30 15.74
CA LEU A 14 7.36 12.49 15.91
C LEU A 14 7.63 13.35 17.13
N ALA A 15 8.86 13.23 17.65
CA ALA A 15 9.27 14.02 18.80
C ALA A 15 9.30 15.51 18.45
N PRO A 16 9.06 16.39 19.42
CA PRO A 16 9.11 17.83 19.14
C PRO A 16 10.50 18.27 18.71
N TYR A 17 10.53 19.39 17.99
CA TYR A 17 11.80 19.95 17.55
C TYR A 17 12.63 20.40 18.75
N GLN A 18 13.95 20.21 18.66
CA GLN A 18 14.88 20.53 19.74
C GLN A 18 15.85 21.60 19.26
N PRO A 19 15.52 22.88 19.41
CA PRO A 19 16.49 23.94 19.05
C PRO A 19 17.73 23.84 19.91
N ILE A 20 18.88 24.02 19.26
CA ILE A 20 20.18 23.92 19.91
C ILE A 20 20.79 25.32 19.96
N LEU A 21 21.45 25.63 21.08
CA LEU A 21 22.09 26.94 21.24
C LEU A 21 23.22 27.08 20.23
N PRO A 22 23.08 27.94 19.22
CA PRO A 22 24.20 28.17 18.29
C PRO A 22 25.40 28.77 19.03
N PHE A 23 26.60 28.35 18.61
CA PHE A 23 27.81 28.85 19.26
C PHE A 23 28.00 30.35 19.06
N GLU A 24 27.30 30.94 18.08
CA GLU A 24 27.34 32.39 17.93
C GLU A 24 26.54 33.09 19.03
N VAL A 25 25.35 32.58 19.33
CA VAL A 25 24.54 33.16 20.40
C VAL A 25 25.25 33.02 21.74
N LEU A 26 25.86 31.86 21.99
CA LEU A 26 26.61 31.67 23.23
C LEU A 26 27.76 32.67 23.32
N SER A 27 28.48 32.88 22.22
CA SER A 27 29.57 33.85 22.23
C SER A 27 29.05 35.25 22.54
N SER A 28 27.93 35.65 21.92
CA SER A 28 27.33 36.94 22.23
C SER A 28 26.88 37.00 23.69
N ARG A 29 26.20 35.95 24.16
CA ARG A 29 25.74 35.91 25.54
C ARG A 29 26.91 36.06 26.50
N LEU A 30 28.04 35.43 26.21
CA LEU A 30 29.20 35.48 27.09
C LEU A 30 30.07 36.70 26.85
N GLY A 31 29.77 37.51 25.83
CA GLY A 31 30.58 38.68 25.55
C GLY A 31 31.90 38.40 24.87
N ARG A 32 31.98 37.31 24.12
CA ARG A 32 33.20 36.92 23.42
C ARG A 32 32.89 36.68 21.95
N LYS A 33 33.96 36.66 21.15
CA LYS A 33 33.82 36.39 19.74
C LYS A 33 33.51 34.92 19.52
N PRO A 34 32.81 34.57 18.43
CA PRO A 34 32.58 33.14 18.15
C PRO A 34 33.86 32.33 18.09
N GLU A 35 34.94 32.93 17.60
CA GLU A 35 36.22 32.21 17.51
C GLU A 35 36.82 31.91 18.87
N ASP A 36 36.41 32.63 19.92
CA ASP A 36 36.94 32.41 21.26
C ASP A 36 36.30 31.24 21.98
N ILE A 37 35.18 30.72 21.46
CA ILE A 37 34.55 29.55 22.08
C ILE A 37 35.38 28.32 21.76
N VAL A 38 35.60 27.48 22.77
CA VAL A 38 36.22 26.17 22.57
C VAL A 38 35.10 25.19 22.29
N LYS A 39 34.94 24.80 21.02
CA LYS A 39 33.78 24.03 20.56
C LYS A 39 34.21 22.58 20.32
N LEU A 40 33.88 21.73 21.29
CA LEU A 40 34.28 20.32 21.30
C LEU A 40 33.07 19.40 21.42
N ASP A 41 31.97 19.76 20.74
CA ASP A 41 30.70 19.05 20.90
C ASP A 41 30.16 18.43 19.63
N ALA A 42 30.80 18.62 18.48
CA ALA A 42 30.24 18.14 17.22
C ALA A 42 31.26 17.44 16.34
N ASN A 43 32.43 17.10 16.88
CA ASN A 43 33.45 16.33 16.16
C ASN A 43 33.98 17.06 14.93
N GLU A 44 33.89 18.39 14.94
CA GLU A 44 34.42 19.22 13.87
C GLU A 44 35.93 19.32 14.00
N ASN A 45 36.59 19.51 12.85
CA ASN A 45 38.03 19.60 12.78
C ASN A 45 38.43 21.05 12.95
N PRO A 46 38.99 21.46 14.11
CA PRO A 46 39.27 22.88 14.33
C PRO A 46 40.40 23.42 13.45
N TYR A 47 41.19 22.55 12.82
CA TYR A 47 42.22 23.02 11.92
C TYR A 47 41.63 23.48 10.60
N GLY A 48 40.39 23.12 10.31
CA GLY A 48 39.79 23.47 9.04
C GLY A 48 40.31 22.65 7.88
N PRO A 49 39.78 22.90 6.68
CA PRO A 49 40.17 22.10 5.52
C PRO A 49 41.49 22.57 4.95
N PRO A 50 42.04 21.86 3.95
CA PRO A 50 43.26 22.34 3.32
C PRO A 50 43.08 23.72 2.75
N PRO A 51 44.16 24.49 2.61
CA PRO A 51 44.02 25.89 2.15
C PRO A 51 43.46 26.03 0.75
N GLU A 52 43.65 25.00 -0.09
CA GLU A 52 43.08 25.04 -1.43
C GLU A 52 41.57 25.23 -1.41
N VAL A 53 40.91 24.85 -0.33
CA VAL A 53 39.46 24.91 -0.31
C VAL A 53 38.97 26.35 -0.36
N MET A 54 39.41 27.18 0.59
CA MET A 54 38.90 28.54 0.59
CA MET A 54 38.95 28.56 0.62
C MET A 54 39.35 29.29 -0.65
N GLU A 55 40.49 28.93 -1.22
CA GLU A 55 40.90 29.54 -2.48
C GLU A 55 39.94 29.17 -3.59
N ALA A 56 39.52 27.90 -3.62
CA ALA A 56 38.56 27.47 -4.64
C ALA A 56 37.19 28.08 -4.40
N LEU A 57 36.76 28.19 -3.15
CA LEU A 57 35.42 28.71 -2.88
C LEU A 57 35.32 30.20 -3.21
N GLY A 58 36.43 30.92 -3.11
CA GLY A 58 36.46 32.32 -3.44
C GLY A 58 36.51 32.62 -4.91
N SER A 59 36.70 31.60 -5.75
CA SER A 59 36.83 31.78 -7.19
C SER A 59 35.85 30.89 -7.96
N ILE A 60 34.73 30.53 -7.34
CA ILE A 60 33.72 29.73 -8.04
C ILE A 60 33.31 30.45 -9.32
N ARG A 61 33.47 29.76 -10.46
N ARG A 61 33.47 29.76 -10.46
CA ARG A 61 33.23 30.42 -11.75
CA ARG A 61 33.24 30.40 -11.75
C ARG A 61 31.76 30.52 -12.10
C ARG A 61 31.76 30.52 -12.09
N PHE A 62 30.97 29.51 -11.74
CA PHE A 62 29.58 29.40 -12.19
C PHE A 62 28.62 29.17 -11.03
N PRO A 63 28.54 30.13 -10.09
CA PRO A 63 27.58 29.98 -8.98
C PRO A 63 26.14 30.03 -9.44
N TYR A 64 25.90 30.56 -10.63
CA TYR A 64 24.56 30.74 -11.16
C TYR A 64 24.11 29.57 -12.03
N VAL A 65 24.93 28.54 -12.17
CA VAL A 65 24.62 27.38 -12.99
C VAL A 65 24.39 26.19 -12.06
N TYR A 66 23.41 25.35 -12.41
CA TYR A 66 23.15 24.16 -11.62
C TYR A 66 24.40 23.30 -11.53
N PRO A 67 24.55 22.55 -10.45
CA PRO A 67 25.69 21.63 -10.34
C PRO A 67 25.52 20.44 -11.27
N ASP A 68 26.60 19.66 -11.39
CA ASP A 68 26.54 18.38 -12.10
C ASP A 68 25.68 17.39 -11.32
N PRO A 69 24.55 16.93 -11.87
CA PRO A 69 23.70 15.98 -11.13
C PRO A 69 24.39 14.67 -10.82
N GLU A 70 25.45 14.33 -11.55
CA GLU A 70 26.20 13.09 -11.35
C GLU A 70 27.46 13.27 -10.52
N SER A 71 27.81 14.51 -10.16
CA SER A 71 29.01 14.79 -9.36
C SER A 71 30.22 14.01 -9.88
N ARG A 72 30.41 14.02 -11.20
CA ARG A 72 31.33 13.06 -11.79
C ARG A 72 32.81 13.44 -11.56
N ARG A 73 33.12 14.73 -11.45
CA ARG A 73 34.51 15.11 -11.17
C ARG A 73 34.95 14.63 -9.79
N LEU A 74 34.13 14.88 -8.77
CA LEU A 74 34.43 14.36 -7.44
C LEU A 74 34.47 12.84 -7.44
N ARG A 75 33.52 12.18 -8.13
CA ARG A 75 33.53 10.72 -8.14
C ARG A 75 34.80 10.18 -8.79
N ALA A 76 35.30 10.87 -9.82
CA ALA A 76 36.55 10.44 -10.43
C ALA A 76 37.70 10.57 -9.46
N ALA A 77 37.73 11.67 -8.69
CA ALA A 77 38.77 11.86 -7.69
C ALA A 77 38.67 10.83 -6.57
N LEU A 78 37.45 10.48 -6.17
CA LEU A 78 37.27 9.47 -5.14
C LEU A 78 37.64 8.08 -5.64
N ALA A 79 37.35 7.76 -6.90
CA ALA A 79 37.78 6.48 -7.47
C ALA A 79 39.30 6.38 -7.48
N GLN A 80 39.97 7.46 -7.88
CA GLN A 80 41.43 7.44 -7.84
C GLN A 80 41.93 7.26 -6.42
N ASP A 81 41.31 7.95 -5.47
CA ASP A 81 41.75 7.92 -4.07
C ASP A 81 41.54 6.55 -3.43
N SER A 82 40.40 5.92 -3.73
CA SER A 82 39.97 4.72 -3.03
C SER A 82 40.37 3.44 -3.75
N GLY A 83 40.65 3.51 -5.04
CA GLY A 83 40.84 2.31 -5.84
C GLY A 83 39.57 1.59 -6.21
N LEU A 84 38.40 2.19 -5.96
CA LEU A 84 37.12 1.64 -6.34
C LEU A 84 36.56 2.47 -7.48
N GLU A 85 36.12 1.80 -8.55
CA GLU A 85 35.65 2.50 -9.73
C GLU A 85 34.47 3.42 -9.41
N SER A 86 34.37 4.52 -10.18
CA SER A 86 33.34 5.54 -9.94
C SER A 86 31.92 4.99 -10.09
N GLU A 87 31.73 3.92 -10.86
CA GLU A 87 30.42 3.30 -11.02
C GLU A 87 29.85 2.81 -9.70
N TYR A 88 30.66 2.62 -8.66
CA TYR A 88 30.19 2.19 -7.36
C TYR A 88 29.95 3.34 -6.38
N ILE A 89 30.20 4.58 -6.77
CA ILE A 89 30.31 5.68 -5.82
C ILE A 89 29.18 6.67 -6.03
N LEU A 90 28.46 6.99 -4.95
CA LEU A 90 27.50 8.07 -4.94
C LEU A 90 28.03 9.17 -4.03
N VAL A 91 27.73 10.43 -4.39
CA VAL A 91 28.01 11.60 -3.56
C VAL A 91 26.68 12.14 -3.04
N GLY A 92 26.66 12.49 -1.76
CA GLY A 92 25.48 13.06 -1.14
C GLY A 92 25.78 14.40 -0.49
N CYS A 93 24.68 15.10 -0.16
N CYS A 93 24.70 15.14 -0.22
CA CYS A 93 24.68 16.33 0.60
CA CYS A 93 24.81 16.39 0.53
C CYS A 93 24.96 15.92 2.04
C CYS A 93 25.00 16.01 1.99
N GLY A 94 26.25 15.70 2.31
CA GLY A 94 26.65 15.01 3.53
C GLY A 94 26.38 13.51 3.39
N ALA A 95 27.04 12.73 4.25
CA ALA A 95 26.61 11.33 4.41
C ALA A 95 25.17 11.23 4.90
N ASP A 96 24.67 12.26 5.58
CA ASP A 96 23.27 12.26 6.01
C ASP A 96 22.32 12.00 4.84
N GLU A 97 22.56 12.63 3.67
CA GLU A 97 21.65 12.42 2.55
C GLU A 97 21.65 10.95 2.13
N LEU A 98 22.81 10.31 2.17
CA LEU A 98 22.88 8.92 1.73
C LEU A 98 22.19 7.98 2.72
N ILE A 99 22.32 8.23 4.03
CA ILE A 99 21.60 7.43 5.01
C ILE A 99 20.11 7.47 4.72
N ASP A 100 19.57 8.69 4.56
CA ASP A 100 18.15 8.86 4.29
C ASP A 100 17.77 8.26 2.93
N LEU A 101 18.60 8.46 1.91
CA LEU A 101 18.27 7.92 0.59
C LEU A 101 18.17 6.40 0.61
N ILE A 102 19.09 5.75 1.33
CA ILE A 102 19.04 4.30 1.45
C ILE A 102 17.71 3.88 2.07
N MET A 103 17.33 4.51 3.19
CA MET A 103 16.07 4.14 3.86
C MET A 103 14.85 4.40 2.96
N ARG A 104 14.83 5.56 2.29
CA ARG A 104 13.70 5.87 1.40
C ARG A 104 13.57 4.85 0.29
N CYS A 105 14.69 4.26 -0.15
CA CYS A 105 14.67 3.39 -1.32
C CYS A 105 14.50 1.91 -0.95
N VAL A 106 14.67 1.58 0.33
CA VAL A 106 14.64 0.20 0.78
C VAL A 106 13.46 -0.12 1.69
N LEU A 107 12.99 0.86 2.45
CA LEU A 107 12.01 0.58 3.50
C LEU A 107 10.62 1.09 3.11
N ASP A 108 9.68 0.15 2.96
CA ASP A 108 8.29 0.51 2.91
C ASP A 108 7.82 0.82 4.34
N PRO A 109 6.78 1.63 4.50
CA PRO A 109 6.22 1.84 5.85
C PRO A 109 5.98 0.52 6.56
N GLY A 110 6.43 0.44 7.82
CA GLY A 110 6.29 -0.75 8.62
C GLY A 110 7.40 -1.77 8.49
N ASP A 111 8.30 -1.62 7.51
CA ASP A 111 9.49 -2.46 7.44
C ASP A 111 10.38 -2.17 8.64
N LYS A 112 11.26 -3.13 8.95
CA LYS A 112 12.06 -3.07 10.16
C LYS A 112 13.54 -2.88 9.82
N ILE A 113 14.25 -2.15 10.69
CA ILE A 113 15.71 -2.05 10.63
C ILE A 113 16.25 -2.38 12.00
N VAL A 114 17.48 -2.84 12.04
CA VAL A 114 18.17 -3.06 13.30
C VAL A 114 19.09 -1.89 13.55
N ASP A 115 19.13 -1.44 14.81
CA ASP A 115 20.04 -0.43 15.31
C ASP A 115 20.71 -1.03 16.53
N CYS A 116 21.98 -0.67 16.74
CA CYS A 116 22.78 -1.18 17.86
C CYS A 116 23.23 -0.03 18.75
N PRO A 117 22.38 0.44 19.64
CA PRO A 117 22.72 1.59 20.50
C PRO A 117 23.74 1.19 21.57
N PRO A 118 24.42 2.18 22.15
CA PRO A 118 24.31 3.61 21.85
C PRO A 118 25.01 3.90 20.52
N THR A 119 24.39 4.68 19.66
CA THR A 119 24.97 4.96 18.35
C THR A 119 24.39 6.27 17.81
N PHE A 120 24.71 6.55 16.55
CA PHE A 120 24.33 7.79 15.90
C PHE A 120 22.83 7.95 15.87
N THR A 121 22.35 9.11 16.35
N THR A 121 22.35 9.10 16.35
CA THR A 121 20.91 9.31 16.49
CA THR A 121 20.92 9.32 16.48
C THR A 121 20.22 9.43 15.13
C THR A 121 20.23 9.39 15.13
N MET A 122 20.97 9.74 14.07
CA MET A 122 20.31 9.91 12.76
C MET A 122 19.69 8.61 12.23
N TYR A 123 20.19 7.43 12.61
CA TYR A 123 19.57 6.18 12.14
C TYR A 123 18.15 6.06 12.68
N GLU A 124 17.97 6.27 13.98
CA GLU A 124 16.63 6.19 14.56
C GLU A 124 15.75 7.33 14.06
N PHE A 125 16.31 8.53 13.90
CA PHE A 125 15.53 9.65 13.37
C PHE A 125 15.04 9.37 11.95
N ASP A 126 15.96 8.99 11.06
CA ASP A 126 15.59 8.67 9.68
C ASP A 126 14.61 7.51 9.61
N ALA A 127 14.78 6.49 10.47
CA ALA A 127 13.82 5.40 10.49
C ALA A 127 12.42 5.92 10.81
N ALA A 128 12.32 6.77 11.83
CA ALA A 128 11.02 7.32 12.22
C ALA A 128 10.42 8.16 11.10
N VAL A 129 11.20 9.04 10.49
CA VAL A 129 10.67 9.89 9.43
C VAL A 129 10.18 9.07 8.24
N ASN A 130 10.88 7.97 7.94
CA ASN A 130 10.54 7.09 6.83
C ASN A 130 9.47 6.08 7.20
N GLY A 131 8.99 6.08 8.43
CA GLY A 131 7.88 5.20 8.74
C GLY A 131 8.28 3.77 9.03
N ALA A 132 9.56 3.52 9.28
CA ALA A 132 10.06 2.19 9.58
C ALA A 132 10.09 1.96 11.09
N LEU A 133 10.19 0.70 11.48
CA LEU A 133 10.31 0.32 12.88
C LEU A 133 11.75 -0.07 13.17
N VAL A 134 12.23 0.35 14.32
CA VAL A 134 13.60 0.03 14.74
C VAL A 134 13.57 -1.10 15.76
N ILE A 135 14.37 -2.15 15.50
CA ILE A 135 14.63 -3.21 16.47
C ILE A 135 15.99 -2.92 17.07
N LYS A 136 16.04 -2.69 18.37
CA LYS A 136 17.28 -2.38 19.06
C LYS A 136 17.94 -3.67 19.52
N VAL A 137 19.19 -3.86 19.11
CA VAL A 137 20.06 -4.91 19.67
C VAL A 137 21.21 -4.20 20.35
N PRO A 138 21.11 -3.89 21.64
CA PRO A 138 22.11 -3.03 22.28
C PRO A 138 23.49 -3.65 22.22
N ARG A 139 24.48 -2.77 22.14
CA ARG A 139 25.86 -3.17 22.29
C ARG A 139 26.15 -3.51 23.75
N ARG A 140 27.27 -4.18 23.96
CA ARG A 140 27.70 -4.54 25.30
C ARG A 140 28.26 -3.32 26.03
N PRO A 141 28.58 -3.47 27.33
CA PRO A 141 29.14 -2.32 28.07
C PRO A 141 30.47 -1.83 27.51
N ASP A 142 31.22 -2.67 26.80
CA ASP A 142 32.40 -2.21 26.09
C ASP A 142 32.09 -1.67 24.71
N PHE A 143 30.81 -1.55 24.36
CA PHE A 143 30.32 -0.99 23.11
C PHE A 143 30.49 -1.92 21.92
N SER A 144 30.93 -3.15 22.14
CA SER A 144 31.03 -4.13 21.06
C SER A 144 29.65 -4.65 20.65
N LEU A 145 29.58 -5.14 19.41
CA LEU A 145 28.31 -5.69 18.94
C LEU A 145 28.06 -7.06 19.58
N ASN A 146 26.78 -7.38 19.79
CA ASN A 146 26.37 -8.70 20.26
C ASN A 146 25.95 -9.48 19.01
N VAL A 147 26.93 -10.11 18.36
CA VAL A 147 26.66 -10.72 17.06
C VAL A 147 25.64 -11.85 17.19
N GLU A 148 25.78 -12.67 18.23
CA GLU A 148 24.83 -13.76 18.42
C GLU A 148 23.41 -13.23 18.55
N GLN A 149 23.22 -12.12 19.28
CA GLN A 149 21.88 -11.56 19.42
C GLN A 149 21.39 -10.95 18.10
N ILE A 150 22.29 -10.28 17.37
CA ILE A 150 21.93 -9.77 16.05
C ILE A 150 21.45 -10.90 15.16
N ILE A 151 22.18 -12.02 15.15
CA ILE A 151 21.82 -13.13 14.28
C ILE A 151 20.43 -13.67 14.64
N GLU A 152 20.21 -13.92 15.94
CA GLU A 152 18.91 -14.46 16.36
C GLU A 152 17.79 -13.49 16.03
N VAL A 153 18.00 -12.20 16.27
CA VAL A 153 16.95 -11.22 16.00
C VAL A 153 16.68 -11.11 14.51
N VAL A 154 17.73 -11.10 13.70
CA VAL A 154 17.51 -10.99 12.26
C VAL A 154 16.77 -12.21 11.73
N LYS A 155 17.14 -13.42 12.20
CA LYS A 155 16.46 -14.62 11.72
C LYS A 155 14.98 -14.63 12.09
N GLN A 156 14.63 -14.11 13.26
CA GLN A 156 13.23 -14.21 13.68
C GLN A 156 12.38 -13.07 13.13
N GLU A 157 12.91 -11.84 13.14
CA GLU A 157 12.12 -10.67 12.77
C GLU A 157 12.25 -10.31 11.29
N LYS A 158 13.27 -10.84 10.61
CA LYS A 158 13.49 -10.59 9.19
C LYS A 158 13.47 -9.11 8.83
N PRO A 159 14.24 -8.28 9.53
CA PRO A 159 14.39 -6.88 9.14
C PRO A 159 15.12 -6.77 7.80
N LYS A 160 15.01 -5.59 7.20
CA LYS A 160 15.55 -5.39 5.88
C LYS A 160 16.95 -4.81 5.86
N CYS A 161 17.32 -4.02 6.87
CA CYS A 161 18.66 -3.46 6.90
CA CYS A 161 18.63 -3.37 6.90
C CYS A 161 19.14 -3.30 8.33
N ILE A 162 20.43 -3.07 8.45
CA ILE A 162 21.09 -2.82 9.72
C ILE A 162 22.14 -1.76 9.43
N PHE A 163 22.15 -0.69 10.22
CA PHE A 163 23.18 0.35 10.12
C PHE A 163 24.20 0.16 11.23
N LEU A 164 25.49 0.22 10.87
CA LEU A 164 26.54 -0.04 11.84
C LEU A 164 27.67 0.96 11.69
N THR A 165 28.00 1.67 12.76
CA THR A 165 29.04 2.70 12.69
C THR A 165 30.37 2.14 13.19
N SER A 166 31.44 2.42 12.45
CA SER A 166 32.77 1.93 12.84
C SER A 166 33.86 2.80 12.23
N PRO A 167 34.62 3.55 13.05
CA PRO A 167 34.52 3.74 14.51
C PRO A 167 33.14 4.27 14.92
N ASN A 168 32.61 3.72 16.01
CA ASN A 168 31.27 4.07 16.44
C ASN A 168 31.21 5.50 16.99
N ASN A 169 30.06 6.12 16.80
CA ASN A 169 29.72 7.37 17.47
C ASN A 169 28.69 6.97 18.49
N PRO A 170 28.89 7.13 19.81
CA PRO A 170 29.83 8.12 20.38
C PRO A 170 31.08 7.60 21.10
N ASP A 171 31.35 6.30 21.07
CA ASP A 171 32.45 5.77 21.87
C ASP A 171 33.73 5.53 21.07
N GLY A 172 33.65 5.36 19.76
CA GLY A 172 34.84 5.23 18.95
C GLY A 172 35.37 3.84 18.76
N SER A 173 34.66 2.81 19.21
CA SER A 173 35.14 1.45 19.03
C SER A 173 34.92 0.97 17.60
N ILE A 174 35.66 -0.07 17.22
CA ILE A 174 35.60 -0.59 15.86
C ILE A 174 34.96 -1.96 15.84
N ILE A 175 34.35 -2.28 14.70
CA ILE A 175 33.78 -3.58 14.44
C ILE A 175 34.84 -4.41 13.74
N ASP A 176 35.16 -5.57 14.31
CA ASP A 176 36.14 -6.48 13.74
C ASP A 176 35.68 -7.05 12.41
N ASP A 177 36.64 -7.43 11.57
CA ASP A 177 36.30 -8.03 10.28
C ASP A 177 35.48 -9.29 10.48
N ASP A 178 35.83 -10.08 11.48
CA ASP A 178 35.11 -11.33 11.73
C ASP A 178 33.62 -11.07 11.99
N ASP A 179 33.32 -10.11 12.87
CA ASP A 179 31.94 -9.81 13.20
C ASP A 179 31.18 -9.28 11.97
N LEU A 180 31.80 -8.38 11.21
CA LEU A 180 31.14 -7.84 10.03
C LEU A 180 30.81 -8.92 9.02
N LEU A 181 31.77 -9.84 8.78
CA LEU A 181 31.52 -10.91 7.82
CA LEU A 181 31.54 -10.92 7.83
C LEU A 181 30.42 -11.84 8.29
N LYS A 182 30.32 -12.10 9.60
CA LYS A 182 29.24 -12.95 10.10
C LYS A 182 27.89 -12.31 9.85
N ILE A 183 27.82 -10.99 10.03
CA ILE A 183 26.56 -10.29 9.84
C ILE A 183 26.21 -10.23 8.36
N LEU A 184 27.23 -10.10 7.50
CA LEU A 184 27.02 -10.09 6.06
C LEU A 184 26.49 -11.41 5.51
N GLU A 185 26.65 -12.51 6.25
CA GLU A 185 26.05 -13.78 5.82
C GLU A 185 24.54 -13.75 5.91
N LEU A 186 23.97 -12.82 6.67
CA LEU A 186 22.53 -12.76 6.87
C LEU A 186 21.85 -12.11 5.67
N PRO A 187 20.58 -12.45 5.41
CA PRO A 187 19.83 -11.85 4.28
C PRO A 187 19.31 -10.46 4.66
N ILE A 188 20.25 -9.53 4.76
CA ILE A 188 19.97 -8.18 5.25
C ILE A 188 20.97 -7.23 4.61
N LEU A 189 20.54 -5.98 4.42
CA LEU A 189 21.39 -4.95 3.86
C LEU A 189 22.18 -4.30 4.99
N VAL A 190 23.49 -4.38 4.91
CA VAL A 190 24.37 -3.90 5.95
C VAL A 190 24.97 -2.59 5.48
N VAL A 191 24.73 -1.52 6.23
CA VAL A 191 25.27 -0.21 5.92
C VAL A 191 26.35 0.10 6.95
N LEU A 192 27.60 0.10 6.52
CA LEU A 192 28.74 0.35 7.39
C LEU A 192 29.13 1.83 7.27
N ASP A 193 29.02 2.55 8.36
CA ASP A 193 29.28 3.99 8.38
C ASP A 193 30.71 4.22 8.90
N GLU A 194 31.61 4.53 7.97
CA GLU A 194 33.02 4.80 8.21
C GLU A 194 33.30 6.31 8.28
N ALA A 195 32.36 7.09 8.80
CA ALA A 195 32.56 8.53 8.95
C ALA A 195 33.89 8.91 9.60
N TYR A 196 34.36 8.13 10.58
CA TYR A 196 35.53 8.49 11.37
C TYR A 196 36.73 7.59 11.07
N ILE A 197 36.71 6.85 9.96
CA ILE A 197 37.72 5.80 9.74
C ILE A 197 39.12 6.36 9.63
N GLU A 198 39.25 7.60 9.15
CA GLU A 198 40.58 8.13 8.89
C GLU A 198 41.37 8.33 10.18
N PHE A 199 40.70 8.42 11.32
CA PHE A 199 41.38 8.60 12.60
C PHE A 199 41.88 7.28 13.18
N SER A 200 41.59 6.17 12.51
CA SER A 200 42.06 4.85 12.91
C SER A 200 43.14 4.38 11.93
N THR A 201 43.77 3.25 12.29
CA THR A 201 44.71 2.59 11.40
C THR A 201 44.06 1.46 10.61
N ILE A 202 42.73 1.38 10.61
CA ILE A 202 41.99 0.35 9.91
C ILE A 202 41.72 0.84 8.49
N GLU A 203 41.93 -0.04 7.52
CA GLU A 203 41.62 0.31 6.13
C GLU A 203 40.12 0.39 5.88
N SER A 204 39.74 1.31 4.99
CA SER A 204 38.35 1.39 4.57
C SER A 204 37.94 0.12 3.83
N LYS A 205 36.70 -0.29 4.06
CA LYS A 205 36.14 -1.46 3.40
C LYS A 205 35.34 -1.12 2.14
N MET A 206 35.52 0.08 1.57
CA MET A 206 34.81 0.41 0.33
C MET A 206 34.89 -0.70 -0.72
N SER A 207 36.09 -1.26 -0.94
CA SER A 207 36.22 -2.26 -2.00
C SER A 207 35.43 -3.53 -1.71
N TRP A 208 35.06 -3.77 -0.47
CA TRP A 208 34.31 -4.98 -0.18
C TRP A 208 32.96 -5.01 -0.91
N VAL A 209 32.46 -3.85 -1.34
CA VAL A 209 31.16 -3.87 -2.00
C VAL A 209 31.19 -4.66 -3.30
N LYS A 210 32.37 -4.91 -3.87
CA LYS A 210 32.44 -5.72 -5.09
C LYS A 210 32.19 -7.20 -4.80
N LYS A 211 32.42 -7.64 -3.56
CA LYS A 211 32.22 -9.03 -3.16
C LYS A 211 30.98 -9.25 -2.30
N HIS A 212 30.27 -8.21 -1.91
CA HIS A 212 29.11 -8.34 -1.03
C HIS A 212 28.02 -7.42 -1.57
N ASP A 213 27.00 -8.01 -2.19
CA ASP A 213 25.94 -7.20 -2.77
C ASP A 213 24.95 -6.73 -1.71
N ASN A 214 25.20 -7.05 -0.45
CA ASN A 214 24.43 -6.55 0.68
C ASN A 214 25.27 -5.69 1.61
N LEU A 215 26.30 -5.00 1.10
CA LEU A 215 27.12 -4.09 1.87
C LEU A 215 27.15 -2.74 1.18
N ILE A 216 26.94 -1.68 1.96
CA ILE A 216 27.17 -0.30 1.57
C ILE A 216 28.16 0.27 2.58
N VAL A 217 29.09 1.10 2.13
CA VAL A 217 30.06 1.74 3.01
C VAL A 217 29.96 3.25 2.80
N LEU A 218 29.72 3.99 3.88
CA LEU A 218 29.58 5.44 3.81
C LEU A 218 30.80 6.16 4.39
N ARG A 219 31.09 7.33 3.84
CA ARG A 219 32.23 8.17 4.21
C ARG A 219 31.77 9.62 4.20
N THR A 220 32.62 10.51 4.73
CA THR A 220 32.27 11.92 4.74
C THR A 220 33.50 12.80 4.60
N PHE A 221 33.26 14.04 4.16
CA PHE A 221 34.25 15.12 4.24
C PHE A 221 34.06 16.02 5.46
N SER A 222 33.06 15.74 6.29
CA SER A 222 32.70 16.68 7.35
C SER A 222 33.63 16.68 8.55
N LYS A 223 34.46 15.65 8.72
CA LYS A 223 35.17 15.43 9.97
C LYS A 223 36.66 15.62 9.71
N ARG A 224 37.41 14.58 9.35
CA ARG A 224 38.83 14.76 9.06
C ARG A 224 39.08 15.88 8.05
N ALA A 225 38.26 15.95 6.99
CA ALA A 225 38.51 16.88 5.91
C ALA A 225 38.05 18.30 6.21
N GLY A 226 37.37 18.53 7.34
CA GLY A 226 37.01 19.86 7.79
C GLY A 226 36.00 20.58 6.92
N LEU A 227 35.05 19.88 6.32
CA LEU A 227 34.08 20.51 5.43
C LEU A 227 32.63 20.33 5.92
N ALA A 228 32.41 20.25 7.23
CA ALA A 228 31.06 19.99 7.74
C ALA A 228 30.05 21.01 7.24
N GLY A 229 30.47 22.26 7.06
CA GLY A 229 29.58 23.32 6.62
C GLY A 229 29.16 23.21 5.17
N LEU A 230 29.96 22.55 4.35
CA LEU A 230 29.73 22.55 2.92
C LEU A 230 28.86 21.40 2.45
N ARG A 231 28.68 20.36 3.26
CA ARG A 231 27.72 19.28 3.02
C ARG A 231 28.12 18.36 1.86
N VAL A 232 29.11 17.50 2.09
CA VAL A 232 29.57 16.58 1.05
C VAL A 232 30.07 15.29 1.69
N GLY A 233 29.41 14.19 1.34
CA GLY A 233 29.81 12.86 1.75
C GLY A 233 29.67 11.91 0.57
N TYR A 234 29.98 10.66 0.81
CA TYR A 234 29.98 9.72 -0.31
C TYR A 234 29.86 8.30 0.22
N GLY A 235 29.64 7.37 -0.70
CA GLY A 235 29.58 5.98 -0.32
C GLY A 235 29.88 5.07 -1.48
N ALA A 236 30.19 3.82 -1.13
CA ALA A 236 30.38 2.72 -2.04
C ALA A 236 29.16 1.81 -1.99
N PHE A 237 28.60 1.48 -3.16
CA PHE A 237 27.35 0.75 -3.26
C PHE A 237 27.49 -0.38 -4.27
N PRO A 238 26.93 -1.56 -4.01
CA PRO A 238 26.88 -2.59 -5.06
C PRO A 238 26.14 -2.06 -6.28
N LEU A 239 26.56 -2.54 -7.46
CA LEU A 239 25.96 -2.07 -8.71
C LEU A 239 24.47 -2.36 -8.79
N SER A 240 24.01 -3.47 -8.21
CA SER A 240 22.60 -3.80 -8.24
C SER A 240 21.74 -2.84 -7.41
N ILE A 241 22.35 -2.19 -6.43
CA ILE A 241 21.65 -1.20 -5.63
C ILE A 241 21.78 0.18 -6.24
N ILE A 242 22.99 0.56 -6.67
CA ILE A 242 23.24 1.93 -7.08
C ILE A 242 22.41 2.30 -8.31
N LYS A 243 22.14 1.33 -9.17
CA LYS A 243 21.33 1.63 -10.36
C LYS A 243 19.99 2.24 -9.97
N TYR A 244 19.38 1.73 -8.90
CA TYR A 244 18.09 2.26 -8.48
C TYR A 244 18.23 3.53 -7.66
N LEU A 245 19.27 3.62 -6.82
CA LEU A 245 19.47 4.85 -6.07
C LEU A 245 19.71 6.03 -6.99
N TRP A 246 20.44 5.82 -8.10
CA TRP A 246 20.62 6.91 -9.06
C TRP A 246 19.29 7.42 -9.58
N ARG A 247 18.34 6.50 -9.84
CA ARG A 247 17.07 6.89 -10.44
C ARG A 247 16.18 7.64 -9.45
N ALA A 248 16.29 7.35 -8.16
CA ALA A 248 15.47 7.98 -7.13
C ALA A 248 16.11 9.20 -6.48
N LYS A 249 17.41 9.42 -6.67
CA LYS A 249 18.13 10.50 -6.00
C LYS A 249 17.67 11.84 -6.55
N GLN A 250 17.55 12.81 -5.65
CA GLN A 250 17.30 14.18 -6.09
C GLN A 250 18.44 14.63 -7.00
N PRO A 251 18.15 15.40 -8.04
CA PRO A 251 19.19 15.69 -9.04
C PRO A 251 20.29 16.62 -8.56
N TYR A 252 19.99 17.60 -7.70
CA TYR A 252 20.92 18.71 -7.49
C TYR A 252 21.20 19.02 -6.02
N ASN A 253 21.05 18.06 -5.10
CA ASN A 253 21.31 18.38 -3.69
C ASN A 253 22.79 18.62 -3.41
N VAL A 254 23.69 18.04 -4.20
CA VAL A 254 25.13 18.27 -4.05
C VAL A 254 25.49 19.57 -4.77
N SER A 255 25.82 20.60 -4.00
CA SER A 255 26.01 21.92 -4.57
C SER A 255 27.37 22.04 -5.26
N VAL A 256 27.51 23.11 -6.05
CA VAL A 256 28.78 23.40 -6.68
CA VAL A 256 28.79 23.41 -6.68
C VAL A 256 29.86 23.64 -5.61
N ALA A 257 29.50 24.34 -4.52
CA ALA A 257 30.47 24.59 -3.45
C ALA A 257 30.90 23.28 -2.79
N ALA A 258 29.95 22.34 -2.63
CA ALA A 258 30.28 21.03 -2.07
C ALA A 258 31.26 20.28 -2.95
N GLU A 259 30.95 20.17 -4.25
CA GLU A 259 31.83 19.41 -5.15
C GLU A 259 33.19 20.09 -5.28
N ILE A 260 33.22 21.41 -5.46
CA ILE A 260 34.50 22.12 -5.60
C ILE A 260 35.36 21.97 -4.34
N SER A 261 34.76 22.14 -3.17
N SER A 261 34.76 22.15 -3.16
CA SER A 261 35.54 22.07 -1.93
CA SER A 261 35.53 22.07 -1.93
C SER A 261 36.12 20.67 -1.72
C SER A 261 36.13 20.68 -1.75
N ALA A 262 35.31 19.63 -1.98
CA ALA A 262 35.82 18.27 -1.75
C ALA A 262 36.94 17.94 -2.72
N CYS A 263 36.78 18.32 -4.01
CA CYS A 263 37.84 18.10 -4.97
C CYS A 263 39.11 18.83 -4.57
N ALA A 264 38.98 20.08 -4.10
CA ALA A 264 40.14 20.83 -3.67
C ALA A 264 40.81 20.18 -2.47
N ALA A 265 40.01 19.68 -1.52
CA ALA A 265 40.59 19.03 -0.35
C ALA A 265 41.44 17.83 -0.76
N LEU A 266 40.96 17.06 -1.74
CA LEU A 266 41.68 15.87 -2.16
C LEU A 266 42.98 16.20 -2.88
N GLN A 267 43.15 17.44 -3.33
CA GLN A 267 44.41 17.84 -3.96
C GLN A 267 45.54 18.05 -2.94
N ASN A 268 45.25 18.01 -1.65
CA ASN A 268 46.27 18.20 -0.61
C ASN A 268 46.27 17.03 0.35
N PRO A 269 46.73 15.86 -0.11
CA PRO A 269 46.81 14.70 0.78
C PRO A 269 47.74 14.91 1.95
N THR A 270 48.80 15.71 1.79
CA THR A 270 49.72 15.95 2.89
C THR A 270 49.02 16.67 4.04
N TYR A 271 48.24 17.70 3.73
CA TYR A 271 47.50 18.40 4.76
C TYR A 271 46.53 17.46 5.46
N LEU A 272 45.77 16.70 4.67
CA LEU A 272 44.79 15.79 5.26
C LEU A 272 45.46 14.79 6.20
N GLU A 273 46.62 14.27 5.80
CA GLU A 273 47.31 13.33 6.68
C GLU A 273 47.85 14.03 7.91
N ASN A 274 48.42 15.23 7.75
CA ASN A 274 49.03 15.92 8.89
C ASN A 274 47.99 16.32 9.94
N VAL A 275 46.85 16.86 9.52
CA VAL A 275 45.84 17.26 10.51
C VAL A 275 45.26 16.02 11.20
N LYS A 276 45.06 14.94 10.44
CA LYS A 276 44.64 13.69 11.05
C LYS A 276 45.65 13.23 12.11
N ASP A 277 46.93 13.29 11.78
CA ASP A 277 47.93 12.84 12.75
C ASP A 277 47.96 13.73 13.98
N ALA A 278 47.75 15.04 13.81
CA ALA A 278 47.72 15.94 14.96
C ALA A 278 46.56 15.62 15.88
N LEU A 279 45.39 15.31 15.30
CA LEU A 279 44.21 14.97 16.09
C LEU A 279 44.37 13.61 16.77
N VAL A 280 44.95 12.63 16.07
CA VAL A 280 45.19 11.34 16.69
C VAL A 280 46.13 11.49 17.88
N LYS A 281 47.23 12.26 17.72
CA LYS A 281 48.16 12.50 18.81
C LYS A 281 47.46 13.15 20.00
N GLU A 282 46.61 14.15 19.73
CA GLU A 282 45.94 14.83 20.83
C GLU A 282 44.88 13.95 21.48
N ARG A 283 44.31 13.01 20.71
CA ARG A 283 43.37 12.05 21.30
C ARG A 283 43.99 11.32 22.47
N GLY A 284 45.24 10.85 22.32
CA GLY A 284 45.89 10.14 23.41
C GLY A 284 46.13 11.01 24.62
N ARG A 285 46.53 12.26 24.39
CA ARG A 285 46.82 13.16 25.50
C ARG A 285 45.55 13.50 26.26
N LEU A 286 44.48 13.82 25.52
CA LEU A 286 43.20 14.11 26.14
C LEU A 286 42.67 12.92 26.92
N PHE A 287 42.81 11.71 26.37
CA PHE A 287 42.30 10.54 27.06
C PHE A 287 42.94 10.40 28.44
N ASP A 288 44.26 10.57 28.51
CA ASP A 288 44.96 10.45 29.79
C ASP A 288 44.50 11.53 30.75
N LEU A 289 44.28 12.76 30.26
CA LEU A 289 43.86 13.84 31.14
C LEU A 289 42.46 13.60 31.67
N LEU A 290 41.55 13.15 30.80
CA LEU A 290 40.18 12.87 31.24
C LEU A 290 40.15 11.70 32.22
N LYS A 291 41.00 10.68 32.00
N LYS A 291 41.00 10.69 32.01
CA LYS A 291 40.99 9.53 32.89
CA LYS A 291 40.99 9.52 32.89
C LYS A 291 41.36 9.91 34.31
C LYS A 291 41.37 9.91 34.31
N ALA A 292 42.20 10.94 34.47
CA ALA A 292 42.60 11.36 35.80
C ALA A 292 41.51 12.12 36.54
N VAL A 293 40.54 12.68 35.81
CA VAL A 293 39.42 13.35 36.49
C VAL A 293 38.64 12.32 37.30
N PRO A 294 38.40 12.54 38.59
CA PRO A 294 37.84 11.46 39.42
C PRO A 294 36.44 11.04 39.00
N PHE A 295 35.66 11.97 38.42
CA PHE A 295 34.26 11.69 38.10
C PHE A 295 34.02 11.46 36.60
N LEU A 296 35.07 11.13 35.85
CA LEU A 296 34.95 10.85 34.43
C LEU A 296 35.67 9.55 34.13
N LYS A 297 34.98 8.64 33.44
CA LYS A 297 35.59 7.38 33.00
C LYS A 297 35.61 7.39 31.47
N PRO A 298 36.71 7.77 30.84
CA PRO A 298 36.76 7.76 29.37
C PRO A 298 36.92 6.36 28.81
N PHE A 299 36.36 6.17 27.60
CA PHE A 299 36.46 4.91 26.90
C PHE A 299 37.47 5.03 25.77
N PRO A 300 38.16 3.95 25.43
CA PRO A 300 39.14 4.01 24.34
C PRO A 300 38.44 4.26 23.01
N SER A 301 39.12 5.00 22.12
CA SER A 301 38.49 5.46 20.90
C SER A 301 39.45 5.43 19.71
N HIS A 302 38.89 5.12 18.54
CA HIS A 302 39.61 5.18 17.27
C HIS A 302 39.14 6.34 16.41
N SER A 303 38.37 7.27 16.97
CA SER A 303 37.81 8.39 16.22
C SER A 303 38.50 9.71 16.63
N ASN A 304 37.79 10.82 16.44
CA ASN A 304 38.25 12.14 16.90
C ASN A 304 37.42 12.63 18.08
N PHE A 305 36.95 11.70 18.92
CA PHE A 305 36.19 12.06 20.11
C PHE A 305 36.36 10.97 21.15
N ILE A 306 36.07 11.34 22.40
CA ILE A 306 36.19 10.45 23.55
C ILE A 306 34.92 10.56 24.37
N LEU A 307 34.26 9.43 24.59
CA LEU A 307 33.08 9.36 25.43
C LEU A 307 33.50 9.15 26.87
N CYS A 308 32.81 9.83 27.79
CA CYS A 308 33.09 9.74 29.22
C CYS A 308 31.81 9.41 29.97
N GLU A 309 31.82 8.31 30.72
CA GLU A 309 30.78 8.11 31.72
C GLU A 309 31.04 9.07 32.87
N VAL A 310 30.01 9.78 33.31
CA VAL A 310 30.11 10.71 34.42
C VAL A 310 29.67 9.95 35.67
N THR A 311 30.54 9.90 36.67
CA THR A 311 30.36 9.03 37.82
C THR A 311 30.30 9.89 39.09
N SER A 312 30.40 9.22 40.25
CA SER A 312 30.49 9.90 41.54
CA SER A 312 30.49 9.90 41.54
C SER A 312 29.29 10.82 41.79
N GLY A 313 28.14 10.47 41.22
CA GLY A 313 26.94 11.26 41.43
C GLY A 313 26.94 12.63 40.78
N VAL A 314 27.93 12.93 39.93
CA VAL A 314 27.95 14.21 39.24
C VAL A 314 26.88 14.22 38.16
N ASP A 315 26.26 15.39 37.98
CA ASP A 315 25.18 15.55 37.02
C ASP A 315 25.79 15.85 35.65
N PRO A 316 25.61 14.98 34.64
CA PRO A 316 26.22 15.27 33.33
C PRO A 316 25.68 16.54 32.69
N LYS A 317 24.38 16.80 32.85
CA LYS A 317 23.78 17.97 32.23
C LYS A 317 24.27 19.25 32.88
N LYS A 318 24.42 19.25 34.20
CA LYS A 318 24.96 20.43 34.88
C LYS A 318 26.42 20.63 34.52
N LEU A 319 27.18 19.55 34.39
CA LEU A 319 28.57 19.66 33.95
C LEU A 319 28.67 20.33 32.58
N LYS A 320 27.92 19.83 31.61
CA LYS A 320 27.94 20.44 30.29
C LYS A 320 27.53 21.90 30.35
N GLU A 321 26.53 22.23 31.16
CA GLU A 321 26.04 23.61 31.19
C GLU A 321 27.02 24.52 31.90
N ASP A 322 27.63 24.04 32.98
CA ASP A 322 28.65 24.85 33.68
C ASP A 322 29.82 25.15 32.75
N LEU A 323 30.28 24.15 31.99
CA LEU A 323 31.37 24.38 31.05
C LEU A 323 30.96 25.38 29.98
N ALA A 324 29.71 25.31 29.52
CA ALA A 324 29.22 26.27 28.53
C ALA A 324 29.30 27.69 29.06
N GLU A 325 29.01 27.90 30.35
CA GLU A 325 29.11 29.23 30.93
C GLU A 325 30.55 29.76 30.87
N MET A 326 31.52 28.86 30.81
CA MET A 326 32.94 29.21 30.70
C MET A 326 33.40 29.28 29.25
N GLY A 327 32.50 29.09 28.30
CA GLY A 327 32.87 29.16 26.90
C GLY A 327 33.43 27.90 26.30
N VAL A 328 33.15 26.74 26.92
CA VAL A 328 33.59 25.44 26.42
C VAL A 328 32.36 24.59 26.16
N MET A 329 32.25 24.07 24.94
CA MET A 329 31.09 23.28 24.54
CA MET A 329 31.09 23.28 24.54
C MET A 329 31.50 21.82 24.40
N ILE A 330 30.87 20.95 25.18
CA ILE A 330 30.97 19.51 25.03
C ILE A 330 29.56 18.95 24.78
N ARG A 331 29.50 17.68 24.38
CA ARG A 331 28.24 17.05 24.02
C ARG A 331 27.62 16.36 25.24
N HIS A 332 26.37 16.69 25.54
CA HIS A 332 25.57 15.97 26.51
C HIS A 332 24.32 15.49 25.79
N TYR A 333 23.72 14.41 26.30
CA TYR A 333 22.68 13.70 25.57
C TYR A 333 21.35 13.75 26.29
N SER A 334 20.28 13.90 25.50
CA SER A 334 18.92 13.75 26.00
C SER A 334 18.35 12.36 25.73
N ASN A 335 18.85 11.67 24.70
CA ASN A 335 18.51 10.27 24.49
C ASN A 335 18.74 9.49 25.78
N LYS A 336 17.70 8.79 26.24
CA LYS A 336 17.76 8.15 27.55
C LYS A 336 18.87 7.11 27.65
N GLU A 337 19.34 6.58 26.51
CA GLU A 337 20.40 5.58 26.55
C GLU A 337 21.76 6.19 26.87
N LEU A 338 21.96 7.47 26.54
CA LEU A 338 23.27 8.11 26.69
C LEU A 338 23.26 9.23 27.72
N LYS A 339 22.18 9.41 28.49
CA LYS A 339 22.12 10.55 29.41
C LYS A 339 23.24 10.53 30.42
N GLY A 340 23.77 9.35 30.73
CA GLY A 340 24.82 9.22 31.70
C GLY A 340 26.20 9.57 31.22
N TYR A 341 26.35 9.92 29.94
CA TYR A 341 27.66 10.17 29.36
C TYR A 341 27.75 11.62 28.87
N VAL A 342 28.99 12.08 28.72
CA VAL A 342 29.32 13.25 27.91
C VAL A 342 30.36 12.83 26.89
N ARG A 343 30.39 13.52 25.76
CA ARG A 343 31.35 13.21 24.69
C ARG A 343 32.17 14.46 24.39
N VAL A 344 33.49 14.30 24.40
CA VAL A 344 34.44 15.39 24.19
C VAL A 344 35.15 15.16 22.86
N SER A 345 34.98 16.10 21.93
CA SER A 345 35.68 16.00 20.65
C SER A 345 37.13 16.41 20.84
N VAL A 346 37.98 15.88 19.97
CA VAL A 346 39.41 16.17 20.01
C VAL A 346 39.65 17.44 19.23
N GLY A 347 40.28 18.41 19.86
CA GLY A 347 40.62 19.65 19.19
C GLY A 347 42.11 19.90 19.15
N LYS A 348 42.49 21.18 19.06
CA LYS A 348 43.89 21.56 19.22
C LYS A 348 44.35 21.37 20.66
N PRO A 349 45.66 21.20 20.88
CA PRO A 349 46.15 21.04 22.26
C PRO A 349 45.72 22.17 23.18
N GLU A 350 45.67 23.41 22.68
CA GLU A 350 45.25 24.54 23.52
C GLU A 350 43.77 24.44 23.91
N HIS A 351 42.95 23.79 23.07
CA HIS A 351 41.55 23.58 23.40
C HIS A 351 41.40 22.60 24.55
N THR A 352 42.15 21.49 24.51
CA THR A 352 42.18 20.55 25.62
C THR A 352 42.59 21.27 26.91
N ASP A 353 43.64 22.09 26.83
CA ASP A 353 44.13 22.78 28.01
C ASP A 353 43.05 23.66 28.63
N VAL A 354 42.33 24.43 27.80
CA VAL A 354 41.22 25.23 28.31
C VAL A 354 40.17 24.35 28.95
N LEU A 355 39.81 23.26 28.27
CA LEU A 355 38.84 22.34 28.85
C LEU A 355 39.27 21.86 30.23
N MET A 356 40.52 21.39 30.35
CA MET A 356 40.93 20.79 31.61
C MET A 356 41.02 21.86 32.70
N ASN A 357 41.43 23.07 32.33
CA ASN A 357 41.43 24.16 33.30
C ASN A 357 40.02 24.44 33.80
N CYS A 358 39.03 24.40 32.90
CA CYS A 358 37.65 24.64 33.32
C CYS A 358 37.14 23.50 34.19
N ILE A 359 37.45 22.25 33.82
CA ILE A 359 37.04 21.12 34.64
C ILE A 359 37.61 21.24 36.05
N SER A 360 38.87 21.65 36.15
CA SER A 360 39.48 21.80 37.46
C SER A 360 38.70 22.80 38.32
N ARG A 361 38.27 23.91 37.72
CA ARG A 361 37.51 24.92 38.47
C ARG A 361 36.19 24.35 38.97
N LEU A 362 35.62 23.41 38.25
CA LEU A 362 34.35 22.80 38.60
C LEU A 362 34.55 21.67 39.61
N ASP B 4 15.95 -11.28 -4.19
CA ASP B 4 15.63 -10.51 -5.38
C ASP B 4 16.37 -9.17 -5.36
N SER B 5 15.91 -8.26 -4.50
CA SER B 5 16.45 -6.92 -4.43
C SER B 5 15.95 -6.29 -3.15
N PHE B 6 16.79 -5.44 -2.55
CA PHE B 6 16.40 -4.69 -1.36
C PHE B 6 15.54 -3.49 -1.70
N ILE B 7 15.45 -3.14 -2.97
CA ILE B 7 14.81 -1.90 -3.38
C ILE B 7 13.29 -2.07 -3.34
N ARG B 8 12.60 -1.03 -2.88
CA ARG B 8 11.14 -1.06 -2.81
C ARG B 8 10.55 -1.25 -4.20
N GLN B 9 9.48 -2.05 -4.25
CA GLN B 9 8.90 -2.45 -5.52
C GLN B 9 8.59 -1.24 -6.42
N HIS B 10 8.03 -0.17 -5.85
CA HIS B 10 7.58 0.92 -6.70
C HIS B 10 8.75 1.63 -7.34
N LEU B 11 9.95 1.49 -6.79
CA LEU B 11 11.11 2.15 -7.35
C LEU B 11 11.77 1.33 -8.46
N ARG B 12 11.43 0.06 -8.57
CA ARG B 12 12.03 -0.76 -9.62
C ARG B 12 11.50 -0.42 -11.01
N LYS B 13 10.38 0.29 -11.10
CA LYS B 13 9.83 0.71 -12.38
C LYS B 13 9.86 2.22 -12.56
N LEU B 14 10.62 2.93 -11.73
CA LEU B 14 10.63 4.38 -11.74
C LEU B 14 11.30 4.89 -13.01
N ALA B 15 10.64 5.83 -13.69
CA ALA B 15 11.25 6.54 -14.80
C ALA B 15 12.13 7.66 -14.27
N PRO B 16 13.40 7.73 -14.67
CA PRO B 16 14.29 8.74 -14.09
C PRO B 16 13.98 10.15 -14.58
N TYR B 17 14.38 11.12 -13.76
CA TYR B 17 14.35 12.52 -14.16
C TYR B 17 15.42 12.78 -15.21
N GLN B 18 15.16 13.73 -16.10
CA GLN B 18 16.07 14.13 -17.16
C GLN B 18 16.68 15.48 -16.81
N PRO B 19 17.78 15.51 -16.07
CA PRO B 19 18.36 16.79 -15.64
C PRO B 19 19.15 17.46 -16.75
N ILE B 20 19.46 18.72 -16.53
CA ILE B 20 20.33 19.46 -17.43
C ILE B 20 21.75 19.39 -16.87
N LEU B 21 22.72 19.64 -17.74
CA LEU B 21 24.13 19.49 -17.43
C LEU B 21 24.86 20.83 -17.42
N PRO B 22 25.86 20.97 -16.57
CA PRO B 22 26.54 22.25 -16.37
C PRO B 22 27.62 22.47 -17.42
N PHE B 23 28.22 23.66 -17.40
CA PHE B 23 29.22 24.02 -18.40
C PHE B 23 30.35 22.99 -18.48
N GLU B 24 30.85 22.49 -17.35
CA GLU B 24 32.02 21.63 -17.38
C GLU B 24 31.72 20.32 -18.11
N VAL B 25 30.50 19.80 -17.93
CA VAL B 25 30.12 18.56 -18.61
C VAL B 25 29.82 18.83 -20.08
N LEU B 26 29.14 19.95 -20.37
CA LEU B 26 28.93 20.34 -21.76
C LEU B 26 30.24 20.54 -22.49
N SER B 27 31.26 21.08 -21.79
CA SER B 27 32.56 21.28 -22.43
C SER B 27 33.16 19.95 -22.86
N SER B 28 33.09 18.94 -21.99
CA SER B 28 33.54 17.60 -22.33
C SER B 28 32.78 17.04 -23.53
N ARG B 29 31.46 17.24 -23.57
CA ARG B 29 30.66 16.63 -24.64
C ARG B 29 30.86 17.32 -25.98
N LEU B 30 30.99 18.65 -25.96
CA LEU B 30 30.97 19.41 -27.20
C LEU B 30 32.36 19.72 -27.73
N GLY B 31 33.40 19.53 -26.92
CA GLY B 31 34.73 19.90 -27.34
C GLY B 31 34.95 21.39 -27.42
N ARG B 32 34.28 22.14 -26.55
CA ARG B 32 34.38 23.59 -26.49
C ARG B 32 34.67 24.02 -25.06
N LYS B 33 35.43 25.10 -24.91
CA LYS B 33 35.55 25.72 -23.60
C LYS B 33 34.23 26.38 -23.20
N PRO B 34 33.97 26.52 -21.90
CA PRO B 34 32.70 27.11 -21.47
C PRO B 34 32.41 28.48 -22.05
N GLU B 35 33.43 29.32 -22.20
CA GLU B 35 33.22 30.65 -22.78
C GLU B 35 32.72 30.59 -24.22
N ASP B 36 32.87 29.44 -24.87
CA ASP B 36 32.40 29.25 -26.24
C ASP B 36 31.08 28.49 -26.31
N ILE B 37 30.35 28.40 -25.21
CA ILE B 37 29.05 27.75 -25.16
C ILE B 37 28.04 28.77 -24.66
N VAL B 38 26.95 28.95 -25.41
CA VAL B 38 25.85 29.83 -25.02
C VAL B 38 24.75 28.93 -24.45
N LYS B 39 24.49 29.07 -23.16
CA LYS B 39 23.67 28.11 -22.43
C LYS B 39 22.34 28.74 -22.04
N LEU B 40 21.29 28.40 -22.78
CA LEU B 40 19.94 28.96 -22.64
C LEU B 40 18.91 27.85 -22.42
N ASP B 41 19.27 26.85 -21.61
CA ASP B 41 18.43 25.67 -21.45
C ASP B 41 17.93 25.41 -20.03
N ALA B 42 18.32 26.21 -19.05
CA ALA B 42 18.02 25.91 -17.65
C ALA B 42 17.54 27.12 -16.88
N ASN B 43 17.23 28.22 -17.55
CA ASN B 43 16.68 29.42 -16.94
C ASN B 43 17.63 30.03 -15.90
N GLU B 44 18.92 29.83 -16.11
CA GLU B 44 19.96 30.40 -15.25
C GLU B 44 20.18 31.86 -15.62
N ASN B 45 20.59 32.65 -14.63
CA ASN B 45 20.80 34.07 -14.82
C ASN B 45 22.25 34.29 -15.24
N PRO B 46 22.52 34.65 -16.50
CA PRO B 46 23.93 34.74 -16.96
C PRO B 46 24.71 35.90 -16.38
N TYR B 47 24.03 36.84 -15.72
CA TYR B 47 24.71 37.94 -15.08
C TYR B 47 25.31 37.52 -13.76
N GLY B 48 24.91 36.37 -13.24
CA GLY B 48 25.37 35.94 -11.95
C GLY B 48 24.74 36.72 -10.81
N PRO B 49 25.09 36.35 -9.59
CA PRO B 49 24.50 37.00 -8.40
C PRO B 49 25.17 38.33 -8.12
N PRO B 50 24.67 39.08 -7.12
CA PRO B 50 25.30 40.34 -6.77
C PRO B 50 26.75 40.12 -6.36
N PRO B 51 27.62 41.12 -6.55
CA PRO B 51 29.05 40.92 -6.22
C PRO B 51 29.29 40.58 -4.75
N GLU B 52 28.37 40.95 -3.87
CA GLU B 52 28.51 40.60 -2.45
C GLU B 52 28.62 39.10 -2.25
N VAL B 53 28.09 38.30 -3.18
CA VAL B 53 28.06 36.86 -2.98
C VAL B 53 29.46 36.25 -3.05
N MET B 54 30.20 36.51 -4.13
N MET B 54 30.18 36.50 -4.14
CA MET B 54 31.53 35.92 -4.23
CA MET B 54 31.54 35.95 -4.25
C MET B 54 32.47 36.50 -3.16
C MET B 54 32.43 36.47 -3.13
N GLU B 55 32.26 37.75 -2.76
CA GLU B 55 33.03 38.31 -1.66
C GLU B 55 32.81 37.50 -0.38
N ALA B 56 31.55 37.16 -0.09
CA ALA B 56 31.24 36.38 1.11
C ALA B 56 31.73 34.95 1.01
N LEU B 57 31.58 34.33 -0.16
CA LEU B 57 31.99 32.93 -0.31
C LEU B 57 33.49 32.77 -0.15
N GLY B 58 34.28 33.76 -0.54
CA GLY B 58 35.71 33.69 -0.34
C GLY B 58 36.18 34.00 1.06
N SER B 59 35.26 34.42 1.93
CA SER B 59 35.58 34.82 3.30
C SER B 59 34.84 34.00 4.35
N ILE B 60 34.38 32.80 4.00
CA ILE B 60 33.69 31.94 4.96
C ILE B 60 34.64 31.63 6.10
N ARG B 61 34.23 31.97 7.32
CA ARG B 61 35.13 31.84 8.46
C ARG B 61 35.14 30.43 9.01
N PHE B 62 33.99 29.76 9.03
CA PHE B 62 33.85 28.46 9.69
C PHE B 62 33.37 27.38 8.71
N PRO B 63 34.14 27.07 7.66
CA PRO B 63 33.69 26.02 6.73
C PRO B 63 33.64 24.65 7.39
N TYR B 64 34.35 24.48 8.50
CA TYR B 64 34.48 23.22 9.20
C TYR B 64 33.38 23.01 10.25
N VAL B 65 32.50 23.98 10.44
CA VAL B 65 31.42 23.89 11.42
C VAL B 65 30.10 23.62 10.69
N TYR B 66 29.25 22.81 11.30
CA TYR B 66 27.95 22.53 10.70
C TYR B 66 27.17 23.83 10.54
N PRO B 67 26.33 23.93 9.51
CA PRO B 67 25.50 25.13 9.34
C PRO B 67 24.41 25.20 10.40
N ASP B 68 23.72 26.33 10.40
CA ASP B 68 22.57 26.55 11.28
C ASP B 68 21.37 25.76 10.79
N PRO B 69 20.91 24.73 11.50
CA PRO B 69 19.78 23.94 10.98
C PRO B 69 18.49 24.74 10.90
N GLU B 70 18.42 25.89 11.57
CA GLU B 70 17.24 26.73 11.55
C GLU B 70 17.34 27.88 10.55
N SER B 71 18.48 28.05 9.89
CA SER B 71 18.68 29.13 8.91
C SER B 71 18.10 30.46 9.41
N ARG B 72 18.45 30.80 10.67
CA ARG B 72 17.76 31.91 11.33
CA ARG B 72 17.76 31.91 11.33
C ARG B 72 18.11 33.26 10.69
N ARG B 73 19.36 33.45 10.29
CA ARG B 73 19.74 34.73 9.70
C ARG B 73 19.00 34.95 8.39
N LEU B 74 18.97 33.92 7.55
CA LEU B 74 18.31 34.07 6.26
C LEU B 74 16.81 34.20 6.44
N ARG B 75 16.24 33.49 7.42
CA ARG B 75 14.80 33.60 7.63
C ARG B 75 14.39 34.99 8.12
N ALA B 76 15.21 35.62 8.97
CA ALA B 76 14.95 37.00 9.37
C ALA B 76 15.03 37.93 8.17
N ALA B 77 16.01 37.71 7.28
CA ALA B 77 16.10 38.58 6.11
C ALA B 77 14.95 38.32 5.15
N LEU B 78 14.45 37.09 5.07
CA LEU B 78 13.32 36.79 4.20
C LEU B 78 12.02 37.31 4.79
N ALA B 79 11.94 37.40 6.12
CA ALA B 79 10.77 38.02 6.73
C ALA B 79 10.71 39.50 6.35
N GLN B 80 11.85 40.18 6.38
CA GLN B 80 11.89 41.58 5.98
C GLN B 80 11.55 41.74 4.51
N ASP B 81 12.11 40.87 3.68
CA ASP B 81 11.91 40.96 2.24
C ASP B 81 10.45 40.72 1.86
N SER B 82 9.80 39.74 2.49
CA SER B 82 8.48 39.28 2.10
C SER B 82 7.34 39.96 2.85
N GLY B 83 7.61 40.55 4.02
CA GLY B 83 6.60 41.07 4.92
C GLY B 83 5.85 40.00 5.68
N LEU B 84 6.27 38.75 5.59
CA LEU B 84 5.69 37.66 6.36
C LEU B 84 6.61 37.25 7.50
N GLU B 85 6.02 36.98 8.66
CA GLU B 85 6.80 36.65 9.85
C GLU B 85 7.59 35.37 9.63
N SER B 86 8.76 35.31 10.27
CA SER B 86 9.71 34.23 10.00
C SER B 86 9.18 32.87 10.41
N GLU B 87 8.24 32.80 11.36
CA GLU B 87 7.73 31.49 11.76
C GLU B 87 6.98 30.78 10.64
N TYR B 88 6.59 31.49 9.58
CA TYR B 88 5.96 30.89 8.41
C TYR B 88 6.96 30.42 7.36
N ILE B 89 8.25 30.68 7.53
CA ILE B 89 9.23 30.55 6.44
C ILE B 89 10.15 29.36 6.70
N LEU B 90 10.23 28.45 5.74
CA LEU B 90 11.23 27.40 5.76
C LEU B 90 12.22 27.62 4.62
N VAL B 91 13.48 27.29 4.85
CA VAL B 91 14.54 27.36 3.85
C VAL B 91 14.90 25.95 3.46
N GLY B 92 15.13 25.73 2.15
CA GLY B 92 15.50 24.43 1.65
C GLY B 92 16.70 24.47 0.71
N CYS B 93 17.25 23.28 0.45
CA CYS B 93 18.34 23.06 -0.51
C CYS B 93 17.72 23.15 -1.90
N GLY B 94 17.52 24.39 -2.33
CA GLY B 94 16.67 24.71 -3.45
C GLY B 94 15.20 24.57 -3.09
N ALA B 95 14.35 25.15 -3.92
CA ALA B 95 12.94 24.81 -3.82
C ALA B 95 12.70 23.33 -4.06
N ASP B 96 13.59 22.66 -4.80
CA ASP B 96 13.44 21.22 -5.03
C ASP B 96 13.32 20.48 -3.70
N GLU B 97 14.11 20.88 -2.70
CA GLU B 97 14.06 20.13 -1.45
C GLU B 97 12.68 20.29 -0.80
N LEU B 98 12.13 21.50 -0.90
CA LEU B 98 10.82 21.77 -0.30
C LEU B 98 9.71 21.02 -1.01
N ILE B 99 9.75 20.92 -2.36
CA ILE B 99 8.75 20.15 -3.09
C ILE B 99 8.74 18.71 -2.61
N ASP B 100 9.92 18.09 -2.54
CA ASP B 100 10.03 16.72 -2.07
C ASP B 100 9.64 16.58 -0.60
N LEU B 101 10.09 17.50 0.25
CA LEU B 101 9.72 17.44 1.66
C LEU B 101 8.21 17.49 1.85
N ILE B 102 7.51 18.40 1.15
CA ILE B 102 6.05 18.43 1.24
C ILE B 102 5.48 17.06 0.90
N MET B 103 5.92 16.49 -0.23
CA MET B 103 5.35 15.22 -0.66
C MET B 103 5.62 14.12 0.37
N ARG B 104 6.84 14.04 0.88
CA ARG B 104 7.14 12.96 1.83
C ARG B 104 6.41 13.13 3.15
N CYS B 105 6.03 14.36 3.49
CA CYS B 105 5.33 14.61 4.75
C CYS B 105 3.82 14.52 4.63
N VAL B 106 3.27 14.53 3.41
CA VAL B 106 1.83 14.57 3.19
C VAL B 106 1.28 13.33 2.50
N LEU B 107 2.06 12.70 1.63
CA LEU B 107 1.54 11.63 0.79
C LEU B 107 1.95 10.27 1.35
N ASP B 108 0.97 9.49 1.77
CA ASP B 108 1.22 8.07 1.96
C ASP B 108 1.26 7.35 0.60
N PRO B 109 1.96 6.22 0.49
CA PRO B 109 1.93 5.47 -0.77
C PRO B 109 0.49 5.25 -1.24
N GLY B 110 0.25 5.51 -2.52
CA GLY B 110 -1.07 5.36 -3.10
C GLY B 110 -1.90 6.63 -3.10
N ASP B 111 -1.52 7.62 -2.31
CA ASP B 111 -2.17 8.91 -2.39
C ASP B 111 -1.94 9.53 -3.76
N LYS B 112 -2.79 10.50 -4.11
CA LYS B 112 -2.77 11.11 -5.42
C LYS B 112 -2.48 12.61 -5.34
N ILE B 113 -1.78 13.12 -6.35
CA ILE B 113 -1.69 14.56 -6.58
C ILE B 113 -2.30 14.88 -7.93
N VAL B 114 -2.70 16.16 -8.10
CA VAL B 114 -3.07 16.70 -9.40
C VAL B 114 -1.91 17.50 -9.94
N ASP B 115 -1.66 17.33 -11.23
CA ASP B 115 -0.69 18.08 -12.00
C ASP B 115 -1.44 18.64 -13.20
N CYS B 116 -1.00 19.79 -13.71
CA CYS B 116 -1.63 20.40 -14.87
C CYS B 116 -0.62 20.60 -16.00
N PRO B 117 -0.42 19.58 -16.84
CA PRO B 117 0.57 19.70 -17.91
C PRO B 117 0.09 20.63 -19.00
N PRO B 118 0.99 21.23 -19.78
CA PRO B 118 2.46 21.12 -19.60
C PRO B 118 2.94 21.85 -18.36
N THR B 119 3.82 21.22 -17.56
CA THR B 119 4.38 21.91 -16.40
C THR B 119 5.69 21.26 -15.97
N PHE B 120 6.18 21.72 -14.83
CA PHE B 120 7.48 21.32 -14.32
C PHE B 120 7.51 19.82 -14.11
N THR B 121 8.50 19.15 -14.69
CA THR B 121 8.55 17.69 -14.62
C THR B 121 8.93 17.17 -13.23
N MET B 122 9.48 18.02 -12.35
CA MET B 122 9.83 17.55 -11.03
C MET B 122 8.62 17.13 -10.22
N TYR B 123 7.43 17.70 -10.46
CA TYR B 123 6.28 17.26 -9.67
C TYR B 123 5.98 15.78 -9.93
N GLU B 124 5.97 15.39 -11.21
CA GLU B 124 5.71 13.98 -11.53
C GLU B 124 6.82 13.07 -11.04
N PHE B 125 8.08 13.50 -11.19
CA PHE B 125 9.19 12.69 -10.71
C PHE B 125 9.11 12.49 -9.21
N ASP B 126 8.88 13.58 -8.47
CA ASP B 126 8.82 13.48 -7.02
C ASP B 126 7.62 12.63 -6.59
N ALA B 127 6.50 12.75 -7.29
CA ALA B 127 5.36 11.90 -6.94
C ALA B 127 5.72 10.44 -7.07
N ALA B 128 6.39 10.09 -8.18
CA ALA B 128 6.73 8.69 -8.43
C ALA B 128 7.68 8.18 -7.36
N VAL B 129 8.71 8.96 -7.02
CA VAL B 129 9.69 8.54 -6.04
C VAL B 129 9.03 8.31 -4.69
N ASN B 130 8.06 9.14 -4.35
CA ASN B 130 7.33 9.04 -3.11
C ASN B 130 6.18 8.03 -3.14
N GLY B 131 5.98 7.29 -4.24
CA GLY B 131 4.95 6.27 -4.32
C GLY B 131 3.53 6.81 -4.45
N ALA B 132 3.37 8.03 -4.93
CA ALA B 132 2.08 8.64 -5.13
C ALA B 132 1.74 8.59 -6.61
N LEU B 133 0.46 8.70 -6.91
CA LEU B 133 -0.06 8.68 -8.27
C LEU B 133 -0.34 10.11 -8.70
N VAL B 134 -0.27 10.36 -10.01
CA VAL B 134 -0.46 11.70 -10.56
C VAL B 134 -1.71 11.66 -11.43
N ILE B 135 -2.65 12.56 -11.15
CA ILE B 135 -3.82 12.80 -12.01
C ILE B 135 -3.53 14.04 -12.84
N LYS B 136 -3.46 13.87 -14.16
CA LYS B 136 -3.15 14.97 -15.06
C LYS B 136 -4.46 15.63 -15.48
N VAL B 137 -4.57 16.92 -15.23
CA VAL B 137 -5.67 17.74 -15.73
C VAL B 137 -5.05 18.75 -16.68
N PRO B 138 -5.07 18.50 -17.99
CA PRO B 138 -4.27 19.33 -18.90
C PRO B 138 -4.79 20.75 -18.96
N ARG B 139 -3.89 21.67 -19.29
CA ARG B 139 -4.22 23.07 -19.47
C ARG B 139 -4.92 23.27 -20.81
N ARG B 140 -5.58 24.41 -20.95
CA ARG B 140 -6.27 24.77 -22.18
C ARG B 140 -5.27 25.21 -23.24
N PRO B 141 -5.72 25.44 -24.47
CA PRO B 141 -4.76 25.80 -25.53
C PRO B 141 -3.92 27.03 -25.24
N ASP B 142 -4.46 28.02 -24.53
CA ASP B 142 -3.68 29.19 -24.15
C ASP B 142 -2.83 28.96 -22.90
N PHE B 143 -2.70 27.72 -22.43
CA PHE B 143 -1.95 27.32 -21.23
C PHE B 143 -2.63 27.69 -19.92
N SER B 144 -3.87 28.20 -19.97
CA SER B 144 -4.56 28.48 -18.73
C SER B 144 -5.10 27.19 -18.10
N LEU B 145 -5.30 27.25 -16.79
CA LEU B 145 -5.90 26.12 -16.10
C LEU B 145 -7.36 25.90 -16.53
N ASN B 146 -7.77 24.64 -16.52
CA ASN B 146 -9.17 24.28 -16.69
C ASN B 146 -9.73 24.06 -15.28
N VAL B 147 -10.23 25.14 -14.68
CA VAL B 147 -10.59 25.07 -13.26
CA VAL B 147 -10.59 25.08 -13.27
C VAL B 147 -11.81 24.19 -13.06
N GLU B 148 -12.74 24.19 -14.01
CA GLU B 148 -13.92 23.33 -13.87
C GLU B 148 -13.52 21.85 -13.82
N GLN B 149 -12.56 21.46 -14.66
CA GLN B 149 -12.10 20.08 -14.64
C GLN B 149 -11.29 19.78 -13.39
N ILE B 150 -10.47 20.73 -12.94
CA ILE B 150 -9.75 20.54 -11.68
C ILE B 150 -10.74 20.24 -10.55
N ILE B 151 -11.79 21.05 -10.46
CA ILE B 151 -12.78 20.88 -9.38
C ILE B 151 -13.44 19.52 -9.48
N GLU B 152 -13.86 19.13 -10.70
CA GLU B 152 -14.51 17.84 -10.88
C GLU B 152 -13.57 16.71 -10.51
N VAL B 153 -12.34 16.75 -11.01
CA VAL B 153 -11.39 15.68 -10.74
C VAL B 153 -11.09 15.60 -9.25
N VAL B 154 -10.95 16.74 -8.59
CA VAL B 154 -10.63 16.72 -7.16
C VAL B 154 -11.78 16.11 -6.37
N LYS B 155 -13.02 16.44 -6.75
CA LYS B 155 -14.16 15.86 -6.06
C LYS B 155 -14.29 14.36 -6.30
N GLN B 156 -13.96 13.89 -7.51
CA GLN B 156 -14.17 12.48 -7.83
C GLN B 156 -13.04 11.57 -7.32
N GLU B 157 -11.79 12.03 -7.40
CA GLU B 157 -10.63 11.20 -7.12
C GLU B 157 -10.00 11.49 -5.75
N LYS B 158 -10.41 12.56 -5.08
CA LYS B 158 -9.90 12.90 -3.76
C LYS B 158 -8.38 12.90 -3.65
N PRO B 159 -7.68 13.57 -4.56
CA PRO B 159 -6.24 13.80 -4.39
C PRO B 159 -5.98 14.68 -3.17
N LYS B 160 -4.78 14.53 -2.63
CA LYS B 160 -4.40 15.24 -1.42
C LYS B 160 -3.69 16.54 -1.68
N CYS B 161 -3.02 16.69 -2.84
CA CYS B 161 -2.29 17.90 -3.16
CA CYS B 161 -2.27 17.90 -3.16
C CYS B 161 -2.46 18.23 -4.62
N ILE B 162 -2.26 19.52 -4.94
CA ILE B 162 -2.17 19.99 -6.31
C ILE B 162 -0.98 20.94 -6.35
N PHE B 163 -0.07 20.72 -7.29
CA PHE B 163 1.10 21.56 -7.46
C PHE B 163 0.89 22.42 -8.70
N LEU B 164 1.04 23.73 -8.51
CA LEU B 164 0.80 24.72 -9.57
C LEU B 164 1.97 25.68 -9.63
N THR B 165 2.38 26.07 -10.84
CA THR B 165 3.50 26.98 -11.02
C THR B 165 2.99 28.26 -11.66
N SER B 166 3.37 29.42 -11.08
CA SER B 166 2.98 30.72 -11.64
C SER B 166 4.06 31.77 -11.34
N PRO B 167 4.74 32.31 -12.38
CA PRO B 167 4.64 31.97 -13.80
C PRO B 167 4.91 30.48 -14.06
N ASN B 168 4.13 29.90 -14.97
CA ASN B 168 4.28 28.47 -15.23
C ASN B 168 5.59 28.18 -15.95
N ASN B 169 6.12 26.99 -15.69
CA ASN B 169 7.22 26.42 -16.44
C ASN B 169 6.58 25.30 -17.25
N PRO B 170 6.54 25.32 -18.58
CA PRO B 170 7.51 26.03 -19.42
C PRO B 170 7.03 27.19 -20.26
N ASP B 171 5.79 27.64 -20.13
CA ASP B 171 5.28 28.68 -21.01
C ASP B 171 5.25 30.06 -20.38
N GLY B 172 5.28 30.18 -19.07
CA GLY B 172 5.39 31.48 -18.46
C GLY B 172 4.10 32.19 -18.15
N SER B 173 2.95 31.52 -18.27
CA SER B 173 1.67 32.15 -17.98
C SER B 173 1.43 32.26 -16.47
N ILE B 174 0.55 33.20 -16.11
CA ILE B 174 0.23 33.56 -14.72
C ILE B 174 -1.12 32.99 -14.36
N ILE B 175 -1.21 32.44 -13.13
CA ILE B 175 -2.48 31.89 -12.64
C ILE B 175 -3.48 33.00 -12.38
N ASP B 176 -4.75 32.75 -12.68
CA ASP B 176 -5.81 33.69 -12.38
C ASP B 176 -6.12 33.61 -10.88
N ASP B 177 -6.10 34.76 -10.19
CA ASP B 177 -6.32 34.77 -8.75
C ASP B 177 -7.69 34.20 -8.38
N ASP B 178 -8.71 34.47 -9.18
CA ASP B 178 -10.03 33.94 -8.88
C ASP B 178 -10.04 32.42 -9.01
N ASP B 179 -9.33 31.89 -10.01
CA ASP B 179 -9.16 30.43 -10.12
C ASP B 179 -8.46 29.87 -8.88
N LEU B 180 -7.40 30.53 -8.43
CA LEU B 180 -6.70 30.07 -7.24
C LEU B 180 -7.61 30.05 -6.02
N LEU B 181 -8.40 31.11 -5.84
CA LEU B 181 -9.31 31.11 -4.69
C LEU B 181 -10.33 29.97 -4.79
N LYS B 182 -10.84 29.69 -6.00
CA LYS B 182 -11.78 28.59 -6.16
C LYS B 182 -11.16 27.26 -5.78
N ILE B 183 -9.91 27.02 -6.22
CA ILE B 183 -9.23 25.77 -5.91
C ILE B 183 -8.98 25.65 -4.42
N LEU B 184 -8.62 26.77 -3.77
CA LEU B 184 -8.36 26.76 -2.32
C LEU B 184 -9.59 26.40 -1.50
N GLU B 185 -10.80 26.53 -2.06
CA GLU B 185 -12.00 26.10 -1.36
C GLU B 185 -12.11 24.59 -1.26
N LEU B 186 -11.36 23.85 -2.09
CA LEU B 186 -11.41 22.40 -2.10
C LEU B 186 -10.60 21.83 -0.95
N PRO B 187 -10.91 20.60 -0.51
CA PRO B 187 -10.18 19.99 0.62
C PRO B 187 -8.89 19.36 0.11
N ILE B 188 -7.94 20.23 -0.23
CA ILE B 188 -6.72 19.82 -0.90
C ILE B 188 -5.64 20.81 -0.52
N LEU B 189 -4.39 20.33 -0.48
CA LEU B 189 -3.25 21.19 -0.22
C LEU B 189 -2.73 21.74 -1.54
N VAL B 190 -2.72 23.06 -1.65
CA VAL B 190 -2.32 23.75 -2.87
C VAL B 190 -0.91 24.26 -2.67
N VAL B 191 0.01 23.84 -3.54
CA VAL B 191 1.38 24.31 -3.51
C VAL B 191 1.61 25.16 -4.75
N LEU B 192 1.79 26.46 -4.53
CA LEU B 192 2.00 27.42 -5.61
C LEU B 192 3.49 27.73 -5.72
N ASP B 193 4.09 27.36 -6.84
CA ASP B 193 5.52 27.54 -7.08
C ASP B 193 5.77 28.86 -7.83
N GLU B 194 6.27 29.84 -7.09
CA GLU B 194 6.58 31.19 -7.59
C GLU B 194 8.06 31.34 -7.92
N ALA B 195 8.67 30.27 -8.41
CA ALA B 195 10.09 30.29 -8.77
C ALA B 195 10.46 31.46 -9.69
N TYR B 196 9.54 31.87 -10.57
CA TYR B 196 9.81 32.89 -11.61
C TYR B 196 9.09 34.20 -11.36
N ILE B 197 8.51 34.40 -10.17
CA ILE B 197 7.60 35.54 -9.97
C ILE B 197 8.29 36.88 -10.16
N GLU B 198 9.59 36.99 -9.88
CA GLU B 198 10.26 38.28 -9.94
C GLU B 198 10.29 38.84 -11.34
N PHE B 199 10.18 38.00 -12.36
CA PHE B 199 10.23 38.45 -13.74
C PHE B 199 8.88 38.97 -14.21
N SER B 200 7.86 38.87 -13.38
CA SER B 200 6.54 39.41 -13.68
C SER B 200 6.32 40.67 -12.87
N THR B 201 5.24 41.37 -13.18
CA THR B 201 4.82 42.49 -12.35
C THR B 201 3.79 42.09 -11.30
N ILE B 202 3.52 40.81 -11.15
CA ILE B 202 2.54 40.29 -10.21
C ILE B 202 3.19 40.11 -8.84
N GLU B 203 2.48 40.48 -7.79
CA GLU B 203 3.01 40.36 -6.45
C GLU B 203 2.96 38.91 -5.96
N SER B 204 3.92 38.56 -5.10
CA SER B 204 3.95 37.23 -4.48
C SER B 204 2.73 37.03 -3.59
N LYS B 205 2.28 35.77 -3.54
CA LYS B 205 1.15 35.39 -2.70
C LYS B 205 1.59 34.79 -1.38
N MET B 206 2.87 34.93 -1.01
CA MET B 206 3.30 34.49 0.32
C MET B 206 2.33 34.94 1.41
N SER B 207 1.87 36.20 1.35
CA SER B 207 1.00 36.73 2.42
C SER B 207 -0.30 35.94 2.53
N TRP B 208 -0.74 35.29 1.45
CA TRP B 208 -2.00 34.57 1.50
C TRP B 208 -1.94 33.40 2.47
N VAL B 209 -0.74 32.92 2.79
CA VAL B 209 -0.64 31.74 3.63
C VAL B 209 -1.14 32.02 5.04
N LYS B 210 -1.15 33.28 5.48
CA LYS B 210 -1.57 33.54 6.85
C LYS B 210 -3.05 33.18 7.07
N LYS B 211 -3.87 33.25 6.03
CA LYS B 211 -5.29 32.97 6.17
C LYS B 211 -5.76 31.73 5.43
N HIS B 212 -4.91 31.09 4.64
CA HIS B 212 -5.27 29.90 3.88
C HIS B 212 -4.39 28.78 4.40
N ASP B 213 -4.95 27.92 5.25
CA ASP B 213 -4.21 26.85 5.87
C ASP B 213 -3.94 25.68 4.93
N ASN B 214 -4.37 25.78 3.67
CA ASN B 214 -4.12 24.77 2.65
C ASN B 214 -3.36 25.36 1.47
N LEU B 215 -2.60 26.43 1.72
CA LEU B 215 -1.74 27.04 0.72
C LEU B 215 -0.28 27.07 1.19
N ILE B 216 0.63 26.64 0.31
CA ILE B 216 2.08 26.81 0.48
C ILE B 216 2.57 27.57 -0.75
N VAL B 217 3.49 28.51 -0.54
CA VAL B 217 4.06 29.30 -1.63
C VAL B 217 5.57 29.12 -1.62
N LEU B 218 6.12 28.64 -2.73
CA LEU B 218 7.55 28.38 -2.86
C LEU B 218 8.25 29.44 -3.72
N ARG B 219 9.49 29.70 -3.35
CA ARG B 219 10.35 30.69 -3.99
C ARG B 219 11.78 30.15 -4.08
N THR B 220 12.64 30.84 -4.83
CA THR B 220 14.00 30.36 -4.99
C THR B 220 14.97 31.52 -5.18
N PHE B 221 16.24 31.26 -4.87
CA PHE B 221 17.37 32.11 -5.26
C PHE B 221 18.05 31.63 -6.55
N SER B 222 17.54 30.57 -7.18
CA SER B 222 18.28 29.93 -8.26
C SER B 222 18.16 30.64 -9.60
N LYS B 223 17.20 31.55 -9.77
CA LYS B 223 16.89 32.09 -11.09
C LYS B 223 17.23 33.57 -11.07
N ARG B 224 16.30 34.47 -10.72
CA ARG B 224 16.63 35.89 -10.69
C ARG B 224 17.90 36.17 -9.89
N ALA B 225 18.07 35.53 -8.72
CA ALA B 225 19.19 35.86 -7.84
C ALA B 225 20.49 35.17 -8.21
N GLY B 226 20.51 34.28 -9.20
CA GLY B 226 21.79 33.81 -9.72
C GLY B 226 22.52 32.86 -8.81
N LEU B 227 21.79 32.05 -8.05
CA LEU B 227 22.43 31.15 -7.11
C LEU B 227 22.09 29.68 -7.33
N ALA B 228 21.74 29.30 -8.58
CA ALA B 228 21.34 27.92 -8.85
C ALA B 228 22.36 26.90 -8.36
N GLY B 229 23.66 27.22 -8.46
CA GLY B 229 24.62 26.21 -8.07
C GLY B 229 24.79 26.03 -6.57
N LEU B 230 24.31 26.99 -5.77
CA LEU B 230 24.50 26.95 -4.33
C LEU B 230 23.36 26.28 -3.58
N ARG B 231 22.20 26.10 -4.22
CA ARG B 231 21.08 25.32 -3.70
C ARG B 231 20.42 25.97 -2.49
N VAL B 232 19.64 27.02 -2.74
CA VAL B 232 18.92 27.68 -1.66
C VAL B 232 17.61 28.25 -2.18
N GLY B 233 16.50 27.78 -1.59
CA GLY B 233 15.17 28.27 -1.84
C GLY B 233 14.42 28.36 -0.53
N TYR B 234 13.15 28.74 -0.62
CA TYR B 234 12.37 28.98 0.60
C TYR B 234 10.89 28.93 0.26
N GLY B 235 10.07 28.97 1.31
CA GLY B 235 8.65 28.93 1.12
C GLY B 235 7.94 29.46 2.35
N ALA B 236 6.70 29.87 2.12
CA ALA B 236 5.76 30.26 3.15
C ALA B 236 4.79 29.10 3.36
N PHE B 237 4.61 28.72 4.63
CA PHE B 237 3.84 27.56 5.02
C PHE B 237 2.88 27.93 6.15
N PRO B 238 1.65 27.39 6.13
CA PRO B 238 0.78 27.53 7.30
C PRO B 238 1.46 27.01 8.55
N LEU B 239 1.20 27.65 9.68
CA LEU B 239 1.82 27.23 10.94
C LEU B 239 1.47 25.80 11.30
N SER B 240 0.24 25.36 10.99
CA SER B 240 -0.20 23.99 11.26
C SER B 240 0.56 22.97 10.43
N ILE B 241 1.18 23.39 9.33
CA ILE B 241 1.99 22.50 8.52
C ILE B 241 3.46 22.58 8.90
N ILE B 242 3.98 23.80 9.02
CA ILE B 242 5.41 23.98 9.25
C ILE B 242 5.86 23.36 10.57
N LYS B 243 4.98 23.28 11.57
CA LYS B 243 5.38 22.69 12.85
C LYS B 243 5.82 21.26 12.67
N TYR B 244 5.17 20.53 11.76
CA TYR B 244 5.55 19.15 11.52
C TYR B 244 6.73 19.03 10.55
N LEU B 245 6.82 19.95 9.58
CA LEU B 245 7.96 19.93 8.69
C LEU B 245 9.27 20.13 9.46
N TRP B 246 9.27 21.02 10.47
CA TRP B 246 10.47 21.17 11.29
C TRP B 246 10.85 19.87 11.96
N ARG B 247 9.87 19.09 12.44
CA ARG B 247 10.18 17.84 13.14
C ARG B 247 10.72 16.79 12.19
N ALA B 248 10.34 16.81 10.91
CA ALA B 248 10.72 15.77 9.97
C ALA B 248 11.90 16.15 9.07
N LYS B 249 12.21 17.42 8.92
CA LYS B 249 13.22 17.89 7.97
C LYS B 249 14.60 17.38 8.34
N GLN B 250 15.41 17.13 7.32
CA GLN B 250 16.80 16.85 7.57
C GLN B 250 17.47 18.09 8.16
N PRO B 251 18.44 17.92 9.06
CA PRO B 251 18.94 19.10 9.78
C PRO B 251 19.81 20.00 8.93
N TYR B 252 20.64 19.45 8.05
CA TYR B 252 21.76 20.22 7.53
C TYR B 252 21.85 20.27 6.01
N ASN B 253 20.75 20.11 5.27
CA ASN B 253 20.90 20.11 3.83
C ASN B 253 21.25 21.49 3.28
N VAL B 254 20.93 22.56 4.00
CA VAL B 254 21.25 23.92 3.57
C VAL B 254 22.66 24.27 4.05
N SER B 255 23.59 24.38 3.12
CA SER B 255 25.00 24.55 3.47
C SER B 255 25.28 25.97 3.97
N VAL B 256 26.42 26.13 4.64
CA VAL B 256 26.85 27.47 5.05
C VAL B 256 27.01 28.38 3.82
N ALA B 257 27.50 27.83 2.71
CA ALA B 257 27.66 28.64 1.51
C ALA B 257 26.32 29.10 0.95
N ALA B 258 25.31 28.22 1.02
CA ALA B 258 23.96 28.58 0.60
C ALA B 258 23.41 29.70 1.45
N GLU B 259 23.49 29.56 2.78
CA GLU B 259 22.89 30.58 3.62
CA GLU B 259 22.90 30.58 3.64
C GLU B 259 23.62 31.92 3.48
N ILE B 260 24.95 31.89 3.48
CA ILE B 260 25.75 33.11 3.32
C ILE B 260 25.45 33.79 1.99
N SER B 261 25.37 33.02 0.90
CA SER B 261 25.16 33.61 -0.41
CA SER B 261 25.16 33.61 -0.41
C SER B 261 23.78 34.26 -0.51
N ALA B 262 22.75 33.60 0.02
CA ALA B 262 21.41 34.17 -0.05
C ALA B 262 21.31 35.46 0.76
N CYS B 263 21.86 35.45 1.97
CA CYS B 263 21.89 36.68 2.78
C CYS B 263 22.62 37.80 2.05
N ALA B 264 23.76 37.47 1.43
CA ALA B 264 24.55 38.48 0.73
C ALA B 264 23.80 39.03 -0.47
N ALA B 265 23.12 38.15 -1.21
CA ALA B 265 22.38 38.62 -2.37
C ALA B 265 21.32 39.63 -1.95
N LEU B 266 20.63 39.38 -0.83
CA LEU B 266 19.58 40.27 -0.38
C LEU B 266 20.11 41.63 0.05
N GLN B 267 21.40 41.73 0.33
CA GLN B 267 22.02 43.00 0.67
CA GLN B 267 22.00 43.01 0.67
C GLN B 267 22.18 43.94 -0.53
N ASN B 268 21.86 43.48 -1.75
CA ASN B 268 22.01 44.31 -2.94
C ASN B 268 20.71 44.34 -3.72
N PRO B 269 19.69 45.00 -3.18
CA PRO B 269 18.41 45.07 -3.91
C PRO B 269 18.51 45.79 -5.25
N THR B 270 19.39 46.78 -5.39
CA THR B 270 19.56 47.45 -6.66
C THR B 270 20.05 46.50 -7.74
N TYR B 271 21.04 45.67 -7.41
CA TYR B 271 21.53 44.71 -8.39
C TYR B 271 20.43 43.73 -8.77
N LEU B 272 19.69 43.23 -7.78
CA LEU B 272 18.66 42.22 -8.07
C LEU B 272 17.58 42.82 -8.96
N GLU B 273 17.21 44.08 -8.71
CA GLU B 273 16.23 44.75 -9.57
C GLU B 273 16.80 44.97 -10.97
N ASN B 274 18.05 45.43 -11.04
CA ASN B 274 18.64 45.79 -12.33
C ASN B 274 18.82 44.58 -13.24
N VAL B 275 19.29 43.45 -12.70
CA VAL B 275 19.45 42.27 -13.54
CA VAL B 275 19.45 42.28 -13.55
C VAL B 275 18.09 41.72 -13.96
N LYS B 276 17.12 41.78 -13.05
CA LYS B 276 15.77 41.38 -13.42
C LYS B 276 15.25 42.24 -14.58
N ASP B 277 15.46 43.56 -14.50
CA ASP B 277 14.96 44.43 -15.54
C ASP B 277 15.65 44.14 -16.86
N ALA B 278 16.95 43.82 -16.81
CA ALA B 278 17.70 43.55 -18.03
C ALA B 278 17.19 42.29 -18.71
N LEU B 279 16.85 41.27 -17.91
CA LEU B 279 16.30 40.03 -18.44
C LEU B 279 14.87 40.24 -18.95
N VAL B 280 14.04 41.02 -18.23
CA VAL B 280 12.70 41.30 -18.73
C VAL B 280 12.76 42.06 -20.06
N LYS B 281 13.65 43.05 -20.15
CA LYS B 281 13.79 43.79 -21.40
C LYS B 281 14.21 42.86 -22.52
N GLU B 282 15.20 42.00 -22.27
CA GLU B 282 15.67 41.10 -23.32
C GLU B 282 14.60 40.06 -23.70
N ARG B 283 13.76 39.66 -22.75
CA ARG B 283 12.66 38.76 -23.07
C ARG B 283 11.79 39.34 -24.17
N GLY B 284 11.46 40.62 -24.09
CA GLY B 284 10.62 41.21 -25.11
C GLY B 284 11.29 41.27 -26.47
N ARG B 285 12.60 41.50 -26.48
CA ARG B 285 13.34 41.52 -27.74
C ARG B 285 13.43 40.12 -28.32
N LEU B 286 13.79 39.15 -27.47
CA LEU B 286 13.87 37.76 -27.90
C LEU B 286 12.53 37.26 -28.46
N PHE B 287 11.42 37.63 -27.81
CA PHE B 287 10.09 37.18 -28.27
C PHE B 287 9.86 37.55 -29.74
N ASP B 288 10.08 38.82 -30.10
CA ASP B 288 9.81 39.23 -31.47
C ASP B 288 10.79 38.58 -32.44
N LEU B 289 12.03 38.35 -32.02
CA LEU B 289 12.97 37.66 -32.88
C LEU B 289 12.52 36.21 -33.15
N LEU B 290 12.10 35.51 -32.10
CA LEU B 290 11.66 34.13 -32.28
C LEU B 290 10.38 34.08 -33.12
N LYS B 291 9.48 35.04 -32.92
CA LYS B 291 8.22 35.02 -33.66
C LYS B 291 8.47 35.13 -35.16
N ALA B 292 9.55 35.80 -35.56
CA ALA B 292 9.84 35.95 -36.98
C ALA B 292 10.42 34.70 -37.60
N VAL B 293 10.89 33.76 -36.81
CA VAL B 293 11.40 32.50 -37.37
C VAL B 293 10.21 31.69 -37.91
N PRO B 294 10.24 31.23 -39.16
CA PRO B 294 9.01 30.67 -39.73
C PRO B 294 8.56 29.37 -39.08
N PHE B 295 9.46 28.64 -38.45
CA PHE B 295 9.12 27.35 -37.88
C PHE B 295 8.99 27.39 -36.37
N LEU B 296 8.96 28.59 -35.77
CA LEU B 296 8.78 28.73 -34.33
C LEU B 296 7.55 29.58 -34.02
N LYS B 297 6.73 29.12 -33.09
CA LYS B 297 5.58 29.87 -32.58
C LYS B 297 5.81 30.14 -31.11
N PRO B 298 6.31 31.30 -30.73
CA PRO B 298 6.51 31.57 -29.30
C PRO B 298 5.21 31.99 -28.61
N PHE B 299 5.14 31.70 -27.32
CA PHE B 299 4.01 32.06 -26.49
C PHE B 299 4.38 33.18 -25.53
N PRO B 300 3.42 34.05 -25.22
CA PRO B 300 3.70 35.12 -24.25
C PRO B 300 4.15 34.51 -22.93
N SER B 301 5.08 35.22 -22.27
CA SER B 301 5.67 34.76 -21.03
C SER B 301 5.89 35.87 -20.02
N HIS B 302 5.73 35.52 -18.73
CA HIS B 302 6.00 36.38 -17.59
C HIS B 302 7.23 35.93 -16.79
N SER B 303 8.03 35.03 -17.34
CA SER B 303 9.18 34.42 -16.66
C SER B 303 10.46 34.90 -17.35
N ASN B 304 11.55 34.12 -17.20
CA ASN B 304 12.80 34.37 -17.91
C ASN B 304 13.06 33.30 -18.98
N PHE B 305 11.99 32.83 -19.61
CA PHE B 305 12.10 31.88 -20.71
C PHE B 305 10.89 32.04 -21.61
N ILE B 306 11.02 31.55 -22.84
CA ILE B 306 9.96 31.61 -23.83
C ILE B 306 9.81 30.23 -24.46
N LEU B 307 8.62 29.67 -24.41
CA LEU B 307 8.33 28.39 -25.03
C LEU B 307 7.94 28.62 -26.48
N CYS B 308 8.46 27.77 -27.36
CA CYS B 308 8.11 27.82 -28.77
C CYS B 308 7.56 26.48 -29.23
N GLU B 309 6.38 26.49 -29.86
CA GLU B 309 5.92 25.33 -30.60
C GLU B 309 6.67 25.30 -31.92
N VAL B 310 7.20 24.14 -32.28
CA VAL B 310 8.01 23.97 -33.49
C VAL B 310 7.13 23.42 -34.59
N THR B 311 7.11 24.11 -35.74
CA THR B 311 6.18 23.80 -36.81
C THR B 311 6.95 23.53 -38.12
N SER B 312 6.20 23.48 -39.22
CA SER B 312 6.78 23.45 -40.58
C SER B 312 7.71 22.26 -40.80
N GLY B 313 7.30 21.10 -40.30
CA GLY B 313 8.04 19.87 -40.52
C GLY B 313 9.34 19.76 -39.77
N VAL B 314 9.65 20.69 -38.87
CA VAL B 314 10.93 20.65 -38.16
C VAL B 314 10.81 19.72 -36.96
N ASP B 315 11.82 18.86 -36.78
CA ASP B 315 11.94 17.96 -35.65
C ASP B 315 12.56 18.73 -34.48
N PRO B 316 11.81 18.94 -33.40
CA PRO B 316 12.34 19.72 -32.28
C PRO B 316 13.62 19.13 -31.69
N LYS B 317 13.72 17.80 -31.62
CA LYS B 317 14.91 17.18 -31.06
C LYS B 317 16.12 17.45 -31.94
N LYS B 318 15.95 17.31 -33.26
CA LYS B 318 17.05 17.58 -34.19
C LYS B 318 17.42 19.05 -34.16
N LEU B 319 16.42 19.93 -34.03
CA LEU B 319 16.69 21.35 -33.90
C LEU B 319 17.58 21.62 -32.70
N LYS B 320 17.22 21.08 -31.54
CA LYS B 320 18.03 21.28 -30.34
C LYS B 320 19.43 20.71 -30.51
N GLU B 321 19.55 19.52 -31.12
CA GLU B 321 20.86 18.91 -31.27
C GLU B 321 21.69 19.66 -32.29
N ASP B 322 21.07 20.15 -33.37
CA ASP B 322 21.84 20.92 -34.35
C ASP B 322 22.36 22.21 -33.74
N LEU B 323 21.56 22.87 -32.92
CA LEU B 323 22.01 24.09 -32.27
C LEU B 323 23.11 23.80 -31.26
N ALA B 324 23.01 22.68 -30.56
CA ALA B 324 24.05 22.32 -29.59
C ALA B 324 25.38 22.09 -30.29
N GLU B 325 25.36 21.52 -31.49
CA GLU B 325 26.60 21.32 -32.23
C GLU B 325 27.22 22.63 -32.66
N MET B 326 26.44 23.69 -32.79
CA MET B 326 26.95 25.03 -33.03
C MET B 326 27.26 25.79 -31.75
N GLY B 327 27.10 25.16 -30.59
CA GLY B 327 27.51 25.79 -29.34
C GLY B 327 26.42 26.52 -28.59
N VAL B 328 25.15 26.33 -28.95
CA VAL B 328 24.02 26.98 -28.30
C VAL B 328 23.07 25.92 -27.72
N MET B 329 22.82 26.00 -26.42
CA MET B 329 21.97 25.02 -25.72
C MET B 329 20.60 25.62 -25.44
N ILE B 330 19.56 24.99 -25.99
CA ILE B 330 18.18 25.25 -25.61
C ILE B 330 17.57 23.95 -25.04
N ARG B 331 16.37 24.07 -24.48
CA ARG B 331 15.72 22.96 -23.79
C ARG B 331 14.77 22.21 -24.72
N HIS B 332 14.95 20.90 -24.79
CA HIS B 332 14.05 20.04 -25.53
CA HIS B 332 14.04 20.05 -25.53
C HIS B 332 13.52 18.99 -24.57
N TYR B 333 12.34 18.45 -24.87
CA TYR B 333 11.65 17.55 -23.97
C TYR B 333 11.33 16.23 -24.64
N SER B 334 11.36 15.18 -23.82
CA SER B 334 11.03 13.84 -24.28
C SER B 334 9.60 13.42 -23.95
N ASN B 335 9.01 13.98 -22.90
CA ASN B 335 7.71 13.50 -22.47
C ASN B 335 6.64 13.88 -23.48
N LYS B 336 5.53 13.12 -23.43
CA LYS B 336 4.49 13.26 -24.44
C LYS B 336 3.94 14.68 -24.51
N GLU B 337 3.78 15.34 -23.35
CA GLU B 337 3.13 16.64 -23.32
C GLU B 337 4.01 17.77 -23.85
N LEU B 338 5.32 17.56 -23.94
CA LEU B 338 6.24 18.64 -24.28
C LEU B 338 7.05 18.38 -25.54
N LYS B 339 6.92 17.21 -26.16
CA LYS B 339 7.82 16.82 -27.25
C LYS B 339 7.74 17.76 -28.44
N GLY B 340 6.64 18.50 -28.61
CA GLY B 340 6.47 19.40 -29.73
C GLY B 340 7.05 20.78 -29.55
N TYR B 341 7.65 21.05 -28.41
CA TYR B 341 8.12 22.40 -28.07
C TYR B 341 9.62 22.40 -27.84
N VAL B 342 10.22 23.58 -27.93
CA VAL B 342 11.51 23.87 -27.31
C VAL B 342 11.34 25.09 -26.43
N ARG B 343 12.19 25.23 -25.43
CA ARG B 343 12.15 26.35 -24.51
C ARG B 343 13.48 27.07 -24.52
N VAL B 344 13.44 28.38 -24.73
CA VAL B 344 14.62 29.21 -24.84
C VAL B 344 14.67 30.11 -23.62
N SER B 345 15.73 29.97 -22.82
CA SER B 345 15.90 30.86 -21.69
C SER B 345 16.40 32.22 -22.18
N VAL B 346 16.08 33.25 -21.40
CA VAL B 346 16.53 34.61 -21.68
C VAL B 346 17.93 34.80 -21.11
N GLY B 347 18.87 35.16 -21.98
CA GLY B 347 20.19 35.54 -21.51
C GLY B 347 20.54 37.00 -21.72
N LYS B 348 21.83 37.26 -21.88
CA LYS B 348 22.27 38.58 -22.29
C LYS B 348 21.92 38.82 -23.76
N PRO B 349 21.88 40.08 -24.19
CA PRO B 349 21.57 40.35 -25.61
C PRO B 349 22.49 39.61 -26.55
N GLU B 350 23.77 39.51 -26.20
CA GLU B 350 24.71 38.85 -27.10
CA GLU B 350 24.73 38.83 -27.08
C GLU B 350 24.43 37.35 -27.18
N HIS B 351 23.81 36.77 -26.16
CA HIS B 351 23.42 35.36 -26.21
C HIS B 351 22.28 35.13 -27.18
N THR B 352 21.26 35.99 -27.12
CA THR B 352 20.20 35.97 -28.10
C THR B 352 20.76 36.11 -29.51
N ASP B 353 21.71 37.04 -29.70
CA ASP B 353 22.25 37.26 -31.02
C ASP B 353 22.93 36.01 -31.56
N VAL B 354 23.69 35.31 -30.70
CA VAL B 354 24.33 34.08 -31.14
C VAL B 354 23.28 33.04 -31.49
N LEU B 355 22.24 32.92 -30.66
CA LEU B 355 21.18 31.97 -30.95
C LEU B 355 20.56 32.23 -32.31
N MET B 356 20.24 33.50 -32.60
CA MET B 356 19.60 33.79 -33.88
C MET B 356 20.57 33.56 -35.04
N ASN B 357 21.85 33.87 -34.84
CA ASN B 357 22.84 33.59 -35.88
C ASN B 357 22.89 32.09 -36.19
N CYS B 358 22.83 31.26 -35.16
CA CYS B 358 22.87 29.81 -35.37
C CYS B 358 21.56 29.32 -36.00
N ILE B 359 20.43 29.85 -35.56
CA ILE B 359 19.16 29.52 -36.20
C ILE B 359 19.24 29.78 -37.70
N SER B 360 19.88 30.88 -38.10
CA SER B 360 19.96 31.20 -39.53
C SER B 360 20.79 30.20 -40.32
N ARG B 361 21.68 29.46 -39.67
CA ARG B 361 22.56 28.50 -40.34
C ARG B 361 22.00 27.09 -40.37
N LEU B 362 20.82 26.86 -39.81
CA LEU B 362 20.24 25.54 -39.84
C LEU B 362 19.78 25.20 -41.24
N SER B 363 19.69 23.90 -41.53
CA SER B 363 19.22 23.42 -42.82
C SER B 363 18.41 22.13 -42.66
N SER C 1 -46.03 -15.26 7.68
CA SER C 1 -46.31 -14.38 8.80
C SER C 1 -45.78 -14.97 10.12
N ASN C 2 -45.82 -14.17 11.20
CA ASN C 2 -45.47 -14.71 12.51
C ASN C 2 -46.33 -15.91 12.87
N ALA C 3 -47.64 -15.82 12.61
CA ALA C 3 -48.57 -16.88 13.02
C ALA C 3 -48.48 -18.09 12.09
N ASP C 4 -48.26 -17.87 10.79
CA ASP C 4 -48.22 -18.94 9.79
C ASP C 4 -46.89 -18.78 9.05
N SER C 5 -45.85 -19.43 9.55
CA SER C 5 -44.50 -19.18 9.06
C SER C 5 -44.24 -19.92 7.76
N PHE C 6 -43.47 -19.28 6.88
CA PHE C 6 -42.96 -19.93 5.69
C PHE C 6 -41.75 -20.81 5.95
N ILE C 7 -41.15 -20.69 7.14
CA ILE C 7 -39.89 -21.36 7.45
C ILE C 7 -40.18 -22.83 7.75
N ARG C 8 -39.32 -23.71 7.24
CA ARG C 8 -39.43 -25.14 7.50
C ARG C 8 -39.44 -25.42 9.00
N GLN C 9 -40.24 -26.40 9.41
CA GLN C 9 -40.43 -26.66 10.83
C GLN C 9 -39.11 -26.95 11.54
N HIS C 10 -38.21 -27.71 10.91
CA HIS C 10 -36.99 -28.10 11.63
C HIS C 10 -36.12 -26.88 11.94
N LEU C 11 -36.22 -25.83 11.14
CA LEU C 11 -35.42 -24.64 11.41
C LEU C 11 -36.05 -23.78 12.48
N ARG C 12 -37.38 -23.75 12.58
CA ARG C 12 -38.03 -23.04 13.67
C ARG C 12 -37.67 -23.64 15.02
N LYS C 13 -37.19 -24.88 15.05
CA LYS C 13 -36.80 -25.53 16.28
C LYS C 13 -35.37 -25.20 16.71
N LEU C 14 -34.58 -24.60 15.83
CA LEU C 14 -33.24 -24.20 16.21
C LEU C 14 -33.32 -23.12 17.29
N ALA C 15 -32.31 -23.07 18.15
CA ALA C 15 -32.27 -22.05 19.19
C ALA C 15 -32.15 -20.65 18.58
N PRO C 16 -32.62 -19.62 19.30
CA PRO C 16 -32.48 -18.25 18.80
C PRO C 16 -31.02 -17.95 18.48
N TYR C 17 -30.81 -17.22 17.38
CA TYR C 17 -29.47 -16.76 17.03
C TYR C 17 -28.94 -15.82 18.11
N GLN C 18 -27.67 -16.00 18.48
CA GLN C 18 -27.02 -15.11 19.44
C GLN C 18 -26.10 -14.12 18.71
N PRO C 19 -26.38 -12.82 18.76
CA PRO C 19 -25.52 -11.87 18.06
C PRO C 19 -24.07 -11.94 18.54
N ILE C 20 -23.16 -11.59 17.63
CA ILE C 20 -21.73 -11.62 17.85
C ILE C 20 -21.18 -10.22 17.60
N LEU C 21 -20.45 -9.70 18.57
CA LEU C 21 -19.85 -8.39 18.42
C LEU C 21 -18.67 -8.45 17.44
N PRO C 22 -18.63 -7.59 16.42
CA PRO C 22 -17.45 -7.57 15.54
C PRO C 22 -16.19 -7.28 16.35
N PHE C 23 -15.06 -7.76 15.84
CA PHE C 23 -13.80 -7.60 16.57
C PHE C 23 -13.48 -6.12 16.81
N GLU C 24 -13.72 -5.27 15.81
CA GLU C 24 -13.47 -3.84 15.98
C GLU C 24 -14.30 -3.28 17.12
N VAL C 25 -15.55 -3.75 17.26
CA VAL C 25 -16.41 -3.27 18.33
C VAL C 25 -15.90 -3.77 19.68
N LEU C 26 -15.63 -5.08 19.77
CA LEU C 26 -15.07 -5.64 21.00
C LEU C 26 -13.81 -4.89 21.41
N SER C 27 -12.95 -4.55 20.45
CA SER C 27 -11.72 -3.86 20.79
C SER C 27 -12.00 -2.49 21.38
N SER C 28 -12.93 -1.75 20.78
CA SER C 28 -13.27 -0.42 21.31
C SER C 28 -13.91 -0.53 22.68
N ARG C 29 -14.80 -1.51 22.87
CA ARG C 29 -15.42 -1.70 24.18
C ARG C 29 -14.36 -2.01 25.25
N LEU C 30 -13.26 -2.64 24.84
CA LEU C 30 -12.13 -2.87 25.74
C LEU C 30 -11.20 -1.66 25.81
N GLY C 31 -11.34 -0.70 24.89
CA GLY C 31 -10.53 0.49 24.93
C GLY C 31 -9.15 0.33 24.32
N ARG C 32 -9.00 -0.52 23.30
CA ARG C 32 -7.72 -0.78 22.69
C ARG C 32 -7.88 -0.83 21.17
N LYS C 33 -6.82 -0.49 20.46
CA LYS C 33 -6.82 -0.63 19.01
C LYS C 33 -6.82 -2.12 18.64
N PRO C 34 -7.56 -2.51 17.59
CA PRO C 34 -7.53 -3.92 17.16
C PRO C 34 -6.13 -4.44 16.90
N GLU C 35 -5.23 -3.58 16.40
CA GLU C 35 -3.88 -4.04 16.08
C GLU C 35 -3.08 -4.42 17.30
N ASP C 36 -3.45 -3.89 18.48
CA ASP C 36 -2.68 -4.15 19.70
C ASP C 36 -3.22 -5.31 20.52
N ILE C 37 -4.46 -5.75 20.25
CA ILE C 37 -5.01 -6.91 20.92
C ILE C 37 -4.27 -8.15 20.45
N VAL C 38 -3.88 -9.01 21.39
CA VAL C 38 -3.27 -10.30 21.07
C VAL C 38 -4.42 -11.30 20.95
N LYS C 39 -4.73 -11.68 19.72
CA LYS C 39 -5.93 -12.46 19.42
C LYS C 39 -5.56 -13.92 19.22
N LEU C 40 -5.82 -14.74 20.23
CA LEU C 40 -5.41 -16.14 20.24
C LEU C 40 -6.62 -17.06 20.44
N ASP C 41 -7.76 -16.69 19.85
CA ASP C 41 -9.02 -17.37 20.14
C ASP C 41 -9.68 -18.04 18.95
N ALA C 42 -9.10 -17.96 17.74
CA ALA C 42 -9.77 -18.43 16.53
C ALA C 42 -8.80 -19.15 15.60
N ASN C 43 -7.60 -19.48 16.09
CA ASN C 43 -6.64 -20.27 15.34
C ASN C 43 -6.14 -19.56 14.08
N GLU C 44 -6.24 -18.23 14.05
CA GLU C 44 -5.77 -17.43 12.92
C GLU C 44 -4.26 -17.34 12.98
N ASN C 45 -3.66 -17.16 11.81
CA ASN C 45 -2.21 -17.13 11.68
C ASN C 45 -1.77 -15.67 11.70
N PRO C 46 -1.21 -15.16 12.80
CA PRO C 46 -0.89 -13.72 12.85
C PRO C 46 0.28 -13.31 11.97
N TYR C 47 1.02 -14.26 11.40
CA TYR C 47 2.03 -13.89 10.40
C TYR C 47 1.38 -13.44 9.11
N GLY C 48 0.12 -13.79 8.90
CA GLY C 48 -0.55 -13.50 7.66
C GLY C 48 0.00 -14.30 6.50
N PRO C 49 -0.56 -14.05 5.33
CA PRO C 49 -0.21 -14.83 4.14
C PRO C 49 1.09 -14.33 3.53
N PRO C 50 1.60 -15.03 2.52
CA PRO C 50 2.79 -14.56 1.82
C PRO C 50 2.56 -13.17 1.25
N PRO C 51 3.62 -12.39 1.10
CA PRO C 51 3.45 -11.01 0.60
C PRO C 51 2.88 -10.94 -0.81
N GLU C 52 3.05 -11.99 -1.61
CA GLU C 52 2.44 -12.02 -2.93
C GLU C 52 0.93 -11.83 -2.88
N VAL C 53 0.30 -12.20 -1.77
CA VAL C 53 -1.16 -12.13 -1.70
C VAL C 53 -1.64 -10.69 -1.75
N MET C 54 -1.12 -9.82 -0.88
CA MET C 54 -1.61 -8.45 -0.90
CA MET C 54 -1.58 -8.44 -0.89
C MET C 54 -1.24 -7.75 -2.20
N GLU C 55 -0.09 -8.08 -2.79
CA GLU C 55 0.25 -7.56 -4.11
C GLU C 55 -0.79 -7.95 -5.13
N ALA C 56 -1.24 -9.21 -5.09
CA ALA C 56 -2.22 -9.69 -6.08
C ALA C 56 -3.60 -9.11 -5.81
N LEU C 57 -3.99 -9.00 -4.54
CA LEU C 57 -5.31 -8.45 -4.25
C LEU C 57 -5.41 -6.99 -4.64
N GLY C 58 -4.32 -6.23 -4.53
CA GLY C 58 -4.37 -4.85 -4.98
C GLY C 58 -4.33 -4.66 -6.48
N SER C 59 -4.11 -5.75 -7.23
CA SER C 59 -3.93 -5.68 -8.67
CA SER C 59 -3.94 -5.66 -8.67
C SER C 59 -4.97 -6.49 -9.42
N ILE C 60 -6.06 -6.86 -8.77
CA ILE C 60 -7.16 -7.63 -9.38
C ILE C 60 -7.60 -6.88 -10.63
N ARG C 61 -7.48 -7.54 -11.78
CA ARG C 61 -7.78 -6.89 -13.05
C ARG C 61 -9.28 -6.82 -13.35
N PHE C 62 -10.05 -7.83 -12.97
CA PHE C 62 -11.46 -7.98 -13.38
C PHE C 62 -12.35 -8.19 -12.17
N PRO C 63 -12.41 -7.22 -11.24
CA PRO C 63 -13.34 -7.35 -10.12
C PRO C 63 -14.78 -7.31 -10.55
N TYR C 64 -15.05 -6.77 -11.74
CA TYR C 64 -16.39 -6.61 -12.26
C TYR C 64 -16.87 -7.81 -13.08
N VAL C 65 -16.03 -8.84 -13.24
CA VAL C 65 -16.37 -10.05 -14.00
C VAL C 65 -16.55 -11.22 -13.06
N TYR C 66 -17.55 -12.05 -13.33
CA TYR C 66 -17.78 -13.23 -12.49
C TYR C 66 -16.52 -14.08 -12.41
N PRO C 67 -16.32 -14.81 -11.31
CA PRO C 67 -15.19 -15.75 -11.22
C PRO C 67 -15.38 -16.95 -12.13
N ASP C 68 -14.28 -17.71 -12.28
CA ASP C 68 -14.34 -19.00 -12.95
C ASP C 68 -15.19 -19.96 -12.14
N PRO C 69 -16.32 -20.44 -12.67
CA PRO C 69 -17.16 -21.38 -11.90
C PRO C 69 -16.46 -22.68 -11.57
N GLU C 70 -15.42 -23.04 -12.33
CA GLU C 70 -14.65 -24.26 -12.08
C GLU C 70 -13.38 -24.03 -11.29
N SER C 71 -13.02 -22.79 -10.95
CA SER C 71 -11.82 -22.51 -10.16
C SER C 71 -10.61 -23.28 -10.69
N ARG C 72 -10.45 -23.30 -12.01
CA ARG C 72 -9.52 -24.26 -12.59
C ARG C 72 -8.06 -23.87 -12.37
N ARG C 73 -7.75 -22.58 -12.30
CA ARG C 73 -6.38 -22.15 -12.07
C ARG C 73 -5.89 -22.59 -10.69
N LEU C 74 -6.71 -22.37 -9.67
CA LEU C 74 -6.35 -22.85 -8.34
C LEU C 74 -6.30 -24.38 -8.30
N ARG C 75 -7.27 -25.06 -8.92
CA ARG C 75 -7.21 -26.51 -8.91
C ARG C 75 -5.96 -27.02 -9.61
N ALA C 76 -5.51 -26.37 -10.69
CA ALA C 76 -4.25 -26.79 -11.30
C ALA C 76 -3.07 -26.59 -10.35
N ALA C 77 -3.05 -25.47 -9.60
CA ALA C 77 -1.99 -25.25 -8.64
C ALA C 77 -2.06 -26.26 -7.50
N LEU C 78 -3.26 -26.60 -7.05
CA LEU C 78 -3.39 -27.60 -6.00
C LEU C 78 -2.99 -29.00 -6.50
N ALA C 79 -3.30 -29.31 -7.75
CA ALA C 79 -2.86 -30.58 -8.31
C ALA C 79 -1.34 -30.67 -8.36
N GLN C 80 -0.68 -29.58 -8.77
CA GLN C 80 0.78 -29.58 -8.80
C GLN C 80 1.34 -29.73 -7.40
N ASP C 81 0.69 -29.09 -6.42
CA ASP C 81 1.13 -29.10 -5.02
C ASP C 81 0.91 -30.46 -4.37
N SER C 82 -0.23 -31.10 -4.63
CA SER C 82 -0.62 -32.30 -3.92
C SER C 82 -0.20 -33.58 -4.62
N GLY C 83 0.06 -33.52 -5.93
CA GLY C 83 0.28 -34.72 -6.70
C GLY C 83 -1.00 -35.44 -7.10
N LEU C 84 -2.16 -34.84 -6.85
CA LEU C 84 -3.45 -35.43 -7.17
C LEU C 84 -4.07 -34.63 -8.31
N GLU C 85 -4.54 -35.32 -9.32
CA GLU C 85 -5.08 -34.67 -10.51
C GLU C 85 -6.23 -33.73 -10.14
N SER C 86 -6.34 -32.66 -10.92
CA SER C 86 -7.37 -31.65 -10.69
C SER C 86 -8.78 -32.22 -10.77
N GLU C 87 -8.97 -33.34 -11.49
CA GLU C 87 -10.30 -33.94 -11.61
CA GLU C 87 -10.31 -33.92 -11.60
C GLU C 87 -10.84 -34.42 -10.27
N TYR C 88 -9.99 -34.61 -9.27
CA TYR C 88 -10.42 -35.01 -7.93
C TYR C 88 -10.67 -33.84 -6.98
N ILE C 89 -10.42 -32.60 -7.39
CA ILE C 89 -10.33 -31.49 -6.46
C ILE C 89 -11.50 -30.54 -6.65
N LEU C 90 -12.21 -30.21 -5.58
CA LEU C 90 -13.12 -29.08 -5.58
C LEU C 90 -12.57 -27.95 -4.71
N VAL C 91 -12.89 -26.71 -5.07
CA VAL C 91 -12.61 -25.53 -4.26
C VAL C 91 -13.93 -25.00 -3.71
N GLY C 92 -13.90 -24.60 -2.44
CA GLY C 92 -15.08 -24.06 -1.79
C GLY C 92 -14.79 -22.69 -1.21
N CYS C 93 -15.88 -21.99 -0.93
N CYS C 93 -15.87 -21.94 -0.98
CA CYS C 93 -15.88 -20.73 -0.18
CA CYS C 93 -15.76 -20.67 -0.27
C CYS C 93 -15.58 -21.09 1.26
C CYS C 93 -15.55 -21.00 1.20
N GLY C 94 -14.29 -21.27 1.52
CA GLY C 94 -13.89 -21.96 2.72
C GLY C 94 -14.13 -23.46 2.60
N ALA C 95 -13.44 -24.22 3.45
CA ALA C 95 -13.86 -25.60 3.63
C ALA C 95 -15.28 -25.70 4.16
N ASP C 96 -15.78 -24.66 4.85
CA ASP C 96 -17.17 -24.69 5.31
C ASP C 96 -18.11 -24.98 4.14
N GLU C 97 -17.86 -24.41 2.96
CA GLU C 97 -18.80 -24.63 1.86
C GLU C 97 -18.84 -26.10 1.47
N LEU C 98 -17.69 -26.76 1.51
CA LEU C 98 -17.61 -28.16 1.13
C LEU C 98 -18.24 -29.06 2.18
N ILE C 99 -18.11 -28.74 3.47
CA ILE C 99 -18.82 -29.53 4.49
C ILE C 99 -20.32 -29.50 4.23
N ASP C 100 -20.86 -28.31 4.03
CA ASP C 100 -22.28 -28.16 3.79
C ASP C 100 -22.69 -28.82 2.48
N LEU C 101 -21.88 -28.65 1.43
CA LEU C 101 -22.22 -29.22 0.13
C LEU C 101 -22.32 -30.73 0.20
N ILE C 102 -21.39 -31.36 0.92
CA ILE C 102 -21.45 -32.80 1.08
C ILE C 102 -22.76 -33.20 1.76
N MET C 103 -23.10 -32.54 2.86
CA MET C 103 -24.33 -32.90 3.56
C MET C 103 -25.56 -32.67 2.68
N ARG C 104 -25.62 -31.54 1.98
CA ARG C 104 -26.76 -31.25 1.11
C ARG C 104 -26.93 -32.31 0.03
N CYS C 105 -25.84 -32.90 -0.42
CA CYS C 105 -25.87 -33.85 -1.52
C CYS C 105 -26.04 -35.28 -1.07
N VAL C 106 -25.87 -35.58 0.23
CA VAL C 106 -25.90 -36.96 0.72
C VAL C 106 -27.02 -37.24 1.71
N LEU C 107 -27.45 -36.23 2.43
CA LEU C 107 -28.44 -36.44 3.49
C LEU C 107 -29.80 -35.92 3.09
N ASP C 108 -30.75 -36.85 2.93
CA ASP C 108 -32.15 -36.48 2.94
C ASP C 108 -32.56 -36.15 4.38
N PRO C 109 -33.61 -35.34 4.56
CA PRO C 109 -34.12 -35.11 5.92
C PRO C 109 -34.38 -36.43 6.64
N GLY C 110 -33.92 -36.53 7.88
CA GLY C 110 -34.05 -37.74 8.65
C GLY C 110 -32.91 -38.72 8.54
N ASP C 111 -32.04 -38.55 7.54
CA ASP C 111 -30.89 -39.42 7.43
C ASP C 111 -29.94 -39.12 8.59
N LYS C 112 -29.08 -40.09 8.89
CA LYS C 112 -28.20 -39.99 10.04
C LYS C 112 -26.75 -39.76 9.65
N ILE C 113 -26.05 -39.03 10.51
CA ILE C 113 -24.62 -38.77 10.39
C ILE C 113 -24.02 -39.03 11.77
N VAL C 114 -22.83 -39.60 11.79
CA VAL C 114 -22.08 -39.79 13.03
C VAL C 114 -21.15 -38.60 13.27
N ASP C 115 -21.14 -38.11 14.51
CA ASP C 115 -20.21 -37.08 14.96
C ASP C 115 -19.51 -37.62 16.19
N CYS C 116 -18.25 -37.22 16.37
CA CYS C 116 -17.43 -37.68 17.49
C CYS C 116 -16.97 -36.49 18.33
N PRO C 117 -17.82 -35.99 19.22
CA PRO C 117 -17.48 -34.82 20.04
C PRO C 117 -16.56 -35.19 21.18
N PRO C 118 -15.86 -34.18 21.75
CA PRO C 118 -15.93 -32.76 21.36
C PRO C 118 -15.12 -32.48 20.09
N THR C 119 -15.69 -31.72 19.17
CA THR C 119 -15.05 -31.52 17.87
C THR C 119 -15.58 -30.23 17.28
N PHE C 120 -15.28 -30.01 16.01
CA PHE C 120 -15.64 -28.78 15.31
C PHE C 120 -17.15 -28.62 15.27
N THR C 121 -17.64 -27.46 15.71
CA THR C 121 -19.08 -27.21 15.83
C THR C 121 -19.82 -27.26 14.51
N MET C 122 -19.16 -27.02 13.37
CA MET C 122 -19.90 -26.89 12.13
C MET C 122 -20.52 -28.21 11.67
N TYR C 123 -20.01 -29.38 12.10
CA TYR C 123 -20.65 -30.62 11.66
C TYR C 123 -22.05 -30.74 12.25
N GLU C 124 -22.18 -30.50 13.55
CA GLU C 124 -23.50 -30.54 14.17
C GLU C 124 -24.39 -29.41 13.64
N PHE C 125 -23.85 -28.21 13.46
CA PHE C 125 -24.64 -27.09 12.92
C PHE C 125 -25.17 -27.42 11.53
N ASP C 126 -24.29 -27.85 10.62
CA ASP C 126 -24.74 -28.18 9.27
C ASP C 126 -25.73 -29.32 9.27
N ALA C 127 -25.51 -30.35 10.12
CA ALA C 127 -26.50 -31.43 10.21
C ALA C 127 -27.87 -30.88 10.60
N ALA C 128 -27.93 -30.02 11.60
CA ALA C 128 -29.22 -29.46 12.03
C ALA C 128 -29.88 -28.66 10.91
N VAL C 129 -29.11 -27.81 10.24
CA VAL C 129 -29.69 -26.96 9.19
C VAL C 129 -30.19 -27.81 8.02
N ASN C 130 -29.51 -28.90 7.72
CA ASN C 130 -29.88 -29.82 6.65
C ASN C 130 -30.95 -30.81 7.06
N GLY C 131 -31.41 -30.76 8.30
CA GLY C 131 -32.47 -31.65 8.73
C GLY C 131 -32.07 -33.08 8.99
N ALA C 132 -30.78 -33.34 9.19
CA ALA C 132 -30.28 -34.67 9.46
C ALA C 132 -30.26 -34.90 10.98
N LEU C 133 -30.17 -36.17 11.36
CA LEU C 133 -30.08 -36.57 12.76
C LEU C 133 -28.65 -36.99 13.06
N VAL C 134 -28.10 -36.50 14.15
CA VAL C 134 -26.73 -36.81 14.55
C VAL C 134 -26.73 -37.98 15.53
N ILE C 135 -25.89 -38.97 15.25
CA ILE C 135 -25.58 -40.03 16.21
C ILE C 135 -24.23 -39.68 16.81
N LYS C 136 -24.20 -39.38 18.10
CA LYS C 136 -22.95 -39.01 18.76
C LYS C 136 -22.24 -40.26 19.24
N VAL C 137 -20.96 -40.37 18.92
CA VAL C 137 -20.07 -41.36 19.52
C VAL C 137 -18.93 -40.59 20.16
N PRO C 138 -19.02 -40.30 21.46
CA PRO C 138 -18.06 -39.37 22.07
C PRO C 138 -16.65 -39.92 22.02
N ARG C 139 -15.70 -38.99 21.93
CA ARG C 139 -14.30 -39.32 22.08
C ARG C 139 -14.00 -39.67 23.53
N ARG C 140 -12.92 -40.43 23.72
CA ARG C 140 -12.47 -40.81 25.05
C ARG C 140 -11.87 -39.60 25.75
N PRO C 141 -11.51 -39.73 27.04
CA PRO C 141 -10.99 -38.57 27.76
C PRO C 141 -9.71 -37.98 27.17
N ASP C 142 -8.89 -38.79 26.49
CA ASP C 142 -7.73 -38.27 25.77
C ASP C 142 -8.08 -37.78 24.36
N PHE C 143 -9.37 -37.69 24.02
CA PHE C 143 -9.88 -37.20 22.73
C PHE C 143 -9.69 -38.18 21.60
N SER C 144 -9.25 -39.41 21.88
CA SER C 144 -9.13 -40.41 20.84
C SER C 144 -10.51 -40.98 20.50
N LEU C 145 -10.62 -41.53 19.30
CA LEU C 145 -11.89 -42.07 18.85
C LEU C 145 -12.18 -43.40 19.54
N ASN C 146 -13.47 -43.66 19.74
CA ASN C 146 -13.93 -45.00 20.17
C ASN C 146 -14.28 -45.76 18.89
N VAL C 147 -13.31 -46.45 18.32
CA VAL C 147 -13.53 -47.03 17.00
C VAL C 147 -14.56 -48.15 17.09
N GLU C 148 -14.47 -48.97 18.13
CA GLU C 148 -15.40 -50.09 18.25
C GLU C 148 -16.85 -49.60 18.35
N GLN C 149 -17.09 -48.49 19.05
CA GLN C 149 -18.44 -47.96 19.14
C GLN C 149 -18.89 -47.34 17.82
N ILE C 150 -17.98 -46.67 17.10
CA ILE C 150 -18.31 -46.22 15.74
C ILE C 150 -18.78 -47.40 14.90
N ILE C 151 -18.03 -48.52 14.94
CA ILE C 151 -18.41 -49.68 14.14
C ILE C 151 -19.79 -50.18 14.55
N GLU C 152 -20.04 -50.27 15.86
CA GLU C 152 -21.32 -50.75 16.35
C GLU C 152 -22.47 -49.86 15.90
N VAL C 153 -22.34 -48.54 16.06
CA VAL C 153 -23.46 -47.66 15.72
C VAL C 153 -23.69 -47.66 14.23
N VAL C 154 -22.63 -47.74 13.44
CA VAL C 154 -22.79 -47.73 11.99
C VAL C 154 -23.54 -48.98 11.54
N LYS C 155 -23.17 -50.14 12.08
CA LYS C 155 -23.85 -51.37 11.70
C LYS C 155 -25.31 -51.35 12.14
N GLN C 156 -25.57 -50.76 13.30
CA GLN C 156 -26.93 -50.79 13.82
C GLN C 156 -27.83 -49.74 13.17
N GLU C 157 -27.33 -48.52 12.95
CA GLU C 157 -28.16 -47.38 12.58
C GLU C 157 -28.05 -47.00 11.11
N LYS C 158 -27.09 -47.54 10.38
CA LYS C 158 -26.93 -47.26 8.96
C LYS C 158 -26.85 -45.76 8.67
N PRO C 159 -25.96 -45.03 9.34
CA PRO C 159 -25.75 -43.62 8.97
C PRO C 159 -25.09 -43.52 7.59
N LYS C 160 -25.29 -42.38 6.93
CA LYS C 160 -24.72 -42.18 5.60
C LYS C 160 -23.31 -41.62 5.63
N CYS C 161 -22.92 -40.90 6.67
CA CYS C 161 -21.61 -40.28 6.66
C CYS C 161 -21.13 -40.05 8.08
N ILE C 162 -19.83 -39.78 8.14
CA ILE C 162 -19.11 -39.45 9.38
C ILE C 162 -18.04 -38.43 9.02
N PHE C 163 -17.98 -37.34 9.78
CA PHE C 163 -16.91 -36.36 9.66
C PHE C 163 -15.92 -36.58 10.80
N LEU C 164 -14.63 -36.51 10.47
CA LEU C 164 -13.56 -36.79 11.43
C LEU C 164 -12.47 -35.76 11.25
N THR C 165 -12.24 -34.93 12.27
CA THR C 165 -11.22 -33.90 12.20
C THR C 165 -9.89 -34.47 12.68
N SER C 166 -8.81 -34.23 11.92
CA SER C 166 -7.48 -34.73 12.29
C SER C 166 -6.40 -33.91 11.63
N PRO C 167 -5.63 -33.10 12.39
CA PRO C 167 -5.72 -32.88 13.84
C PRO C 167 -7.09 -32.34 14.29
N ASN C 168 -7.59 -32.83 15.42
CA ASN C 168 -8.92 -32.43 15.85
C ASN C 168 -8.91 -31.01 16.41
N ASN C 169 -10.05 -30.33 16.29
CA ASN C 169 -10.35 -29.08 16.97
C ASN C 169 -11.36 -29.47 18.04
N PRO C 170 -11.08 -29.34 19.34
CA PRO C 170 -10.15 -28.37 19.92
C PRO C 170 -8.86 -28.84 20.57
N ASP C 171 -8.56 -30.13 20.50
CA ASP C 171 -7.42 -30.65 21.25
C ASP C 171 -6.19 -30.93 20.40
N GLY C 172 -6.34 -31.12 19.09
CA GLY C 172 -5.18 -31.28 18.24
C GLY C 172 -4.66 -32.69 18.05
N SER C 173 -5.37 -33.70 18.57
CA SER C 173 -4.92 -35.08 18.38
C SER C 173 -5.23 -35.57 16.97
N ILE C 174 -4.47 -36.56 16.53
CA ILE C 174 -4.64 -37.11 15.20
C ILE C 174 -5.24 -38.50 15.29
N ILE C 175 -5.83 -38.92 14.17
CA ILE C 175 -6.36 -40.27 13.99
C ILE C 175 -5.31 -41.10 13.26
N ASP C 176 -4.93 -42.23 13.83
CA ASP C 176 -3.89 -43.03 13.21
C ASP C 176 -4.46 -43.82 12.01
N ASP C 177 -3.55 -44.36 11.18
CA ASP C 177 -3.98 -44.98 9.92
C ASP C 177 -4.84 -46.20 10.15
N ASP C 178 -4.54 -46.99 11.18
CA ASP C 178 -5.27 -48.24 11.34
C ASP C 178 -6.70 -47.98 11.79
N ASP C 179 -6.91 -46.95 12.64
CA ASP C 179 -8.27 -46.57 12.99
C ASP C 179 -9.02 -46.05 11.76
N LEU C 180 -8.42 -45.14 11.00
CA LEU C 180 -9.07 -44.64 9.80
C LEU C 180 -9.38 -45.76 8.81
N LEU C 181 -8.44 -46.69 8.60
CA LEU C 181 -8.69 -47.80 7.68
C LEU C 181 -9.81 -48.70 8.17
N LYS C 182 -9.90 -48.92 9.49
CA LYS C 182 -11.00 -49.72 10.04
C LYS C 182 -12.34 -49.06 9.72
N ILE C 183 -12.42 -47.75 9.89
CA ILE C 183 -13.66 -47.04 9.64
C ILE C 183 -13.97 -47.04 8.15
N LEU C 184 -12.95 -46.94 7.30
CA LEU C 184 -13.18 -46.96 5.85
C LEU C 184 -13.71 -48.28 5.35
N GLU C 185 -13.55 -49.38 6.11
CA GLU C 185 -14.15 -50.64 5.72
C GLU C 185 -15.67 -50.64 5.82
N LEU C 186 -16.26 -49.66 6.54
CA LEU C 186 -17.69 -49.63 6.77
C LEU C 186 -18.38 -48.99 5.57
N PRO C 187 -19.64 -49.33 5.34
CA PRO C 187 -20.44 -48.76 4.23
C PRO C 187 -20.96 -47.37 4.57
N ILE C 188 -20.02 -46.44 4.71
CA ILE C 188 -20.30 -45.08 5.14
C ILE C 188 -19.33 -44.16 4.43
N LEU C 189 -19.76 -42.92 4.18
CA LEU C 189 -18.90 -41.90 3.59
C LEU C 189 -18.11 -41.23 4.71
N VAL C 190 -16.79 -41.33 4.63
CA VAL C 190 -15.88 -40.79 5.65
C VAL C 190 -15.29 -39.50 5.11
N VAL C 191 -15.50 -38.40 5.82
CA VAL C 191 -14.93 -37.09 5.46
C VAL C 191 -13.85 -36.77 6.49
N LEU C 192 -12.60 -36.86 6.06
CA LEU C 192 -11.46 -36.55 6.91
C LEU C 192 -11.11 -35.07 6.75
N ASP C 193 -11.25 -34.33 7.84
CA ASP C 193 -11.05 -32.88 7.82
C ASP C 193 -9.62 -32.57 8.30
N GLU C 194 -8.73 -32.31 7.34
CA GLU C 194 -7.31 -32.01 7.56
C GLU C 194 -7.06 -30.50 7.59
N ALA C 195 -8.00 -29.71 8.13
CA ALA C 195 -7.81 -28.26 8.22
C ALA C 195 -6.46 -27.87 8.82
N TYR C 196 -5.95 -28.65 9.79
CA TYR C 196 -4.73 -28.28 10.51
C TYR C 196 -3.53 -29.21 10.20
N ILE C 197 -3.59 -29.97 9.11
CA ILE C 197 -2.60 -31.04 8.90
C ILE C 197 -1.20 -30.49 8.68
N GLU C 198 -1.06 -29.26 8.19
CA GLU C 198 0.27 -28.75 7.91
C GLU C 198 1.13 -28.56 9.16
N PHE C 199 0.50 -28.40 10.32
CA PHE C 199 1.19 -28.24 11.59
C PHE C 199 1.66 -29.56 12.18
N SER C 200 1.35 -30.68 11.54
CA SER C 200 1.81 -31.98 12.01
C SER C 200 2.87 -32.54 11.07
N THR C 201 3.50 -33.63 11.50
CA THR C 201 4.41 -34.36 10.62
C THR C 201 3.72 -35.48 9.86
N ILE C 202 2.40 -35.61 10.01
CA ILE C 202 1.63 -36.61 9.28
C ILE C 202 1.31 -36.05 7.89
N GLU C 203 1.52 -36.87 6.88
CA GLU C 203 1.23 -36.43 5.52
C GLU C 203 -0.28 -36.35 5.29
N SER C 204 -0.67 -35.45 4.39
CA SER C 204 -2.05 -35.41 3.92
C SER C 204 -2.42 -36.73 3.24
N LYS C 205 -3.66 -37.14 3.45
CA LYS C 205 -4.20 -38.34 2.84
C LYS C 205 -5.02 -38.07 1.59
N MET C 206 -4.86 -36.89 0.96
CA MET C 206 -5.62 -36.59 -0.25
C MET C 206 -5.54 -37.70 -1.30
N SER C 207 -4.34 -38.27 -1.51
CA SER C 207 -4.19 -39.28 -2.55
CA SER C 207 -4.17 -39.30 -2.53
C SER C 207 -4.92 -40.58 -2.21
N TRP C 208 -5.28 -40.79 -0.94
CA TRP C 208 -6.05 -41.99 -0.58
C TRP C 208 -7.40 -42.05 -1.29
N VAL C 209 -7.96 -40.91 -1.72
CA VAL C 209 -9.26 -40.94 -2.38
C VAL C 209 -9.23 -41.77 -3.65
N LYS C 210 -8.06 -41.96 -4.27
CA LYS C 210 -7.99 -42.81 -5.46
C LYS C 210 -8.20 -44.29 -5.13
N LYS C 211 -7.97 -44.70 -3.88
CA LYS C 211 -8.15 -46.08 -3.47
C LYS C 211 -9.40 -46.32 -2.63
N HIS C 212 -10.09 -45.27 -2.19
CA HIS C 212 -11.24 -45.40 -1.31
C HIS C 212 -12.35 -44.50 -1.84
N ASP C 213 -13.37 -45.11 -2.46
CA ASP C 213 -14.45 -44.30 -3.02
C ASP C 213 -15.44 -43.82 -1.96
N ASN C 214 -15.15 -44.11 -0.69
CA ASN C 214 -15.91 -43.58 0.43
C ASN C 214 -15.06 -42.68 1.33
N LEU C 215 -14.02 -42.04 0.79
CA LEU C 215 -13.19 -41.10 1.54
C LEU C 215 -13.17 -39.78 0.80
N ILE C 216 -13.44 -38.69 1.54
CA ILE C 216 -13.20 -37.32 1.12
C ILE C 216 -12.19 -36.73 2.10
N VAL C 217 -11.28 -35.89 1.60
CA VAL C 217 -10.29 -35.24 2.43
C VAL C 217 -10.41 -33.72 2.21
N LEU C 218 -10.66 -32.97 3.30
CA LEU C 218 -10.83 -31.52 3.22
C LEU C 218 -9.62 -30.77 3.78
N ARG C 219 -9.34 -29.61 3.18
CA ARG C 219 -8.21 -28.77 3.49
C ARG C 219 -8.65 -27.31 3.46
N THR C 220 -7.79 -26.41 3.91
CA THR C 220 -8.16 -24.99 3.91
C THR C 220 -6.94 -24.11 3.72
N PHE C 221 -7.20 -22.87 3.28
CA PHE C 221 -6.20 -21.78 3.30
C PHE C 221 -6.37 -20.86 4.50
N SER C 222 -7.33 -21.14 5.38
CA SER C 222 -7.68 -20.21 6.44
C SER C 222 -6.70 -20.17 7.60
N LYS C 223 -5.85 -21.19 7.77
CA LYS C 223 -5.08 -21.35 9.00
C LYS C 223 -3.61 -21.21 8.67
N ARG C 224 -2.89 -22.28 8.30
CA ARG C 224 -1.49 -22.13 7.92
C ARG C 224 -1.27 -21.01 6.91
N ALA C 225 -2.12 -20.92 5.87
CA ALA C 225 -1.87 -19.97 4.79
C ALA C 225 -2.36 -18.57 5.08
N GLY C 226 -3.01 -18.34 6.23
CA GLY C 226 -3.35 -16.99 6.64
C GLY C 226 -4.38 -16.29 5.78
N LEU C 227 -5.36 -17.03 5.26
CA LEU C 227 -6.36 -16.44 4.36
C LEU C 227 -7.79 -16.59 4.88
N ALA C 228 -7.98 -16.63 6.21
CA ALA C 228 -9.32 -16.88 6.75
C ALA C 228 -10.35 -15.87 6.24
N GLY C 229 -9.93 -14.62 6.04
CA GLY C 229 -10.86 -13.60 5.60
C GLY C 229 -11.29 -13.73 4.15
N LEU C 230 -10.47 -14.39 3.32
CA LEU C 230 -10.75 -14.47 1.89
C LEU C 230 -11.65 -15.64 1.47
N ARG C 231 -11.84 -16.65 2.33
CA ARG C 231 -12.82 -17.72 2.16
C ARG C 231 -12.44 -18.66 1.01
N VAL C 232 -11.45 -19.49 1.24
CA VAL C 232 -10.98 -20.41 0.22
C VAL C 232 -10.47 -21.69 0.86
N GLY C 233 -11.15 -22.79 0.56
CA GLY C 233 -10.73 -24.12 0.96
C GLY C 233 -10.90 -25.09 -0.19
N TYR C 234 -10.56 -26.35 0.07
CA TYR C 234 -10.55 -27.33 -1.01
C TYR C 234 -10.65 -28.73 -0.45
N GLY C 235 -10.89 -29.68 -1.34
CA GLY C 235 -10.94 -31.08 -0.94
C GLY C 235 -10.65 -32.01 -2.08
N ALA C 236 -10.30 -33.24 -1.70
CA ALA C 236 -10.12 -34.35 -2.62
C ALA C 236 -11.32 -35.29 -2.49
N PHE C 237 -11.89 -35.66 -3.63
CA PHE C 237 -13.14 -36.40 -3.71
C PHE C 237 -13.01 -37.55 -4.70
N PRO C 238 -13.59 -38.71 -4.42
CA PRO C 238 -13.62 -39.78 -5.41
C PRO C 238 -14.36 -39.30 -6.65
N LEU C 239 -13.95 -39.83 -7.81
CA LEU C 239 -14.55 -39.39 -9.07
C LEU C 239 -16.05 -39.69 -9.14
N SER C 240 -16.47 -40.82 -8.55
CA SER C 240 -17.89 -41.19 -8.53
C SER C 240 -18.74 -40.26 -7.69
N ILE C 241 -18.16 -39.56 -6.72
CA ILE C 241 -18.90 -38.57 -5.95
C ILE C 241 -18.77 -37.18 -6.58
N ILE C 242 -17.57 -36.80 -7.02
CA ILE C 242 -17.39 -35.42 -7.46
C ILE C 242 -18.26 -35.08 -8.67
N LYS C 243 -18.55 -36.05 -9.53
CA LYS C 243 -19.36 -35.71 -10.70
C LYS C 243 -20.73 -35.15 -10.29
N TYR C 244 -21.29 -35.68 -9.20
CA TYR C 244 -22.59 -35.19 -8.74
C TYR C 244 -22.46 -33.90 -7.95
N LEU C 245 -21.40 -33.77 -7.14
CA LEU C 245 -21.21 -32.54 -6.39
C LEU C 245 -21.02 -31.35 -7.32
N TRP C 246 -20.32 -31.54 -8.44
CA TRP C 246 -20.16 -30.44 -9.40
C TRP C 246 -21.53 -29.97 -9.90
N ARG C 247 -22.44 -30.90 -10.15
CA ARG C 247 -23.72 -30.52 -10.71
C ARG C 247 -24.55 -29.72 -9.72
N ALA C 248 -24.40 -29.97 -8.42
CA ALA C 248 -25.20 -29.31 -7.40
C ALA C 248 -24.55 -28.08 -6.79
N LYS C 249 -23.26 -27.87 -7.04
CA LYS C 249 -22.52 -26.79 -6.43
C LYS C 249 -22.96 -25.45 -7.02
N GLN C 250 -23.06 -24.45 -6.15
CA GLN C 250 -23.39 -23.12 -6.65
C GLN C 250 -22.28 -22.66 -7.58
N PRO C 251 -22.64 -21.94 -8.65
CA PRO C 251 -21.63 -21.69 -9.69
C PRO C 251 -20.53 -20.74 -9.26
N TYR C 252 -20.81 -19.73 -8.41
CA TYR C 252 -19.88 -18.62 -8.23
C TYR C 252 -19.56 -18.28 -6.77
N ASN C 253 -19.65 -19.22 -5.83
CA ASN C 253 -19.35 -18.85 -4.44
C ASN C 253 -17.87 -18.59 -4.18
N VAL C 254 -16.99 -19.20 -4.99
CA VAL C 254 -15.55 -18.97 -4.89
C VAL C 254 -15.22 -17.68 -5.62
N SER C 255 -14.91 -16.63 -4.89
CA SER C 255 -14.74 -15.30 -5.48
C SER C 255 -13.42 -15.20 -6.24
N VAL C 256 -13.31 -14.13 -7.02
CA VAL C 256 -12.04 -13.82 -7.67
CA VAL C 256 -12.04 -13.83 -7.67
C VAL C 256 -10.95 -13.57 -6.63
N ALA C 257 -11.27 -12.86 -5.55
CA ALA C 257 -10.28 -12.58 -4.53
C ALA C 257 -9.82 -13.85 -3.83
N ALA C 258 -10.73 -14.79 -3.59
CA ALA C 258 -10.38 -16.08 -3.01
C ALA C 258 -9.43 -16.85 -3.93
N GLU C 259 -9.76 -16.96 -5.22
CA GLU C 259 -8.91 -17.74 -6.11
C GLU C 259 -7.55 -17.07 -6.32
N ILE C 260 -7.53 -15.75 -6.53
CA ILE C 260 -6.26 -15.03 -6.73
C ILE C 260 -5.37 -15.13 -5.49
N SER C 261 -5.95 -14.95 -4.31
CA SER C 261 -5.14 -14.99 -3.09
CA SER C 261 -5.14 -14.99 -3.09
C SER C 261 -4.55 -16.38 -2.86
N ALA C 262 -5.35 -17.43 -3.04
CA ALA C 262 -4.83 -18.78 -2.82
C ALA C 262 -3.74 -19.12 -3.84
N CYS C 263 -3.95 -18.78 -5.12
CA CYS C 263 -2.89 -19.02 -6.11
C CYS C 263 -1.62 -18.26 -5.75
N ALA C 264 -1.75 -17.01 -5.33
CA ALA C 264 -0.57 -16.22 -4.95
C ALA C 264 0.15 -16.83 -3.77
N ALA C 265 -0.60 -17.32 -2.78
CA ALA C 265 0.02 -17.94 -1.61
C ALA C 265 0.83 -19.16 -2.01
N LEU C 266 0.32 -19.96 -2.96
CA LEU C 266 1.02 -21.16 -3.37
C LEU C 266 2.28 -20.85 -4.18
N GLN C 267 2.41 -19.62 -4.68
CA GLN C 267 3.63 -19.22 -5.37
CA GLN C 267 3.65 -19.25 -5.37
C GLN C 267 4.81 -19.02 -4.42
N ASN C 268 4.59 -19.04 -3.10
CA ASN C 268 5.64 -18.81 -2.11
C ASN C 268 5.67 -19.98 -1.12
N PRO C 269 6.05 -21.16 -1.60
CA PRO C 269 6.16 -22.30 -0.66
C PRO C 269 7.16 -22.07 0.45
N THR C 270 8.23 -21.30 0.22
CA THR C 270 9.20 -21.05 1.28
C THR C 270 8.55 -20.33 2.44
N TYR C 271 7.81 -19.25 2.16
CA TYR C 271 7.09 -18.54 3.21
C TYR C 271 6.12 -19.47 3.93
N LEU C 272 5.34 -20.24 3.18
CA LEU C 272 4.36 -21.13 3.81
C LEU C 272 5.03 -22.14 4.73
N GLU C 273 6.19 -22.67 4.31
CA GLU C 273 6.92 -23.61 5.17
C GLU C 273 7.50 -22.88 6.39
N ASN C 274 8.07 -21.69 6.17
CA ASN C 274 8.70 -20.95 7.26
C ASN C 274 7.69 -20.57 8.34
N VAL C 275 6.53 -20.06 7.93
CA VAL C 275 5.55 -19.67 8.95
C VAL C 275 5.05 -20.89 9.70
N LYS C 276 4.83 -22.00 8.98
CA LYS C 276 4.41 -23.23 9.62
C LYS C 276 5.45 -23.68 10.64
N ASP C 277 6.73 -23.65 10.28
CA ASP C 277 7.77 -24.08 11.20
C ASP C 277 7.85 -23.19 12.42
N ALA C 278 7.64 -21.88 12.23
CA ALA C 278 7.70 -20.95 13.34
C ALA C 278 6.56 -21.22 14.32
N LEU C 279 5.37 -21.52 13.80
CA LEU C 279 4.24 -21.81 14.67
C LEU C 279 4.42 -23.15 15.37
N VAL C 280 4.97 -24.15 14.68
CA VAL C 280 5.22 -25.44 15.31
C VAL C 280 6.23 -25.29 16.44
N LYS C 281 7.31 -24.54 16.20
CA LYS C 281 8.28 -24.30 17.26
C LYS C 281 7.66 -23.58 18.43
N GLU C 282 6.84 -22.55 18.17
CA GLU C 282 6.21 -21.83 19.27
C GLU C 282 5.20 -22.69 20.00
N ARG C 283 4.51 -23.60 19.32
CA ARG C 283 3.58 -24.50 20.00
C ARG C 283 4.28 -25.27 21.12
N GLY C 284 5.49 -25.77 20.86
CA GLY C 284 6.20 -26.49 21.90
C GLY C 284 6.59 -25.59 23.06
N ARG C 285 7.04 -24.37 22.77
CA ARG C 285 7.38 -23.42 23.82
C ARG C 285 6.16 -23.07 24.66
N LEU C 286 5.04 -22.80 24.00
CA LEU C 286 3.80 -22.43 24.66
C LEU C 286 3.29 -23.58 25.52
N PHE C 287 3.35 -24.80 25.00
CA PHE C 287 2.87 -25.95 25.76
C PHE C 287 3.61 -26.05 27.10
N ASP C 288 4.93 -25.95 27.08
CA ASP C 288 5.68 -26.05 28.32
C ASP C 288 5.33 -24.93 29.28
N LEU C 289 5.14 -23.71 28.77
CA LEU C 289 4.78 -22.59 29.63
C LEU C 289 3.40 -22.80 30.25
N LEU C 290 2.42 -23.23 29.45
CA LEU C 290 1.08 -23.47 29.99
C LEU C 290 1.08 -24.62 30.98
N LYS C 291 1.89 -25.65 30.73
CA LYS C 291 1.94 -26.79 31.65
C LYS C 291 2.39 -26.36 33.04
N ALA C 292 3.22 -25.31 33.13
CA ALA C 292 3.72 -24.84 34.41
C ALA C 292 2.69 -24.01 35.19
N VAL C 293 1.61 -23.56 34.54
CA VAL C 293 0.57 -22.80 35.22
C VAL C 293 -0.17 -23.78 36.12
N PRO C 294 -0.26 -23.53 37.42
CA PRO C 294 -0.82 -24.55 38.31
C PRO C 294 -2.26 -24.93 38.01
N PHE C 295 -3.06 -24.03 37.44
CA PHE C 295 -4.47 -24.29 37.20
C PHE C 295 -4.80 -24.63 35.74
N LEU C 296 -3.80 -24.93 34.93
CA LEU C 296 -4.04 -25.35 33.56
C LEU C 296 -3.38 -26.69 33.29
N LYS C 297 -4.09 -27.55 32.57
CA LYS C 297 -3.60 -28.87 32.15
C LYS C 297 -3.68 -28.91 30.63
N PRO C 298 -2.60 -28.60 29.91
CA PRO C 298 -2.65 -28.63 28.45
C PRO C 298 -2.56 -30.04 27.90
N PHE C 299 -3.23 -30.24 26.75
CA PHE C 299 -3.27 -31.48 26.00
C PHE C 299 -2.25 -31.43 24.86
N PRO C 300 -1.63 -32.56 24.54
CA PRO C 300 -0.68 -32.59 23.42
C PRO C 300 -1.41 -32.32 22.11
N SER C 301 -0.74 -31.61 21.20
CA SER C 301 -1.40 -31.11 20.00
C SER C 301 -0.50 -31.20 18.79
N HIS C 302 -1.11 -31.51 17.64
CA HIS C 302 -0.48 -31.49 16.33
C HIS C 302 -0.92 -30.30 15.50
N SER C 303 -1.69 -29.38 16.07
CA SER C 303 -2.28 -28.27 15.32
C SER C 303 -1.56 -26.95 15.66
N ASN C 304 -2.25 -25.83 15.45
CA ASN C 304 -1.77 -24.51 15.85
C ASN C 304 -2.53 -23.98 17.06
N PHE C 305 -2.98 -24.88 17.94
CA PHE C 305 -3.67 -24.48 19.17
C PHE C 305 -3.48 -25.55 20.25
N ILE C 306 -3.64 -25.13 21.49
CA ILE C 306 -3.49 -26.01 22.65
C ILE C 306 -4.73 -25.89 23.51
N LEU C 307 -5.40 -27.00 23.77
CA LEU C 307 -6.51 -27.02 24.70
C LEU C 307 -6.00 -27.20 26.12
N CYS C 308 -6.60 -26.49 27.07
CA CYS C 308 -6.23 -26.61 28.49
C CYS C 308 -7.47 -26.91 29.31
N GLU C 309 -7.43 -27.98 30.10
CA GLU C 309 -8.39 -28.15 31.19
C GLU C 309 -8.07 -27.13 32.27
N VAL C 310 -9.08 -26.43 32.74
CA VAL C 310 -8.93 -25.43 33.79
C VAL C 310 -9.27 -26.09 35.12
N THR C 311 -8.34 -26.07 36.06
CA THR C 311 -8.50 -26.82 37.30
C THR C 311 -8.44 -25.90 38.52
N SER C 312 -8.39 -26.52 39.70
CA SER C 312 -8.11 -25.81 40.96
C SER C 312 -9.20 -24.80 41.29
N GLY C 313 -10.44 -25.09 40.87
CA GLY C 313 -11.54 -24.21 41.17
C GLY C 313 -11.57 -22.91 40.41
N VAL C 314 -10.71 -22.73 39.42
CA VAL C 314 -10.68 -21.49 38.65
C VAL C 314 -11.85 -21.47 37.68
N ASP C 315 -12.54 -20.33 37.61
CA ASP C 315 -13.66 -20.16 36.69
C ASP C 315 -13.14 -19.88 35.28
N PRO C 316 -13.39 -20.76 34.30
CA PRO C 316 -12.83 -20.52 32.96
C PRO C 316 -13.37 -19.28 32.26
N LYS C 317 -14.65 -18.94 32.50
CA LYS C 317 -15.22 -17.75 31.87
C LYS C 317 -14.59 -16.48 32.43
N LYS C 318 -14.45 -16.40 33.75
CA LYS C 318 -13.77 -15.26 34.36
C LYS C 318 -12.32 -15.19 33.92
N LEU C 319 -11.65 -16.34 33.81
CA LEU C 319 -10.28 -16.37 33.30
C LEU C 319 -10.21 -15.70 31.94
N LYS C 320 -11.07 -16.12 31.01
CA LYS C 320 -11.02 -15.54 29.68
C LYS C 320 -11.34 -14.06 29.71
N GLU C 321 -12.29 -13.67 30.56
CA GLU C 321 -12.69 -12.27 30.62
C GLU C 321 -11.59 -11.41 31.23
N ASP C 322 -10.96 -11.89 32.30
CA ASP C 322 -9.86 -11.15 32.91
C ASP C 322 -8.70 -10.98 31.95
N LEU C 323 -8.37 -12.04 31.20
CA LEU C 323 -7.29 -11.95 30.22
C LEU C 323 -7.65 -10.95 29.13
N ALA C 324 -8.91 -10.95 28.70
CA ALA C 324 -9.33 -10.02 27.65
C ALA C 324 -9.16 -8.58 28.11
N GLU C 325 -9.48 -8.31 29.38
CA GLU C 325 -9.31 -6.95 29.91
C GLU C 325 -7.86 -6.52 29.90
N MET C 326 -6.92 -7.46 29.89
CA MET C 326 -5.50 -7.13 29.83
C MET C 326 -4.97 -7.13 28.40
N GLY C 327 -5.79 -7.47 27.43
CA GLY C 327 -5.44 -7.36 26.03
C GLY C 327 -5.13 -8.62 25.29
N VAL C 328 -5.49 -9.80 25.83
CA VAL C 328 -5.22 -11.07 25.18
C VAL C 328 -6.52 -11.89 25.14
N MET C 329 -6.90 -12.34 23.94
CA MET C 329 -8.14 -13.07 23.74
CA MET C 329 -8.14 -13.07 23.73
C MET C 329 -7.85 -14.55 23.55
N ILE C 330 -8.47 -15.40 24.37
CA ILE C 330 -8.41 -16.84 24.21
C ILE C 330 -9.84 -17.36 24.09
N ARG C 331 -9.97 -18.64 23.74
CA ARG C 331 -11.28 -19.24 23.47
C ARG C 331 -11.82 -19.88 24.74
N HIS C 332 -13.01 -19.45 25.16
CA HIS C 332 -13.75 -20.13 26.20
CA HIS C 332 -13.77 -20.08 26.21
C HIS C 332 -15.01 -20.71 25.59
N TYR C 333 -15.56 -21.72 26.27
CA TYR C 333 -16.70 -22.47 25.76
C TYR C 333 -17.89 -22.38 26.71
N SER C 334 -19.07 -22.18 26.14
CA SER C 334 -20.31 -22.21 26.91
C SER C 334 -20.94 -23.60 26.93
N ASN C 335 -20.78 -24.38 25.87
CA ASN C 335 -21.40 -25.69 25.79
C ASN C 335 -20.91 -26.57 26.94
N LYS C 336 -21.76 -27.54 27.31
CA LYS C 336 -21.48 -28.36 28.48
C LYS C 336 -20.21 -29.20 28.29
N GLU C 337 -19.98 -29.68 27.07
CA GLU C 337 -18.89 -30.63 26.85
C GLU C 337 -17.53 -29.99 27.08
N LEU C 338 -17.41 -28.67 26.87
CA LEU C 338 -16.12 -27.99 26.92
C LEU C 338 -16.07 -26.82 27.89
N LYS C 339 -17.13 -26.62 28.66
CA LYS C 339 -17.23 -25.47 29.57
C LYS C 339 -16.00 -25.33 30.48
N GLY C 340 -15.43 -26.43 30.91
CA GLY C 340 -14.30 -26.40 31.82
C GLY C 340 -12.94 -26.28 31.16
N TYR C 341 -12.89 -25.96 29.86
CA TYR C 341 -11.64 -25.85 29.12
C TYR C 341 -11.53 -24.48 28.47
N VAL C 342 -10.30 -24.07 28.20
CA VAL C 342 -10.00 -22.96 27.30
C VAL C 342 -9.06 -23.46 26.21
N ARG C 343 -9.13 -22.84 25.04
CA ARG C 343 -8.23 -23.16 23.95
C ARG C 343 -7.40 -21.94 23.60
N VAL C 344 -6.08 -22.14 23.51
CA VAL C 344 -5.13 -21.06 23.25
C VAL C 344 -4.51 -21.33 21.89
N SER C 345 -4.70 -20.39 20.95
CA SER C 345 -4.07 -20.51 19.65
C SER C 345 -2.62 -20.08 19.75
N VAL C 346 -1.78 -20.65 18.88
CA VAL C 346 -0.36 -20.34 18.84
C VAL C 346 -0.14 -19.14 17.94
N GLY C 347 0.58 -18.14 18.45
CA GLY C 347 0.95 -16.98 17.66
C GLY C 347 2.44 -16.78 17.55
N LYS C 348 2.86 -15.52 17.45
CA LYS C 348 4.27 -15.18 17.45
C LYS C 348 4.85 -15.30 18.85
N PRO C 349 6.19 -15.37 18.97
CA PRO C 349 6.79 -15.45 20.31
C PRO C 349 6.33 -14.33 21.25
N GLU C 350 6.21 -13.11 20.73
CA GLU C 350 5.77 -12.00 21.58
C GLU C 350 4.34 -12.19 22.03
N HIS C 351 3.54 -12.97 21.30
CA HIS C 351 2.16 -13.19 21.70
C HIS C 351 2.09 -14.13 22.90
N THR C 352 2.90 -15.18 22.88
CA THR C 352 3.05 -16.03 24.04
C THR C 352 3.54 -15.23 25.23
N ASP C 353 4.51 -14.34 25.00
CA ASP C 353 5.02 -13.50 26.10
C ASP C 353 3.89 -12.68 26.73
N VAL C 354 3.03 -12.07 25.91
CA VAL C 354 1.92 -11.30 26.44
C VAL C 354 0.98 -12.20 27.23
N LEU C 355 0.63 -13.35 26.68
CA LEU C 355 -0.28 -14.25 27.39
C LEU C 355 0.28 -14.65 28.76
N MET C 356 1.55 -15.05 28.81
CA MET C 356 2.10 -15.51 30.08
C MET C 356 2.23 -14.36 31.06
N ASN C 357 2.58 -13.16 30.58
CA ASN C 357 2.63 -11.99 31.43
C ASN C 357 1.27 -11.71 32.05
N CYS C 358 0.22 -11.84 31.24
CA CYS C 358 -1.13 -11.54 31.72
C CYS C 358 -1.59 -12.61 32.69
N ILE C 359 -1.29 -13.88 32.41
CA ILE C 359 -1.63 -14.96 33.33
C ILE C 359 -1.03 -14.70 34.71
N SER C 360 0.22 -14.26 34.76
CA SER C 360 0.87 -14.00 36.04
CA SER C 360 0.85 -14.03 36.06
C SER C 360 0.22 -12.86 36.81
N ARG C 361 -0.47 -11.96 36.12
CA ARG C 361 -1.10 -10.81 36.77
C ARG C 361 -2.53 -11.10 37.22
N LEU C 362 -3.03 -12.31 36.99
CA LEU C 362 -4.38 -12.65 37.38
C LEU C 362 -4.49 -12.72 38.90
N SER C 363 -5.70 -12.49 39.40
CA SER C 363 -5.98 -12.53 40.84
C SER C 363 -6.88 -13.73 41.16
N ASP D 4 -25.27 -48.10 -6.92
CA ASP D 4 -25.24 -47.59 -5.55
C ASP D 4 -24.42 -46.30 -5.49
N SER D 5 -24.75 -45.43 -4.54
CA SER D 5 -24.13 -44.13 -4.44
C SER D 5 -24.59 -43.51 -3.13
N PHE D 6 -23.75 -42.68 -2.53
CA PHE D 6 -24.13 -41.90 -1.35
C PHE D 6 -24.99 -40.68 -1.70
N ILE D 7 -25.13 -40.39 -2.99
CA ILE D 7 -25.78 -39.15 -3.43
C ILE D 7 -27.29 -39.34 -3.33
N ARG D 8 -27.97 -38.31 -2.80
CA ARG D 8 -29.41 -38.29 -2.70
C ARG D 8 -30.07 -38.55 -4.06
N GLN D 9 -31.15 -39.32 -4.06
CA GLN D 9 -31.76 -39.78 -5.30
C GLN D 9 -32.11 -38.61 -6.23
N HIS D 10 -32.70 -37.54 -5.68
CA HIS D 10 -33.16 -36.46 -6.54
C HIS D 10 -32.02 -35.75 -7.25
N LEU D 11 -30.79 -35.91 -6.79
CA LEU D 11 -29.64 -35.25 -7.40
C LEU D 11 -29.04 -36.09 -8.52
N ARG D 12 -29.45 -37.36 -8.65
CA ARG D 12 -28.82 -38.23 -9.62
C ARG D 12 -29.22 -37.84 -11.03
N LYS D 13 -30.39 -37.21 -11.19
CA LYS D 13 -30.87 -36.77 -12.50
C LYS D 13 -30.88 -35.26 -12.64
N LEU D 14 -30.12 -34.56 -11.81
CA LEU D 14 -30.16 -33.11 -11.82
C LEU D 14 -29.52 -32.58 -13.11
N ALA D 15 -30.23 -31.67 -13.78
CA ALA D 15 -29.66 -30.96 -14.92
C ALA D 15 -28.78 -29.81 -14.43
N PRO D 16 -27.52 -29.74 -14.85
CA PRO D 16 -26.62 -28.72 -14.30
C PRO D 16 -26.95 -27.34 -14.83
N TYR D 17 -26.57 -26.34 -14.04
CA TYR D 17 -26.58 -24.97 -14.50
C TYR D 17 -25.52 -24.77 -15.59
N GLN D 18 -25.81 -23.83 -16.51
CA GLN D 18 -24.89 -23.48 -17.59
C GLN D 18 -24.26 -22.12 -17.32
N PRO D 19 -23.13 -22.06 -16.62
CA PRO D 19 -22.56 -20.78 -16.23
C PRO D 19 -21.78 -20.15 -17.37
N ILE D 20 -21.42 -18.90 -17.16
CA ILE D 20 -20.61 -18.15 -18.10
C ILE D 20 -19.19 -18.20 -17.60
N LEU D 21 -18.26 -17.91 -18.51
CA LEU D 21 -16.84 -18.07 -18.25
C LEU D 21 -16.13 -16.73 -18.30
N PRO D 22 -15.11 -16.56 -17.45
CA PRO D 22 -14.45 -15.25 -17.29
C PRO D 22 -13.38 -15.02 -18.35
N PHE D 23 -12.80 -13.83 -18.35
CA PHE D 23 -11.82 -13.48 -19.39
C PHE D 23 -10.66 -14.48 -19.46
N GLU D 24 -10.18 -14.98 -18.33
CA GLU D 24 -8.97 -15.83 -18.35
C GLU D 24 -9.26 -17.15 -19.05
N VAL D 25 -10.46 -17.68 -18.85
CA VAL D 25 -10.83 -18.93 -19.51
C VAL D 25 -11.16 -18.67 -20.96
N LEU D 26 -11.82 -17.56 -21.25
CA LEU D 26 -12.08 -17.21 -22.65
C LEU D 26 -10.77 -16.99 -23.40
N SER D 27 -9.77 -16.40 -22.74
CA SER D 27 -8.49 -16.21 -23.42
C SER D 27 -7.88 -17.55 -23.82
N SER D 28 -7.95 -18.53 -22.94
CA SER D 28 -7.43 -19.88 -23.24
C SER D 28 -8.20 -20.52 -24.39
N ARG D 29 -9.52 -20.34 -24.42
CA ARG D 29 -10.37 -20.96 -25.44
CA ARG D 29 -10.35 -20.96 -25.44
C ARG D 29 -10.19 -20.29 -26.80
N LEU D 30 -10.10 -18.97 -26.82
CA LEU D 30 -10.13 -18.22 -28.07
C LEU D 30 -8.74 -17.88 -28.60
N GLY D 31 -7.72 -17.99 -27.76
CA GLY D 31 -6.39 -17.61 -28.18
C GLY D 31 -6.24 -16.12 -28.37
N ARG D 32 -6.95 -15.35 -27.55
CA ARG D 32 -6.85 -13.91 -27.56
C ARG D 32 -6.55 -13.43 -26.15
N LYS D 33 -5.78 -12.34 -26.05
CA LYS D 33 -5.66 -11.65 -24.78
C LYS D 33 -7.01 -11.06 -24.37
N PRO D 34 -7.25 -10.88 -23.06
CA PRO D 34 -8.54 -10.31 -22.61
C PRO D 34 -8.88 -8.99 -23.25
N GLU D 35 -7.89 -8.13 -23.50
CA GLU D 35 -8.16 -6.82 -24.08
C GLU D 35 -8.70 -6.92 -25.50
N ASP D 36 -8.53 -8.08 -26.14
CA ASP D 36 -9.00 -8.32 -27.50
C ASP D 36 -10.27 -9.16 -27.53
N ILE D 37 -10.96 -9.27 -26.39
CA ILE D 37 -12.25 -9.94 -26.29
C ILE D 37 -13.28 -8.93 -25.83
N VAL D 38 -14.39 -8.83 -26.56
CA VAL D 38 -15.53 -7.99 -26.18
C VAL D 38 -16.56 -8.89 -25.51
N LYS D 39 -16.80 -8.65 -24.22
CA LYS D 39 -17.56 -9.59 -23.42
C LYS D 39 -18.91 -9.00 -22.99
N LEU D 40 -19.96 -9.41 -23.71
CA LEU D 40 -21.30 -8.87 -23.55
C LEU D 40 -22.32 -9.97 -23.22
N ASP D 41 -21.92 -10.93 -22.39
CA ASP D 41 -22.72 -12.13 -22.17
C ASP D 41 -23.18 -12.32 -20.72
N ALA D 42 -22.77 -11.47 -19.80
CA ALA D 42 -23.04 -11.71 -18.39
C ALA D 42 -23.53 -10.47 -17.65
N ASN D 43 -23.88 -9.40 -18.36
CA ASN D 43 -24.42 -8.17 -17.77
C ASN D 43 -23.44 -7.52 -16.80
N GLU D 44 -22.15 -7.71 -17.04
CA GLU D 44 -21.11 -7.11 -16.23
C GLU D 44 -20.93 -5.65 -16.65
N ASN D 45 -20.50 -4.83 -15.69
CA ASN D 45 -20.25 -3.41 -15.91
C ASN D 45 -18.83 -3.22 -16.38
N PRO D 46 -18.60 -2.93 -17.67
CA PRO D 46 -17.22 -2.85 -18.18
C PRO D 46 -16.44 -1.64 -17.66
N TYR D 47 -17.12 -0.68 -17.03
CA TYR D 47 -16.41 0.44 -16.43
C TYR D 47 -15.76 0.07 -15.10
N GLY D 48 -16.14 -1.07 -14.52
CA GLY D 48 -15.64 -1.46 -13.24
C GLY D 48 -16.26 -0.66 -12.10
N PRO D 49 -15.87 -1.00 -10.88
CA PRO D 49 -16.46 -0.35 -9.69
C PRO D 49 -15.83 1.02 -9.44
N PRO D 50 -16.34 1.76 -8.45
CA PRO D 50 -15.72 3.04 -8.10
C PRO D 50 -14.26 2.86 -7.71
N PRO D 51 -13.44 3.89 -7.91
CA PRO D 51 -12.00 3.74 -7.64
C PRO D 51 -11.69 3.38 -6.20
N GLU D 52 -12.59 3.69 -5.27
CA GLU D 52 -12.35 3.36 -3.88
C GLU D 52 -12.18 1.86 -3.66
N VAL D 53 -12.75 1.05 -4.54
CA VAL D 53 -12.74 -0.40 -4.35
C VAL D 53 -11.32 -0.96 -4.45
N MET D 54 -10.63 -0.71 -5.57
CA MET D 54 -9.31 -1.28 -5.69
C MET D 54 -8.34 -0.65 -4.69
N GLU D 55 -8.55 0.62 -4.32
CA GLU D 55 -7.74 1.19 -3.26
C GLU D 55 -7.94 0.43 -1.95
N ALA D 56 -9.18 0.06 -1.63
CA ALA D 56 -9.42 -0.70 -0.40
C ALA D 56 -8.89 -2.13 -0.49
N LEU D 57 -9.04 -2.79 -1.63
CA LEU D 57 -8.61 -4.18 -1.76
C LEU D 57 -7.10 -4.33 -1.65
N GLY D 58 -6.35 -3.30 -2.03
CA GLY D 58 -4.91 -3.35 -1.89
C GLY D 58 -4.40 -2.98 -0.52
N SER D 59 -5.30 -2.65 0.41
CA SER D 59 -4.91 -2.25 1.75
C SER D 59 -5.65 -3.06 2.82
N ILE D 60 -6.00 -4.30 2.50
CA ILE D 60 -6.67 -5.15 3.49
C ILE D 60 -5.67 -5.46 4.60
N ARG D 61 -5.96 -4.99 5.81
CA ARG D 61 -4.99 -5.10 6.88
C ARG D 61 -4.96 -6.49 7.50
N PHE D 62 -6.11 -7.13 7.65
CA PHE D 62 -6.24 -8.38 8.40
C PHE D 62 -6.81 -9.49 7.52
N PRO D 63 -6.12 -9.87 6.44
CA PRO D 63 -6.64 -10.94 5.57
C PRO D 63 -6.73 -12.28 6.27
N TYR D 64 -5.98 -12.44 7.37
CA TYR D 64 -5.89 -13.69 8.10
C TYR D 64 -6.93 -13.84 9.20
N VAL D 65 -7.76 -12.82 9.41
CA VAL D 65 -8.84 -12.87 10.39
C VAL D 65 -10.16 -13.18 9.68
N TYR D 66 -11.00 -13.96 10.34
CA TYR D 66 -12.33 -14.23 9.79
C TYR D 66 -13.11 -12.92 9.60
N PRO D 67 -13.97 -12.88 8.58
CA PRO D 67 -14.83 -11.71 8.38
C PRO D 67 -15.93 -11.64 9.44
N ASP D 68 -16.56 -10.48 9.48
CA ASP D 68 -17.71 -10.26 10.36
C ASP D 68 -18.88 -11.09 9.84
N PRO D 69 -19.34 -12.10 10.56
CA PRO D 69 -20.45 -12.93 10.04
C PRO D 69 -21.77 -12.19 9.96
N GLU D 70 -21.88 -11.05 10.61
CA GLU D 70 -23.08 -10.26 10.58
C GLU D 70 -22.99 -9.07 9.64
N SER D 71 -21.85 -8.89 8.96
CA SER D 71 -21.69 -7.82 7.97
C SER D 71 -22.23 -6.47 8.47
N ARG D 72 -21.86 -6.11 9.70
CA ARG D 72 -22.53 -4.98 10.35
C ARG D 72 -22.24 -3.66 9.66
N ARG D 73 -21.00 -3.43 9.24
CA ARG D 73 -20.65 -2.14 8.64
C ARG D 73 -21.38 -1.96 7.31
N LEU D 74 -21.38 -2.99 6.49
CA LEU D 74 -22.12 -2.93 5.23
C LEU D 74 -23.62 -2.78 5.45
N ARG D 75 -24.19 -3.53 6.40
CA ARG D 75 -25.63 -3.40 6.65
C ARG D 75 -25.99 -2.00 7.16
N ALA D 76 -25.11 -1.34 7.93
CA ALA D 76 -25.35 0.05 8.30
C ALA D 76 -25.34 0.95 7.07
N ALA D 77 -24.38 0.73 6.17
CA ALA D 77 -24.31 1.55 4.97
C ALA D 77 -25.50 1.29 4.05
N LEU D 78 -25.97 0.04 4.00
CA LEU D 78 -27.15 -0.31 3.20
C LEU D 78 -28.42 0.27 3.81
N ALA D 79 -28.48 0.38 5.14
CA ALA D 79 -29.64 1.02 5.76
C ALA D 79 -29.71 2.48 5.39
N GLN D 80 -28.57 3.17 5.42
CA GLN D 80 -28.52 4.54 4.94
C GLN D 80 -28.91 4.64 3.47
N ASP D 81 -28.36 3.76 2.63
CA ASP D 81 -28.62 3.86 1.19
C ASP D 81 -30.08 3.61 0.87
N SER D 82 -30.69 2.63 1.54
CA SER D 82 -32.02 2.16 1.17
C SER D 82 -33.14 2.86 1.93
N GLY D 83 -32.83 3.46 3.07
CA GLY D 83 -33.83 3.99 3.97
C GLY D 83 -34.55 2.96 4.80
N LEU D 84 -34.12 1.70 4.74
CA LEU D 84 -34.70 0.61 5.52
C LEU D 84 -33.74 0.24 6.64
N GLU D 85 -34.28 0.00 7.83
CA GLU D 85 -33.47 -0.29 8.99
C GLU D 85 -32.65 -1.57 8.80
N SER D 86 -31.48 -1.60 9.44
CA SER D 86 -30.53 -2.68 9.19
C SER D 86 -31.07 -4.03 9.64
N GLU D 87 -31.99 -4.06 10.60
CA GLU D 87 -32.56 -5.32 11.07
C GLU D 87 -33.31 -6.08 9.97
N TYR D 88 -33.73 -5.42 8.90
CA TYR D 88 -34.37 -6.09 7.76
C TYR D 88 -33.39 -6.59 6.72
N ILE D 89 -32.10 -6.30 6.83
CA ILE D 89 -31.16 -6.47 5.72
C ILE D 89 -30.22 -7.65 5.99
N LEU D 90 -30.16 -8.60 5.06
CA LEU D 90 -29.16 -9.65 5.07
CA LEU D 90 -29.16 -9.65 5.08
C LEU D 90 -28.23 -9.46 3.89
N VAL D 91 -26.96 -9.79 4.09
CA VAL D 91 -25.93 -9.75 3.05
C VAL D 91 -25.57 -11.19 2.69
N GLY D 92 -25.45 -11.46 1.38
CA GLY D 92 -25.07 -12.76 0.91
C GLY D 92 -23.88 -12.68 -0.03
N CYS D 93 -23.32 -13.87 -0.29
CA CYS D 93 -22.26 -14.11 -1.27
C CYS D 93 -22.94 -14.06 -2.64
N GLY D 94 -23.13 -12.83 -3.10
CA GLY D 94 -24.03 -12.57 -4.20
C GLY D 94 -25.49 -12.68 -3.80
N ALA D 95 -26.37 -12.13 -4.64
CA ALA D 95 -27.77 -12.45 -4.48
C ALA D 95 -28.05 -13.94 -4.71
N ASP D 96 -27.18 -14.63 -5.46
CA ASP D 96 -27.33 -16.08 -5.63
C ASP D 96 -27.41 -16.78 -4.28
N GLU D 97 -26.56 -16.40 -3.31
CA GLU D 97 -26.59 -17.10 -2.03
C GLU D 97 -27.94 -16.91 -1.36
N LEU D 98 -28.50 -15.70 -1.49
CA LEU D 98 -29.79 -15.44 -0.85
C LEU D 98 -30.94 -16.18 -1.53
N ILE D 99 -30.92 -16.32 -2.86
CA ILE D 99 -31.95 -17.12 -3.54
C ILE D 99 -31.92 -18.55 -3.00
N ASP D 100 -30.74 -19.15 -2.95
CA ASP D 100 -30.60 -20.51 -2.44
C ASP D 100 -30.96 -20.60 -0.96
N LEU D 101 -30.53 -19.62 -0.15
CA LEU D 101 -30.85 -19.63 1.28
C LEU D 101 -32.35 -19.59 1.52
N ILE D 102 -33.07 -18.74 0.78
CA ILE D 102 -34.52 -18.71 0.91
C ILE D 102 -35.10 -20.09 0.62
N MET D 103 -34.72 -20.67 -0.50
CA MET D 103 -35.28 -21.98 -0.86
C MET D 103 -34.96 -23.05 0.18
N ARG D 104 -33.70 -23.09 0.66
CA ARG D 104 -33.33 -24.08 1.66
C ARG D 104 -34.10 -23.90 2.96
N CYS D 105 -34.48 -22.68 3.28
CA CYS D 105 -35.12 -22.38 4.56
C CYS D 105 -36.64 -22.47 4.52
N VAL D 106 -37.23 -22.53 3.32
CA VAL D 106 -38.68 -22.48 3.15
C VAL D 106 -39.24 -23.75 2.53
N LEU D 107 -38.48 -24.43 1.69
CA LEU D 107 -39.01 -25.54 0.89
C LEU D 107 -38.56 -26.87 1.46
N ASP D 108 -39.52 -27.64 1.97
CA ASP D 108 -39.23 -29.05 2.21
C ASP D 108 -39.23 -29.80 0.88
N PRO D 109 -38.52 -30.94 0.80
CA PRO D 109 -38.56 -31.71 -0.46
C PRO D 109 -40.01 -31.95 -0.91
N GLY D 110 -40.26 -31.70 -2.19
CA GLY D 110 -41.57 -31.90 -2.76
C GLY D 110 -42.48 -30.68 -2.73
N ASP D 111 -42.10 -29.63 -2.00
CA ASP D 111 -42.85 -28.39 -2.03
C ASP D 111 -42.72 -27.78 -3.42
N LYS D 112 -43.63 -26.87 -3.75
CA LYS D 112 -43.67 -26.27 -5.07
C LYS D 112 -43.37 -24.78 -5.03
N ILE D 113 -42.73 -24.30 -6.09
CA ILE D 113 -42.58 -22.88 -6.35
C ILE D 113 -43.21 -22.58 -7.70
N VAL D 114 -43.56 -21.33 -7.90
CA VAL D 114 -43.99 -20.83 -9.20
C VAL D 114 -42.85 -20.05 -9.84
N ASP D 115 -42.64 -20.28 -11.13
CA ASP D 115 -41.67 -19.59 -11.96
C ASP D 115 -42.43 -19.08 -13.18
N CYS D 116 -41.99 -17.95 -13.73
CA CYS D 116 -42.67 -17.31 -14.87
C CYS D 116 -41.70 -17.12 -16.03
N PRO D 117 -41.47 -18.16 -16.82
CA PRO D 117 -40.52 -18.04 -17.92
C PRO D 117 -41.07 -17.20 -19.05
N PRO D 118 -40.20 -16.60 -19.87
CA PRO D 118 -38.73 -16.67 -19.79
C PRO D 118 -38.17 -15.87 -18.64
N THR D 119 -37.30 -16.46 -17.82
CA THR D 119 -36.72 -15.71 -16.72
C THR D 119 -35.39 -16.32 -16.30
N PHE D 120 -34.88 -15.84 -15.17
CA PHE D 120 -33.55 -16.20 -14.68
C PHE D 120 -33.50 -17.69 -14.39
N THR D 121 -32.54 -18.38 -15.03
CA THR D 121 -32.46 -19.83 -14.93
C THR D 121 -32.03 -20.33 -13.56
N MET D 122 -31.51 -19.47 -12.68
CA MET D 122 -31.08 -19.95 -11.37
C MET D 122 -32.27 -20.36 -10.50
N TYR D 123 -33.45 -19.79 -10.74
CA TYR D 123 -34.62 -20.20 -9.96
C TYR D 123 -34.90 -21.69 -10.18
N GLU D 124 -34.94 -22.12 -11.42
CA GLU D 124 -35.24 -23.55 -11.72
C GLU D 124 -34.07 -24.44 -11.23
N PHE D 125 -32.84 -23.99 -11.42
CA PHE D 125 -31.71 -24.79 -10.96
C PHE D 125 -31.75 -24.95 -9.44
N ASP D 126 -31.93 -23.84 -8.72
CA ASP D 126 -31.96 -23.91 -7.25
C ASP D 126 -33.14 -24.73 -6.76
N ALA D 127 -34.29 -24.65 -7.44
CA ALA D 127 -35.43 -25.49 -7.05
C ALA D 127 -35.05 -26.96 -7.15
N ALA D 128 -34.43 -27.33 -8.28
CA ALA D 128 -34.05 -28.71 -8.52
C ALA D 128 -33.05 -29.20 -7.47
N VAL D 129 -32.03 -28.39 -7.19
CA VAL D 129 -31.02 -28.78 -6.21
C VAL D 129 -31.66 -28.98 -4.84
N ASN D 130 -32.65 -28.14 -4.51
CA ASN D 130 -33.32 -28.20 -3.23
C ASN D 130 -34.46 -29.21 -3.21
N GLY D 131 -34.71 -29.91 -4.31
CA GLY D 131 -35.72 -30.96 -4.32
C GLY D 131 -37.15 -30.45 -4.38
N ALA D 132 -37.35 -29.23 -4.86
CA ALA D 132 -38.65 -28.62 -5.01
C ALA D 132 -39.14 -28.78 -6.45
N LEU D 133 -40.45 -28.77 -6.61
CA LEU D 133 -41.09 -28.81 -7.92
C LEU D 133 -41.39 -27.40 -8.39
N VAL D 134 -41.29 -27.19 -9.69
CA VAL D 134 -41.53 -25.88 -10.29
C VAL D 134 -42.82 -25.95 -11.10
N ILE D 135 -43.75 -25.04 -10.81
CA ILE D 135 -44.92 -24.81 -11.65
C ILE D 135 -44.60 -23.62 -12.54
N LYS D 136 -44.58 -23.84 -13.86
CA LYS D 136 -44.33 -22.77 -14.81
C LYS D 136 -45.63 -22.07 -15.21
N VAL D 137 -45.65 -20.75 -15.05
CA VAL D 137 -46.76 -19.93 -15.54
C VAL D 137 -46.15 -18.96 -16.53
N PRO D 138 -46.16 -19.27 -17.83
CA PRO D 138 -45.41 -18.45 -18.78
C PRO D 138 -45.93 -17.03 -18.86
N ARG D 139 -45.03 -16.13 -19.23
CA ARG D 139 -45.39 -14.74 -19.46
C ARG D 139 -46.07 -14.62 -20.81
N ARG D 140 -46.76 -13.48 -21.00
CA ARG D 140 -47.46 -13.18 -22.23
C ARG D 140 -46.47 -12.74 -23.30
N PRO D 141 -46.95 -12.56 -24.54
CA PRO D 141 -45.99 -12.25 -25.64
C PRO D 141 -45.17 -11.00 -25.42
N ASP D 142 -45.69 -10.00 -24.71
CA ASP D 142 -44.92 -8.80 -24.39
C ASP D 142 -44.05 -8.98 -23.16
N PHE D 143 -43.95 -10.21 -22.61
CA PHE D 143 -43.15 -10.58 -21.44
C PHE D 143 -43.81 -10.17 -20.12
N SER D 144 -45.03 -9.63 -20.16
CA SER D 144 -45.71 -9.31 -18.91
C SER D 144 -46.21 -10.59 -18.23
N LEU D 145 -46.41 -10.49 -16.91
CA LEU D 145 -46.96 -11.61 -16.16
C LEU D 145 -48.42 -11.84 -16.52
N ASN D 146 -48.82 -13.11 -16.49
CA ASN D 146 -50.23 -13.49 -16.58
C ASN D 146 -50.75 -13.64 -15.15
N VAL D 147 -51.23 -12.54 -14.57
CA VAL D 147 -51.59 -12.55 -13.16
CA VAL D 147 -51.59 -12.55 -13.16
C VAL D 147 -52.79 -13.45 -12.90
N GLU D 148 -53.74 -13.47 -13.84
CA GLU D 148 -54.92 -14.32 -13.65
C GLU D 148 -54.51 -15.79 -13.52
N GLN D 149 -53.55 -16.22 -14.34
CA GLN D 149 -53.11 -17.61 -14.27
C GLN D 149 -52.29 -17.88 -13.01
N ILE D 150 -51.45 -16.92 -12.61
CA ILE D 150 -50.72 -17.07 -11.36
C ILE D 150 -51.69 -17.27 -10.20
N ILE D 151 -52.70 -16.42 -10.11
CA ILE D 151 -53.68 -16.53 -9.02
C ILE D 151 -54.34 -17.90 -9.03
N GLU D 152 -54.80 -18.34 -10.19
CA GLU D 152 -55.48 -19.63 -10.29
C GLU D 152 -54.55 -20.76 -9.88
N VAL D 153 -53.31 -20.73 -10.36
CA VAL D 153 -52.37 -21.81 -10.04
C VAL D 153 -52.07 -21.82 -8.55
N VAL D 154 -51.89 -20.64 -7.95
CA VAL D 154 -51.54 -20.58 -6.55
C VAL D 154 -52.70 -21.10 -5.69
N LYS D 155 -53.93 -20.78 -6.08
CA LYS D 155 -55.08 -21.25 -5.32
C LYS D 155 -55.24 -22.75 -5.45
N GLN D 156 -54.99 -23.32 -6.63
CA GLN D 156 -55.19 -24.74 -6.86
C GLN D 156 -54.07 -25.58 -6.25
N GLU D 157 -52.81 -25.19 -6.48
CA GLU D 157 -51.68 -26.04 -6.17
C GLU D 157 -50.99 -25.69 -4.85
N LYS D 158 -51.32 -24.56 -4.25
CA LYS D 158 -50.76 -24.13 -2.98
C LYS D 158 -49.24 -24.17 -2.95
N PRO D 159 -48.57 -23.56 -3.92
CA PRO D 159 -47.12 -23.44 -3.85
C PRO D 159 -46.71 -22.49 -2.74
N LYS D 160 -45.47 -22.67 -2.27
CA LYS D 160 -45.00 -21.92 -1.12
C LYS D 160 -44.32 -20.61 -1.48
N CYS D 161 -43.77 -20.50 -2.68
CA CYS D 161 -42.96 -19.35 -3.08
CA CYS D 161 -42.97 -19.35 -3.07
C CYS D 161 -43.18 -19.07 -4.55
N ILE D 162 -43.01 -17.80 -4.91
CA ILE D 162 -42.93 -17.37 -6.30
C ILE D 162 -41.75 -16.42 -6.40
N PHE D 163 -40.87 -16.64 -7.38
CA PHE D 163 -39.72 -15.77 -7.65
C PHE D 163 -40.00 -14.95 -8.90
N LEU D 164 -39.79 -13.64 -8.81
CA LEU D 164 -40.13 -12.72 -9.88
C LEU D 164 -39.00 -11.73 -10.04
N THR D 165 -38.60 -11.43 -11.25
CA THR D 165 -37.46 -10.54 -11.48
C THR D 165 -37.98 -9.26 -12.13
N SER D 166 -37.57 -8.09 -11.63
CA SER D 166 -38.00 -6.82 -12.22
C SER D 166 -36.91 -5.77 -11.98
N PRO D 167 -36.26 -5.24 -13.04
CA PRO D 167 -36.41 -5.63 -14.45
C PRO D 167 -36.13 -7.12 -14.68
N ASN D 168 -36.93 -7.73 -15.55
CA ASN D 168 -36.78 -9.16 -15.77
C ASN D 168 -35.50 -9.49 -16.52
N ASN D 169 -34.92 -10.64 -16.19
CA ASN D 169 -33.85 -11.25 -16.98
C ASN D 169 -34.50 -12.41 -17.70
N PRO D 170 -34.58 -12.45 -19.03
CA PRO D 170 -33.64 -11.74 -19.91
C PRO D 170 -34.13 -10.61 -20.80
N ASP D 171 -35.38 -10.19 -20.67
CA ASP D 171 -35.94 -9.19 -21.57
C ASP D 171 -35.93 -7.77 -21.00
N GLY D 172 -35.85 -7.60 -19.69
CA GLY D 172 -35.74 -6.26 -19.17
C GLY D 172 -37.03 -5.56 -18.79
N SER D 173 -38.18 -6.23 -18.84
CA SER D 173 -39.44 -5.56 -18.56
C SER D 173 -39.65 -5.39 -17.06
N ILE D 174 -40.49 -4.41 -16.71
CA ILE D 174 -40.79 -4.01 -15.34
C ILE D 174 -42.14 -4.57 -14.93
N ILE D 175 -42.21 -5.11 -13.71
CA ILE D 175 -43.45 -5.67 -13.17
C ILE D 175 -44.43 -4.54 -12.89
N ASP D 176 -45.71 -4.80 -13.15
CA ASP D 176 -46.75 -3.84 -12.81
C ASP D 176 -46.97 -3.86 -11.29
N ASP D 177 -46.92 -2.68 -10.67
CA ASP D 177 -47.10 -2.61 -9.21
C ASP D 177 -48.44 -3.16 -8.75
N ASP D 178 -49.50 -2.97 -9.53
CA ASP D 178 -50.81 -3.50 -9.13
C ASP D 178 -50.84 -5.02 -9.23
N ASP D 179 -50.14 -5.59 -10.21
CA ASP D 179 -50.02 -7.05 -10.28
C ASP D 179 -49.27 -7.58 -9.06
N LEU D 180 -48.20 -6.89 -8.68
CA LEU D 180 -47.46 -7.30 -7.48
C LEU D 180 -48.34 -7.25 -6.23
N LEU D 181 -49.12 -6.18 -6.05
CA LEU D 181 -50.00 -6.11 -4.89
C LEU D 181 -51.05 -7.24 -4.91
N LYS D 182 -51.57 -7.58 -6.09
CA LYS D 182 -52.54 -8.67 -6.18
C LYS D 182 -51.90 -10.01 -5.78
N ILE D 183 -50.67 -10.26 -6.24
CA ILE D 183 -49.98 -11.50 -5.91
C ILE D 183 -49.69 -11.57 -4.42
N LEU D 184 -49.34 -10.43 -3.81
CA LEU D 184 -49.00 -10.39 -2.39
C LEU D 184 -50.20 -10.66 -1.49
N GLU D 185 -51.42 -10.55 -2.01
CA GLU D 185 -52.61 -10.94 -1.25
C GLU D 185 -52.75 -12.44 -1.07
N LEU D 186 -52.02 -13.24 -1.85
CA LEU D 186 -52.07 -14.70 -1.81
C LEU D 186 -51.18 -15.22 -0.69
N PRO D 187 -51.49 -16.42 -0.18
CA PRO D 187 -50.72 -17.00 0.95
C PRO D 187 -49.45 -17.67 0.41
N ILE D 188 -48.56 -16.84 -0.11
CA ILE D 188 -47.36 -17.29 -0.78
C ILE D 188 -46.25 -16.29 -0.48
N LEU D 189 -45.01 -16.79 -0.43
CA LEU D 189 -43.84 -15.93 -0.28
C LEU D 189 -43.39 -15.42 -1.64
N VAL D 190 -43.36 -14.11 -1.79
CA VAL D 190 -42.97 -13.45 -3.04
C VAL D 190 -41.55 -12.92 -2.89
N VAL D 191 -40.66 -13.38 -3.76
CA VAL D 191 -39.30 -12.92 -3.79
C VAL D 191 -39.13 -12.10 -5.06
N LEU D 192 -38.96 -10.80 -4.89
CA LEU D 192 -38.77 -9.86 -6.01
C LEU D 192 -37.28 -9.57 -6.16
N ASP D 193 -36.74 -9.96 -7.31
CA ASP D 193 -35.32 -9.82 -7.60
C ASP D 193 -35.08 -8.55 -8.40
N GLU D 194 -34.54 -7.55 -7.72
CA GLU D 194 -34.23 -6.22 -8.26
C GLU D 194 -32.76 -6.08 -8.65
N ALA D 195 -32.16 -7.18 -9.11
CA ALA D 195 -30.76 -7.14 -9.55
C ALA D 195 -30.44 -6.02 -10.53
N TYR D 196 -31.40 -5.60 -11.38
CA TYR D 196 -31.15 -4.61 -12.43
C TYR D 196 -31.89 -3.29 -12.22
N ILE D 197 -32.43 -3.04 -11.02
CA ILE D 197 -33.33 -1.92 -10.82
C ILE D 197 -32.67 -0.57 -11.05
N GLU D 198 -31.35 -0.47 -10.83
CA GLU D 198 -30.67 0.82 -10.95
C GLU D 198 -30.67 1.35 -12.37
N PHE D 199 -30.83 0.46 -13.37
CA PHE D 199 -30.84 0.86 -14.77
C PHE D 199 -32.20 1.40 -15.20
N SER D 200 -33.19 1.36 -14.32
CA SER D 200 -34.51 1.88 -14.59
C SER D 200 -34.70 3.16 -13.80
N THR D 201 -35.80 3.84 -14.05
CA THR D 201 -36.17 4.98 -13.23
C THR D 201 -37.19 4.59 -12.17
N ILE D 202 -37.44 3.31 -11.98
CA ILE D 202 -38.39 2.83 -10.98
C ILE D 202 -37.69 2.70 -9.64
N GLU D 203 -38.34 3.15 -8.57
CA GLU D 203 -37.80 2.99 -7.23
C GLU D 203 -37.80 1.53 -6.77
N SER D 204 -36.81 1.21 -5.94
CA SER D 204 -36.77 -0.08 -5.29
C SER D 204 -37.96 -0.26 -4.37
N LYS D 205 -38.43 -1.49 -4.29
CA LYS D 205 -39.50 -1.85 -3.38
C LYS D 205 -39.02 -2.41 -2.04
N MET D 206 -37.74 -2.23 -1.70
CA MET D 206 -37.26 -2.62 -0.36
C MET D 206 -38.20 -2.13 0.73
N SER D 207 -38.65 -0.88 0.64
CA SER D 207 -39.48 -0.30 1.69
C SER D 207 -40.79 -1.06 1.87
N TRP D 208 -41.28 -1.75 0.82
CA TRP D 208 -42.53 -2.48 0.94
C TRP D 208 -42.44 -3.66 1.91
N VAL D 209 -41.23 -4.12 2.21
CA VAL D 209 -41.08 -5.29 3.08
C VAL D 209 -41.55 -4.97 4.49
N LYS D 210 -41.48 -3.70 4.91
CA LYS D 210 -41.86 -3.35 6.28
C LYS D 210 -43.31 -3.69 6.58
N LYS D 211 -44.17 -3.65 5.56
CA LYS D 211 -45.57 -3.91 5.79
C LYS D 211 -46.13 -5.10 5.03
N HIS D 212 -45.32 -5.80 4.25
CA HIS D 212 -45.71 -7.06 3.59
C HIS D 212 -44.83 -8.19 4.12
N ASP D 213 -45.37 -8.99 5.04
CA ASP D 213 -44.58 -10.04 5.68
C ASP D 213 -44.37 -11.26 4.79
N ASN D 214 -44.86 -11.21 3.55
CA ASN D 214 -44.60 -12.23 2.56
C ASN D 214 -43.86 -11.69 1.34
N LEU D 215 -43.11 -10.62 1.49
CA LEU D 215 -42.30 -10.05 0.42
C LEU D 215 -40.83 -10.00 0.85
N ILE D 216 -39.95 -10.50 -0.02
CA ILE D 216 -38.51 -10.30 0.08
C ILE D 216 -38.06 -9.59 -1.18
N VAL D 217 -37.14 -8.63 -1.06
CA VAL D 217 -36.60 -7.91 -2.20
C VAL D 217 -35.09 -8.10 -2.21
N LEU D 218 -34.56 -8.59 -3.33
CA LEU D 218 -33.14 -8.89 -3.48
C LEU D 218 -32.47 -7.85 -4.38
N ARG D 219 -31.20 -7.58 -4.07
CA ARG D 219 -30.37 -6.58 -4.75
C ARG D 219 -28.96 -7.13 -4.86
N THR D 220 -28.13 -6.49 -5.67
CA THR D 220 -26.76 -6.95 -5.84
C THR D 220 -25.80 -5.80 -6.10
N PHE D 221 -24.53 -6.06 -5.82
CA PHE D 221 -23.42 -5.23 -6.26
C PHE D 221 -22.78 -5.73 -7.55
N SER D 222 -23.29 -6.83 -8.12
CA SER D 222 -22.61 -7.47 -9.23
C SER D 222 -22.74 -6.75 -10.56
N LYS D 223 -23.73 -5.88 -10.74
CA LYS D 223 -24.10 -5.40 -12.07
C LYS D 223 -23.76 -3.93 -12.11
N ARG D 224 -24.67 -3.02 -11.74
CA ARG D 224 -24.35 -1.60 -11.76
C ARG D 224 -23.06 -1.31 -11.01
N ALA D 225 -22.87 -1.92 -9.84
CA ALA D 225 -21.75 -1.54 -8.98
C ALA D 225 -20.43 -2.20 -9.39
N GLY D 226 -20.43 -3.08 -10.38
CA GLY D 226 -19.16 -3.58 -10.90
C GLY D 226 -18.38 -4.49 -9.97
N LEU D 227 -19.08 -5.30 -9.16
CA LEU D 227 -18.43 -6.18 -8.19
C LEU D 227 -18.77 -7.65 -8.40
N ALA D 228 -19.13 -8.06 -9.61
CA ALA D 228 -19.54 -9.45 -9.84
C ALA D 228 -18.50 -10.46 -9.33
N GLY D 229 -17.21 -10.15 -9.48
CA GLY D 229 -16.16 -11.08 -9.07
C GLY D 229 -16.00 -11.22 -7.57
N LEU D 230 -16.50 -10.25 -6.80
CA LEU D 230 -16.26 -10.24 -5.35
C LEU D 230 -17.36 -10.92 -4.54
N ARG D 231 -18.54 -11.13 -5.15
CA ARG D 231 -19.63 -11.93 -4.59
C ARG D 231 -20.28 -11.25 -3.39
N VAL D 232 -21.05 -10.21 -3.64
CA VAL D 232 -21.75 -9.51 -2.57
C VAL D 232 -23.08 -8.98 -3.05
N GLY D 233 -24.15 -9.46 -2.44
CA GLY D 233 -25.50 -9.00 -2.67
C GLY D 233 -26.23 -8.85 -1.35
N TYR D 234 -27.50 -8.47 -1.41
CA TYR D 234 -28.22 -8.16 -0.17
C TYR D 234 -29.70 -8.25 -0.44
N GLY D 235 -30.49 -8.24 0.63
CA GLY D 235 -31.92 -8.27 0.49
C GLY D 235 -32.59 -7.67 1.69
N ALA D 236 -33.83 -7.25 1.48
CA ALA D 236 -34.75 -6.81 2.52
C ALA D 236 -35.72 -7.95 2.81
N PHE D 237 -35.83 -8.31 4.10
CA PHE D 237 -36.61 -9.44 4.53
C PHE D 237 -37.54 -9.04 5.67
N PRO D 238 -38.74 -9.58 5.70
CA PRO D 238 -39.59 -9.40 6.89
C PRO D 238 -38.88 -9.90 8.13
N LEU D 239 -39.14 -9.22 9.25
CA LEU D 239 -38.46 -9.57 10.49
C LEU D 239 -38.80 -10.99 10.93
N SER D 240 -40.03 -11.44 10.68
CA SER D 240 -40.46 -12.80 10.99
C SER D 240 -39.72 -13.85 10.18
N ILE D 241 -39.13 -13.48 9.06
CA ILE D 241 -38.34 -14.42 8.25
C ILE D 241 -36.85 -14.30 8.58
N ILE D 242 -36.34 -13.08 8.64
CA ILE D 242 -34.90 -12.92 8.87
C ILE D 242 -34.46 -13.50 10.21
N LYS D 243 -35.34 -13.49 11.21
CA LYS D 243 -35.01 -14.10 12.49
C LYS D 243 -34.52 -15.52 12.32
N TYR D 244 -35.16 -16.27 11.42
CA TYR D 244 -34.78 -17.66 11.21
C TYR D 244 -33.63 -17.82 10.24
N LEU D 245 -33.53 -16.94 9.26
CA LEU D 245 -32.38 -16.97 8.36
C LEU D 245 -31.08 -16.76 9.11
N TRP D 246 -31.07 -15.90 10.13
CA TRP D 246 -29.88 -15.76 10.95
C TRP D 246 -29.51 -17.07 11.64
N ARG D 247 -30.51 -17.84 12.06
CA ARG D 247 -30.20 -19.11 12.73
C ARG D 247 -29.61 -20.12 11.77
N ALA D 248 -30.00 -20.09 10.49
CA ALA D 248 -29.62 -21.13 9.53
C ALA D 248 -28.49 -20.77 8.59
N LYS D 249 -28.16 -19.50 8.44
CA LYS D 249 -27.20 -19.10 7.42
CA LYS D 249 -27.20 -19.06 7.44
C LYS D 249 -25.78 -19.53 7.77
N GLN D 250 -25.01 -19.81 6.73
CA GLN D 250 -23.60 -20.09 6.95
C GLN D 250 -22.92 -18.83 7.50
N PRO D 251 -21.96 -18.98 8.43
CA PRO D 251 -21.40 -17.77 9.08
C PRO D 251 -20.57 -16.89 8.17
N TYR D 252 -19.75 -17.45 7.27
CA TYR D 252 -18.64 -16.70 6.71
C TYR D 252 -18.57 -16.69 5.19
N ASN D 253 -19.69 -16.89 4.47
CA ASN D 253 -19.62 -16.90 3.02
C ASN D 253 -19.30 -15.52 2.44
N VAL D 254 -19.60 -14.43 3.16
CA VAL D 254 -19.29 -13.08 2.70
C VAL D 254 -17.87 -12.75 3.14
N SER D 255 -16.94 -12.68 2.19
CA SER D 255 -15.53 -12.49 2.52
C SER D 255 -15.23 -11.05 2.97
N VAL D 256 -14.07 -10.87 3.59
CA VAL D 256 -13.65 -9.52 3.94
C VAL D 256 -13.52 -8.66 2.69
N ALA D 257 -13.03 -9.24 1.60
CA ALA D 257 -12.90 -8.47 0.36
C ALA D 257 -14.26 -8.02 -0.15
N ALA D 258 -15.27 -8.89 -0.04
CA ALA D 258 -16.63 -8.55 -0.45
C ALA D 258 -17.19 -7.41 0.40
N GLU D 259 -17.05 -7.51 1.73
CA GLU D 259 -17.58 -6.49 2.64
CA GLU D 259 -17.61 -6.48 2.60
C GLU D 259 -16.92 -5.13 2.38
N ILE D 260 -15.58 -5.14 2.31
CA ILE D 260 -14.80 -3.92 2.11
C ILE D 260 -15.13 -3.29 0.76
N SER D 261 -15.21 -4.10 -0.30
CA SER D 261 -15.50 -3.56 -1.63
CA SER D 261 -15.50 -3.56 -1.63
C SER D 261 -16.88 -2.93 -1.69
N ALA D 262 -17.89 -3.58 -1.12
CA ALA D 262 -19.22 -3.01 -1.16
C ALA D 262 -19.30 -1.72 -0.37
N CYS D 263 -18.68 -1.68 0.81
CA CYS D 263 -18.68 -0.44 1.58
C CYS D 263 -17.98 0.67 0.80
N ALA D 264 -16.86 0.35 0.16
CA ALA D 264 -16.11 1.34 -0.61
C ALA D 264 -16.95 1.87 -1.77
N ALA D 265 -17.65 0.97 -2.47
CA ALA D 265 -18.47 1.39 -3.62
C ALA D 265 -19.52 2.39 -3.18
N LEU D 266 -20.17 2.15 -2.05
CA LEU D 266 -21.22 3.05 -1.56
C LEU D 266 -20.69 4.43 -1.17
N GLN D 267 -19.38 4.52 -1.00
CA GLN D 267 -18.78 5.85 -0.72
CA GLN D 267 -18.79 5.87 -0.72
C GLN D 267 -18.67 6.81 -1.96
N ASN D 268 -19.12 6.29 -3.12
CA ASN D 268 -19.01 7.06 -4.36
C ASN D 268 -20.32 7.04 -5.14
N PRO D 269 -21.36 7.66 -4.61
CA PRO D 269 -22.64 7.68 -5.31
C PRO D 269 -22.57 8.37 -6.66
N THR D 270 -21.68 9.35 -6.81
CA THR D 270 -21.56 10.05 -8.08
C THR D 270 -21.05 9.12 -9.16
N TYR D 271 -20.01 8.34 -8.86
CA TYR D 271 -19.52 7.36 -9.80
C TYR D 271 -20.60 6.34 -10.15
N LEU D 272 -21.29 5.81 -9.14
CA LEU D 272 -22.34 4.83 -9.40
C LEU D 272 -23.43 5.39 -10.30
N GLU D 273 -23.81 6.65 -10.09
CA GLU D 273 -24.82 7.27 -10.95
C GLU D 273 -24.29 7.48 -12.36
N ASN D 274 -23.04 7.95 -12.48
CA ASN D 274 -22.50 8.29 -13.80
C ASN D 274 -22.28 7.06 -14.68
N VAL D 275 -21.78 5.96 -14.10
CA VAL D 275 -21.61 4.75 -14.90
C VAL D 275 -22.96 4.16 -15.28
N LYS D 276 -23.93 4.24 -14.37
CA LYS D 276 -25.28 3.79 -14.69
C LYS D 276 -25.84 4.59 -15.85
N ASP D 277 -25.67 5.91 -15.82
CA ASP D 277 -26.19 6.76 -16.88
C ASP D 277 -25.49 6.47 -18.20
N ALA D 278 -24.17 6.21 -18.16
CA ALA D 278 -23.46 5.87 -19.40
C ALA D 278 -24.00 4.58 -20.00
N LEU D 279 -24.31 3.59 -19.17
CA LEU D 279 -24.86 2.33 -19.66
C LEU D 279 -26.27 2.51 -20.19
N VAL D 280 -27.10 3.29 -19.48
CA VAL D 280 -28.46 3.55 -19.96
C VAL D 280 -28.43 4.26 -21.30
N LYS D 281 -27.52 5.23 -21.46
CA LYS D 281 -27.42 5.93 -22.73
C LYS D 281 -27.05 4.97 -23.85
N GLU D 282 -26.05 4.12 -23.61
CA GLU D 282 -25.60 3.18 -24.65
C GLU D 282 -26.70 2.15 -24.95
N ARG D 283 -27.52 1.80 -23.96
CA ARG D 283 -28.62 0.86 -24.18
C ARG D 283 -29.52 1.35 -25.30
N GLY D 284 -29.85 2.65 -25.29
CA GLY D 284 -30.72 3.17 -26.33
C GLY D 284 -30.07 3.13 -27.70
N ARG D 285 -28.77 3.40 -27.76
CA ARG D 285 -28.04 3.36 -29.03
C ARG D 285 -27.95 1.93 -29.56
N LEU D 286 -27.59 0.99 -28.68
CA LEU D 286 -27.51 -0.42 -29.03
C LEU D 286 -28.86 -0.91 -29.54
N PHE D 287 -29.94 -0.54 -28.84
CA PHE D 287 -31.27 -0.99 -29.25
C PHE D 287 -31.55 -0.63 -30.70
N ASP D 288 -31.33 0.63 -31.06
CA ASP D 288 -31.64 1.05 -32.42
C ASP D 288 -30.76 0.33 -33.45
N LEU D 289 -29.50 0.05 -33.09
CA LEU D 289 -28.63 -0.66 -34.03
C LEU D 289 -29.06 -2.10 -34.21
N LEU D 290 -29.41 -2.78 -33.11
CA LEU D 290 -29.88 -4.16 -33.20
C LEU D 290 -31.18 -4.24 -33.99
N LYS D 291 -32.07 -3.26 -33.82
CA LYS D 291 -33.35 -3.30 -34.53
C LYS D 291 -33.16 -3.37 -36.04
N ALA D 292 -32.10 -2.76 -36.54
CA ALA D 292 -31.89 -2.74 -37.99
C ALA D 292 -31.36 -4.05 -38.54
N VAL D 293 -30.90 -4.97 -37.70
CA VAL D 293 -30.41 -6.27 -38.15
C VAL D 293 -31.59 -7.11 -38.58
N PRO D 294 -31.62 -7.59 -39.83
CA PRO D 294 -32.85 -8.26 -40.31
C PRO D 294 -33.22 -9.51 -39.54
N PHE D 295 -32.24 -10.26 -39.02
CA PHE D 295 -32.53 -11.53 -38.37
C PHE D 295 -32.62 -11.43 -36.86
N LEU D 296 -32.64 -10.21 -36.32
CA LEU D 296 -32.76 -9.99 -34.88
C LEU D 296 -33.94 -9.08 -34.59
N LYS D 297 -34.72 -9.42 -33.57
CA LYS D 297 -35.83 -8.57 -33.14
C LYS D 297 -35.61 -8.21 -31.69
N PRO D 298 -35.10 -7.00 -31.39
CA PRO D 298 -34.84 -6.64 -30.00
C PRO D 298 -36.11 -6.19 -29.29
N PHE D 299 -36.14 -6.41 -27.97
CA PHE D 299 -37.28 -6.00 -27.15
C PHE D 299 -36.91 -4.81 -26.24
N PRO D 300 -37.86 -3.94 -25.92
CA PRO D 300 -37.54 -2.84 -25.01
C PRO D 300 -37.08 -3.39 -23.68
N SER D 301 -36.17 -2.64 -23.04
CA SER D 301 -35.53 -3.10 -21.82
C SER D 301 -35.31 -1.95 -20.86
N HIS D 302 -35.42 -2.25 -19.56
CA HIS D 302 -35.13 -1.33 -18.47
C HIS D 302 -33.89 -1.76 -17.68
N SER D 303 -33.08 -2.67 -18.21
CA SER D 303 -31.92 -3.25 -17.53
C SER D 303 -30.65 -2.77 -18.24
N ASN D 304 -29.55 -3.53 -18.09
CA ASN D 304 -28.32 -3.28 -18.84
C ASN D 304 -28.09 -4.37 -19.90
N PHE D 305 -29.17 -4.86 -20.51
CA PHE D 305 -29.10 -5.87 -21.56
C PHE D 305 -30.33 -5.74 -22.45
N ILE D 306 -30.17 -6.22 -23.68
CA ILE D 306 -31.26 -6.24 -24.66
C ILE D 306 -31.41 -7.66 -25.19
N LEU D 307 -32.63 -8.19 -25.08
CA LEU D 307 -32.95 -9.50 -25.63
C LEU D 307 -33.35 -9.38 -27.09
N CYS D 308 -32.85 -10.30 -27.91
CA CYS D 308 -33.20 -10.37 -29.32
C CYS D 308 -33.78 -11.74 -29.65
N GLU D 309 -34.96 -11.77 -30.24
CA GLU D 309 -35.46 -12.99 -30.85
C GLU D 309 -34.76 -13.19 -32.19
N VAL D 310 -34.24 -14.40 -32.42
CA VAL D 310 -33.60 -14.75 -33.68
C VAL D 310 -34.66 -15.34 -34.59
N THR D 311 -34.69 -14.90 -35.85
CA THR D 311 -35.62 -15.47 -36.82
C THR D 311 -35.53 -16.99 -36.84
N SER D 312 -36.69 -17.64 -37.02
CA SER D 312 -36.78 -19.07 -36.77
C SER D 312 -35.86 -19.90 -37.68
N GLY D 313 -35.56 -19.41 -38.88
CA GLY D 313 -34.71 -20.16 -39.79
C GLY D 313 -33.22 -20.08 -39.50
N VAL D 314 -32.81 -19.21 -38.58
CA VAL D 314 -31.40 -19.01 -38.26
C VAL D 314 -31.10 -19.73 -36.96
N ASP D 315 -29.90 -20.33 -36.89
CA ASP D 315 -29.47 -21.10 -35.73
C ASP D 315 -28.94 -20.11 -34.69
N PRO D 316 -29.63 -19.92 -33.56
CA PRO D 316 -29.14 -18.96 -32.56
C PRO D 316 -27.85 -19.41 -31.89
N LYS D 317 -27.68 -20.72 -31.68
CA LYS D 317 -26.45 -21.22 -31.09
C LYS D 317 -25.27 -20.95 -32.02
N LYS D 318 -25.44 -21.20 -33.32
CA LYS D 318 -24.36 -20.94 -34.27
C LYS D 318 -24.07 -19.44 -34.39
N LEU D 319 -25.11 -18.61 -34.34
CA LEU D 319 -24.88 -17.17 -34.35
C LEU D 319 -23.98 -16.77 -33.18
N LYS D 320 -24.31 -17.23 -31.98
CA LYS D 320 -23.49 -16.92 -30.82
C LYS D 320 -22.06 -17.43 -31.00
N GLU D 321 -21.92 -18.67 -31.50
CA GLU D 321 -20.58 -19.26 -31.60
C GLU D 321 -19.77 -18.59 -32.70
N ASP D 322 -20.42 -18.16 -33.78
CA ASP D 322 -19.71 -17.45 -34.84
C ASP D 322 -19.21 -16.10 -34.34
N LEU D 323 -20.01 -15.38 -33.55
CA LEU D 323 -19.54 -14.12 -32.99
C LEU D 323 -18.39 -14.35 -32.03
N ALA D 324 -18.44 -15.44 -31.24
CA ALA D 324 -17.34 -15.75 -30.33
C ALA D 324 -16.03 -15.96 -31.09
N GLU D 325 -16.08 -16.62 -32.24
CA GLU D 325 -14.86 -16.81 -33.03
C GLU D 325 -14.28 -15.48 -33.49
N MET D 326 -15.11 -14.46 -33.64
CA MET D 326 -14.62 -13.13 -33.98
C MET D 326 -14.24 -12.31 -32.76
N GLY D 327 -14.36 -12.88 -31.57
CA GLY D 327 -13.95 -12.20 -30.37
C GLY D 327 -15.02 -11.45 -29.61
N VAL D 328 -16.31 -11.69 -29.88
CA VAL D 328 -17.40 -11.01 -29.20
C VAL D 328 -18.30 -12.05 -28.55
N MET D 329 -18.53 -11.91 -27.23
CA MET D 329 -19.35 -12.86 -26.47
C MET D 329 -20.73 -12.29 -26.21
N ILE D 330 -21.76 -13.00 -26.64
CA ILE D 330 -23.14 -12.73 -26.23
C ILE D 330 -23.71 -14.00 -25.60
N ARG D 331 -24.87 -13.86 -24.94
CA ARG D 331 -25.44 -14.96 -24.14
C ARG D 331 -26.42 -15.80 -24.95
N HIS D 332 -26.28 -17.12 -24.85
CA HIS D 332 -27.33 -18.03 -25.30
C HIS D 332 -27.49 -19.12 -24.25
N TYR D 333 -28.74 -19.46 -23.91
CA TYR D 333 -29.02 -20.50 -22.93
C TYR D 333 -29.80 -21.61 -23.63
N SER D 334 -29.40 -22.86 -23.38
CA SER D 334 -30.02 -24.01 -24.02
C SER D 334 -31.04 -24.61 -23.06
N ASN D 335 -32.23 -24.01 -23.03
CA ASN D 335 -33.41 -24.62 -22.45
C ASN D 335 -34.59 -24.29 -23.34
N LYS D 336 -35.70 -24.97 -23.10
CA LYS D 336 -36.83 -24.90 -24.02
C LYS D 336 -37.35 -23.48 -24.18
N GLU D 337 -37.42 -22.72 -23.08
CA GLU D 337 -38.06 -21.42 -23.14
C GLU D 337 -37.15 -20.34 -23.69
N LEU D 338 -35.83 -20.54 -23.66
CA LEU D 338 -34.89 -19.48 -23.99
C LEU D 338 -34.07 -19.74 -25.25
N LYS D 339 -34.12 -20.96 -25.81
CA LYS D 339 -33.20 -21.33 -26.87
C LYS D 339 -33.36 -20.46 -28.12
N GLY D 340 -34.50 -19.84 -28.32
CA GLY D 340 -34.70 -19.00 -29.49
C GLY D 340 -34.19 -17.58 -29.41
N TYR D 341 -33.60 -17.18 -28.28
CA TYR D 341 -33.14 -15.81 -28.13
C TYR D 341 -31.62 -15.76 -28.03
N VAL D 342 -31.07 -14.56 -28.26
CA VAL D 342 -29.74 -14.20 -27.74
C VAL D 342 -29.88 -12.90 -26.95
N ARG D 343 -29.07 -12.77 -25.92
CA ARG D 343 -29.12 -11.61 -25.02
C ARG D 343 -27.79 -10.87 -25.09
N VAL D 344 -27.86 -9.58 -25.40
CA VAL D 344 -26.70 -8.73 -25.60
C VAL D 344 -26.60 -7.77 -24.43
N SER D 345 -25.54 -7.90 -23.63
CA SER D 345 -25.33 -6.94 -22.56
C SER D 345 -24.85 -5.60 -23.11
N VAL D 346 -25.15 -4.53 -22.37
CA VAL D 346 -24.72 -3.20 -22.75
C VAL D 346 -23.31 -2.95 -22.23
N GLY D 347 -22.40 -2.56 -23.12
CA GLY D 347 -21.04 -2.24 -22.74
C GLY D 347 -20.68 -0.80 -23.02
N LYS D 348 -19.40 -0.57 -23.28
CA LYS D 348 -18.92 0.73 -23.71
C LYS D 348 -19.33 0.94 -25.17
N PRO D 349 -19.39 2.20 -25.62
CA PRO D 349 -19.72 2.43 -27.04
C PRO D 349 -18.81 1.65 -27.98
N GLU D 350 -17.52 1.54 -27.66
CA GLU D 350 -16.60 0.79 -28.54
C GLU D 350 -16.96 -0.70 -28.60
N HIS D 351 -17.59 -1.22 -27.55
CA HIS D 351 -17.99 -2.62 -27.53
C HIS D 351 -19.16 -2.85 -28.48
N THR D 352 -20.16 -1.98 -28.42
CA THR D 352 -21.23 -2.02 -29.40
C THR D 352 -20.69 -1.95 -30.82
N ASP D 353 -19.72 -1.07 -31.06
CA ASP D 353 -19.18 -0.93 -32.40
C ASP D 353 -18.56 -2.23 -32.90
N VAL D 354 -17.78 -2.91 -32.05
CA VAL D 354 -17.20 -4.20 -32.43
C VAL D 354 -18.30 -5.20 -32.72
N LEU D 355 -19.30 -5.28 -31.84
CA LEU D 355 -20.40 -6.21 -32.03
C LEU D 355 -21.05 -6.02 -33.39
N MET D 356 -21.37 -4.79 -33.74
CA MET D 356 -22.09 -4.54 -34.98
C MET D 356 -21.22 -4.88 -36.19
N ASN D 357 -19.94 -4.55 -36.13
CA ASN D 357 -19.04 -4.91 -37.22
CA ASN D 357 -19.04 -4.92 -37.21
C ASN D 357 -18.98 -6.43 -37.39
N CYS D 358 -18.91 -7.17 -36.27
CA CYS D 358 -18.88 -8.62 -36.36
C CYS D 358 -20.22 -9.17 -36.86
N ILE D 359 -21.33 -8.57 -36.44
CA ILE D 359 -22.62 -8.99 -36.96
C ILE D 359 -22.65 -8.83 -38.47
N SER D 360 -22.08 -7.73 -38.98
CA SER D 360 -22.11 -7.48 -40.42
C SER D 360 -21.29 -8.49 -41.19
N ARG D 361 -20.30 -9.13 -40.57
CA ARG D 361 -19.45 -10.10 -41.22
C ARG D 361 -19.98 -11.52 -41.11
N LEU D 362 -21.14 -11.72 -40.51
CA LEU D 362 -21.72 -13.06 -40.42
C LEU D 362 -22.19 -13.53 -41.79
S SO4 E . 44.12 3.36 16.03
O1 SO4 E . 45.48 3.60 15.57
O2 SO4 E . 43.37 4.61 15.97
O3 SO4 E . 44.16 2.89 17.41
O4 SO4 E . 43.49 2.36 15.18
C1 EDO F . 35.66 -9.33 2.24
O1 EDO F . 35.18 -10.58 1.75
C2 EDO F . 37.11 -9.09 1.86
O2 EDO F . 37.36 -9.50 0.50
C1 EDO G . 40.05 -1.94 -11.26
O1 EDO G . 38.96 -1.90 -12.18
C2 EDO G . 41.23 -1.10 -11.74
O2 EDO G . 40.99 0.29 -11.53
C1 EDO H . 25.62 9.75 19.62
O1 EDO H . 26.54 10.85 19.68
C2 EDO H . 24.29 10.23 19.05
O2 EDO H . 24.45 10.73 17.71
C1 EDO I . 42.14 6.67 23.07
O1 EDO I . 42.14 5.26 22.85
C2 EDO I . 43.57 7.22 22.98
O2 EDO I . 44.01 7.29 21.61
C1 EDO J . 40.93 5.19 5.14
O1 EDO J . 41.37 6.02 6.23
C2 EDO J . 41.98 4.12 4.87
O2 EDO J . 41.54 3.24 3.83
C1 EDO K . 17.32 12.70 -1.98
O1 EDO K . 18.43 12.30 -2.78
C2 EDO K . 17.23 11.69 -0.85
O2 EDO K . 16.38 12.22 0.16
S SO4 L . 26.34 13.88 16.88
O1 SO4 L . 26.52 14.20 15.47
O2 SO4 L . 26.85 14.95 17.72
O3 SO4 L . 27.05 12.65 17.19
O4 SO4 L . 24.91 13.68 17.14
C1 EDO M . 38.01 12.45 3.39
O1 EDO M . 38.73 12.30 4.63
C2 EDO M . 38.43 11.33 2.43
O2 EDO M . 39.88 11.29 2.35
C1 EDO N . 10.29 8.09 0.14
O1 EDO N . 9.18 7.23 0.44
C2 EDO N . 10.72 8.07 -1.34
O2 EDO N . 10.89 6.73 -1.80
S SO4 O . 27.64 14.32 7.40
O1 SO4 O . 28.03 15.68 7.83
O2 SO4 O . 28.53 13.86 6.32
O3 SO4 O . 27.75 13.39 8.53
O4 SO4 O . 26.23 14.32 6.93
S SO4 P . 20.26 13.45 21.44
O1 SO4 P . 20.87 14.05 22.61
O2 SO4 P . 21.28 12.86 20.58
O3 SO4 P . 19.33 12.41 21.84
O4 SO4 P . 19.54 14.48 20.68
NA NA Q . 38.58 8.78 36.18
C1 EDO R . -0.66 28.66 -13.41
O1 EDO R . -0.25 27.29 -13.55
C2 EDO R . -0.17 29.49 -14.60
O2 EDO R . -0.84 29.10 -15.83
C1 EDO S . 9.21 21.94 -18.33
O1 EDO S . 10.48 22.53 -18.61
C2 EDO S . 9.48 20.57 -17.70
O2 EDO S . 10.11 20.76 -16.45
C1 EDO T . 14.75 23.78 -40.86
O1 EDO T . 15.91 24.12 -41.63
C2 EDO T . 15.17 22.91 -39.68
O2 EDO T . 16.33 23.47 -39.08
S SO4 U . 13.56 22.61 -16.01
O1 SO4 U . 14.60 23.00 -16.97
O2 SO4 U . 13.82 23.18 -14.69
O3 SO4 U . 13.50 21.16 -15.80
O4 SO4 U . 12.26 23.09 -16.49
S SO4 V . 15.57 25.13 -7.28
O1 SO4 V . 15.29 26.16 -6.30
O2 SO4 V . 16.87 25.42 -7.93
O3 SO4 V . 15.62 23.81 -6.60
O4 SO4 V . 14.53 25.13 -8.31
S SO4 W . 2.62 18.90 20.74
O1 SO4 W . 3.28 20.21 20.66
O2 SO4 W . 3.63 17.88 21.04
O3 SO4 W . 1.98 18.58 19.46
O4 SO4 W . 1.62 18.94 21.81
NA NA X . 7.04 32.33 -36.21
C1 EDO Y . -23.32 -24.53 -2.20
O1 EDO Y . -22.37 -24.89 -3.23
C2 EDO Y . -23.29 -25.52 -1.06
O2 EDO Y . -24.22 -25.13 -0.03
C1 EDO Z . -15.78 -26.06 18.58
O1 EDO Z . -15.58 -25.81 17.18
C2 EDO Z . -14.51 -26.64 19.22
O2 EDO Z . -13.51 -25.62 19.31
S SO4 AA . -0.69 -46.17 12.21
O1 SO4 AA . -0.01 -46.08 13.50
O2 SO4 AA . -0.99 -44.83 11.71
O3 SO4 AA . -1.94 -46.91 12.38
O4 SO4 AA . 0.15 -46.86 11.25
C1 EDO BA . -2.39 -24.14 2.53
O1 EDO BA . -1.68 -24.69 3.64
C2 EDO BA . -3.23 -25.16 1.84
O2 EDO BA . -2.38 -25.88 0.97
C1 EDO CA . 2.21 -29.88 22.03
O1 EDO CA . 2.30 -31.30 21.89
C2 EDO CA . 3.58 -29.25 21.84
O2 EDO CA . 4.04 -29.40 20.48
C1 EDO DA . -5.64 -43.09 17.79
O1 EDO DA . -6.30 -42.80 16.54
C2 EDO DA . -4.19 -42.64 17.71
O2 EDO DA . -4.07 -41.23 17.53
S SO4 EA . -13.75 -22.53 16.52
O1 SO4 EA . -13.48 -22.34 15.10
O2 SO4 EA . -13.08 -21.48 17.28
O3 SO4 EA . -13.24 -23.84 16.91
O4 SO4 EA . -15.17 -22.51 16.79
S SO4 FA . -12.76 -22.54 6.57
O1 SO4 FA . -12.33 -21.18 7.01
O2 SO4 FA . -11.89 -23.00 5.47
O3 SO4 FA . -12.61 -23.47 7.72
O4 SO4 FA . -14.17 -22.61 6.17
S SO4 GA . -19.55 -22.63 22.27
O1 SO4 GA . -18.68 -22.81 23.42
O2 SO4 GA . -19.69 -21.21 22.03
O3 SO4 GA . -20.85 -23.21 22.58
O4 SO4 GA . -18.98 -23.28 21.10
S SO4 HA . -2.76 -2.52 30.64
S SO4 HA . -0.20 -2.99 28.01
O1 SO4 HA . -2.29 -1.69 31.75
O1 SO4 HA . 0.96 -2.14 28.23
O2 SO4 HA . -1.62 -3.02 29.87
O2 SO4 HA . -0.74 -2.75 26.67
O3 SO4 HA . -3.62 -1.72 29.78
O3 SO4 HA . -1.22 -2.68 29.01
O4 SO4 HA . -3.52 -3.65 31.18
O4 SO4 HA . 0.18 -4.40 28.14
S SO4 IA . -20.16 -25.12 -11.85
O1 SO4 IA . -19.43 -25.58 -13.02
O2 SO4 IA . -19.31 -24.22 -11.06
O3 SO4 IA . -20.55 -26.26 -11.03
O4 SO4 IA . -21.36 -24.40 -12.28
S SO4 JA . 4.10 -33.10 15.03
O1 SO4 JA . 5.42 -33.68 14.80
O2 SO4 JA . 4.05 -31.74 14.48
O3 SO4 JA . 3.86 -33.06 16.47
O4 SO4 JA . 3.09 -33.94 14.39
NA NA KA . -0.34 -27.34 34.85
C1 EDO LA . -25.48 -1.35 -6.05
O1 EDO LA . -26.10 -0.65 -7.14
C2 EDO LA . -26.47 -1.71 -4.97
O2 EDO LA . -26.88 -0.52 -4.27
C1 EDO MA . -30.26 -16.28 -22.60
O1 EDO MA . -30.28 -14.97 -22.00
C2 EDO MA . -31.03 -16.30 -23.91
O2 EDO MA . -30.94 -17.61 -24.53
C1 EDO NA . -34.22 -0.23 -24.86
O1 EDO NA . -35.52 0.03 -24.36
C2 EDO NA . -33.54 1.08 -25.24
O2 EDO NA . -32.95 1.67 -24.08
C1 EDO OA . -31.71 -16.32 -18.02
O1 EDO OA . -30.87 -16.78 -16.96
C2 EDO OA . -30.92 -15.77 -19.21
O2 EDO OA . -29.91 -16.72 -19.56
C1 EDO PA . -28.88 -10.52 14.41
O1 EDO PA . -29.72 -9.69 15.20
C2 EDO PA . -27.84 -9.66 13.71
O2 EDO PA . -27.06 -8.96 14.68
C1 EDO QA . -33.33 3.23 -6.10
O1 EDO QA . -34.62 3.03 -5.52
C2 EDO QA . -32.87 1.96 -6.81
O2 EDO QA . -32.38 2.30 -8.10
C1 EDO RA . -41.68 -8.48 -14.11
O1 EDO RA . -41.42 -9.89 -13.99
C2 EDO RA . -41.33 -7.98 -15.51
O2 EDO RA . -42.32 -8.38 -16.47
S SO4 SA . -25.27 -12.25 -8.03
O1 SO4 SA . -24.01 -12.02 -8.66
O2 SO4 SA . -25.45 -11.16 -7.12
O3 SO4 SA . -25.24 -13.50 -7.34
O4 SO4 SA . -26.34 -12.31 -9.02
S SO4 TA . -27.51 -15.05 -16.52
O1 SO4 TA . -26.53 -14.66 -17.53
O2 SO4 TA . -27.24 -14.43 -15.23
O3 SO4 TA . -27.50 -16.50 -16.35
O4 SO4 TA . -28.85 -14.66 -16.96
S SO4 UA . -36.35 3.34 -17.80
O1 SO4 UA . -36.71 4.75 -17.62
O2 SO4 UA . -34.89 3.18 -17.73
O3 SO4 UA . -36.82 2.91 -19.11
O4 SO4 UA . -36.99 2.55 -16.75
NA NA VA . -34.57 -6.32 -36.71
#